data_2MDZ
#
_entry.id   2MDZ
#
_entity_poly.entity_id   1
_entity_poly.type   'polypeptide(L)'
_entity_poly.pdbx_seq_one_letter_code
;MTTFDDRERAHEAKFAHDAELNFKAEARRNRLLGEWAAGLLGKTGDDARAYALTVVTSDFDEPGDEDVFRKLAADLEGKA
DEETIRAKMVELRATAREQIISEI
;
_entity_poly.pdbx_strand_id   A
#
# COMPACT_ATOMS: atom_id res chain seq x y z
N MET A 1 -33.13 -4.74 -0.35
CA MET A 1 -33.38 -6.20 -0.39
C MET A 1 -32.14 -7.02 -0.04
N THR A 2 -30.92 -6.49 -0.15
CA THR A 2 -29.73 -7.32 -0.08
C THR A 2 -29.36 -7.68 1.35
N THR A 3 -28.78 -8.85 1.53
CA THR A 3 -28.18 -9.28 2.79
C THR A 3 -26.76 -8.70 2.88
N PHE A 4 -26.65 -7.42 3.24
CA PHE A 4 -25.41 -6.85 3.79
C PHE A 4 -25.75 -5.54 4.51
N ASP A 5 -24.81 -5.12 5.36
CA ASP A 5 -24.68 -3.83 6.01
C ASP A 5 -23.28 -3.87 6.63
N ASP A 6 -22.38 -2.92 6.31
CA ASP A 6 -20.98 -2.95 6.79
C ASP A 6 -20.62 -1.71 7.62
N ARG A 7 -21.34 -0.58 7.47
CA ARG A 7 -21.39 0.53 8.44
C ARG A 7 -20.04 1.19 8.74
N GLU A 8 -19.96 1.97 9.82
CA GLU A 8 -18.71 2.47 10.38
C GLU A 8 -17.82 1.29 10.81
N ARG A 9 -16.53 1.54 11.05
CA ARG A 9 -15.65 0.56 11.73
C ARG A 9 -15.67 0.81 13.23
N ALA A 10 -15.21 -0.17 14.02
CA ALA A 10 -15.17 -0.14 15.47
C ALA A 10 -14.05 -1.05 15.99
N HIS A 11 -12.77 -0.64 15.89
CA HIS A 11 -11.59 -1.46 16.24
C HIS A 11 -11.28 -1.62 17.74
N GLU A 12 -12.22 -1.29 18.63
CA GLU A 12 -12.09 -1.38 20.09
C GLU A 12 -11.48 -2.70 20.55
N ALA A 13 -10.21 -2.66 21.00
CA ALA A 13 -9.31 -3.77 21.34
C ALA A 13 -9.11 -4.84 20.24
N LYS A 14 -9.82 -4.75 19.11
CA LYS A 14 -9.94 -5.77 18.07
C LYS A 14 -8.62 -6.20 17.46
N PHE A 15 -7.61 -5.32 17.47
CA PHE A 15 -6.30 -5.61 16.91
C PHE A 15 -5.55 -6.75 17.60
N ALA A 16 -6.03 -7.25 18.75
CA ALA A 16 -5.48 -8.40 19.42
C ALA A 16 -6.59 -9.36 19.82
N HIS A 17 -7.59 -9.54 18.96
CA HIS A 17 -8.59 -10.59 19.13
C HIS A 17 -9.00 -11.03 17.72
N ASP A 18 -9.62 -10.13 16.98
CA ASP A 18 -10.24 -10.33 15.68
C ASP A 18 -9.19 -10.65 14.61
N ALA A 19 -9.60 -11.29 13.51
CA ALA A 19 -8.79 -11.33 12.29
C ALA A 19 -9.16 -10.13 11.43
N GLU A 20 -10.43 -9.96 11.04
CA GLU A 20 -10.81 -9.09 9.92
C GLU A 20 -10.18 -7.69 10.01
N LEU A 21 -10.32 -7.01 11.15
CA LEU A 21 -9.78 -5.65 11.29
C LEU A 21 -8.27 -5.62 11.48
N ASN A 22 -7.70 -6.69 12.03
CA ASN A 22 -6.28 -6.88 12.20
C ASN A 22 -5.65 -6.98 10.81
N PHE A 23 -6.20 -7.86 9.95
CA PHE A 23 -5.70 -8.28 8.64
C PHE A 23 -5.22 -7.09 7.81
N LYS A 24 -6.03 -6.03 7.71
CA LYS A 24 -5.65 -4.85 6.94
C LYS A 24 -4.30 -4.29 7.37
N ALA A 25 -4.10 -4.05 8.67
CA ALA A 25 -2.85 -3.55 9.23
C ALA A 25 -1.77 -4.62 9.34
N GLU A 26 -2.17 -5.86 9.56
CA GLU A 26 -1.32 -7.04 9.63
C GLU A 26 -0.46 -7.09 8.35
N ALA A 27 -1.08 -6.79 7.20
CA ALA A 27 -0.39 -6.76 5.91
C ALA A 27 0.03 -5.33 5.59
N ARG A 28 -0.86 -4.53 4.98
CA ARG A 28 -0.80 -3.11 4.54
C ARG A 28 0.41 -2.65 3.74
N ARG A 29 1.56 -3.30 3.86
CA ARG A 29 2.89 -2.90 3.40
C ARG A 29 2.93 -2.41 1.96
N ASN A 30 2.14 -3.03 1.09
CA ASN A 30 2.13 -2.76 -0.34
C ASN A 30 0.87 -1.99 -0.73
N ARG A 31 -0.18 -2.02 0.10
CA ARG A 31 -1.48 -1.40 -0.16
C ARG A 31 -1.33 0.11 -0.32
N LEU A 32 -0.38 0.69 0.39
CA LEU A 32 -0.16 2.12 0.42
C LEU A 32 0.80 2.61 -0.66
N LEU A 33 1.43 1.72 -1.44
CA LEU A 33 2.51 2.07 -2.36
C LEU A 33 2.02 2.64 -3.69
N GLY A 34 0.83 2.27 -4.15
CA GLY A 34 0.21 2.95 -5.28
C GLY A 34 -0.21 4.35 -4.85
N GLU A 35 -0.64 4.53 -3.59
CA GLU A 35 -0.99 5.85 -3.05
C GLU A 35 0.21 6.79 -2.97
N TRP A 36 1.45 6.26 -3.00
CA TRP A 36 2.69 7.01 -3.20
C TRP A 36 2.84 7.35 -4.69
N ALA A 37 3.02 6.33 -5.54
CA ALA A 37 3.27 6.51 -6.96
C ALA A 37 2.22 7.38 -7.66
N ALA A 38 0.95 7.33 -7.20
CA ALA A 38 -0.17 8.07 -7.75
C ALA A 38 0.21 9.53 -7.98
N GLY A 39 0.53 10.24 -6.89
CA GLY A 39 0.88 11.65 -6.94
C GLY A 39 2.03 11.89 -7.89
N LEU A 40 3.08 11.07 -7.84
CA LEU A 40 4.28 11.22 -8.66
C LEU A 40 3.96 11.08 -10.16
N LEU A 41 3.02 10.20 -10.50
CA LEU A 41 2.52 9.97 -11.86
C LEU A 41 1.43 10.98 -12.26
N GLY A 42 1.09 11.94 -11.40
CA GLY A 42 0.12 13.00 -11.66
C GLY A 42 -1.33 12.58 -11.41
N LYS A 43 -1.55 11.44 -10.76
CA LYS A 43 -2.87 10.88 -10.48
C LYS A 43 -3.37 11.47 -9.17
N THR A 44 -4.61 11.93 -9.16
CA THR A 44 -5.28 12.55 -8.02
C THR A 44 -6.73 12.06 -8.01
N GLY A 45 -7.46 12.30 -6.93
CA GLY A 45 -8.87 11.96 -6.85
C GLY A 45 -9.10 10.48 -7.14
N ASP A 46 -10.10 10.15 -7.97
CA ASP A 46 -10.37 8.76 -8.31
C ASP A 46 -9.25 8.16 -9.15
N ASP A 47 -8.53 8.98 -9.91
CA ASP A 47 -7.38 8.57 -10.71
C ASP A 47 -6.29 7.99 -9.81
N ALA A 48 -6.13 8.57 -8.61
CA ALA A 48 -5.22 8.03 -7.60
C ALA A 48 -5.86 6.79 -6.97
N ARG A 49 -7.13 6.89 -6.56
CA ARG A 49 -7.76 5.86 -5.74
C ARG A 49 -7.78 4.53 -6.50
N ALA A 50 -8.22 4.56 -7.76
CA ALA A 50 -8.37 3.39 -8.60
C ALA A 50 -7.00 2.80 -8.93
N TYR A 51 -6.01 3.63 -9.24
CA TYR A 51 -4.64 3.18 -9.48
C TYR A 51 -4.11 2.45 -8.23
N ALA A 52 -4.30 3.01 -7.04
CA ALA A 52 -3.86 2.39 -5.80
C ALA A 52 -4.45 0.99 -5.63
N LEU A 53 -5.70 0.81 -6.07
CA LEU A 53 -6.43 -0.45 -6.01
C LEU A 53 -5.96 -1.46 -7.06
N THR A 54 -4.85 -1.23 -7.76
CA THR A 54 -4.18 -2.20 -8.61
C THR A 54 -2.65 -2.23 -8.35
N VAL A 55 -2.20 -2.00 -7.11
CA VAL A 55 -0.78 -2.05 -6.73
C VAL A 55 -0.64 -2.90 -5.45
N VAL A 56 -0.52 -4.24 -5.58
CA VAL A 56 -0.18 -5.16 -4.48
C VAL A 56 0.54 -6.38 -5.05
N THR A 57 1.76 -6.66 -4.60
CA THR A 57 2.41 -7.96 -4.73
C THR A 57 3.37 -8.25 -3.56
N SER A 58 4.09 -7.23 -3.06
CA SER A 58 5.11 -7.34 -1.99
C SER A 58 6.42 -7.98 -2.47
N ASP A 59 6.86 -7.60 -3.66
CA ASP A 59 8.09 -8.05 -4.34
C ASP A 59 9.37 -7.58 -3.61
N PHE A 60 10.54 -7.94 -4.15
CA PHE A 60 11.85 -7.36 -3.86
C PHE A 60 12.26 -7.69 -2.42
N ASP A 61 12.36 -8.99 -2.12
CA ASP A 61 13.02 -9.49 -0.92
C ASP A 61 13.88 -10.70 -1.29
N GLU A 62 15.21 -10.52 -1.24
CA GLU A 62 16.27 -11.40 -1.72
C GLU A 62 16.23 -11.55 -3.27
N PRO A 63 17.37 -11.68 -3.99
CA PRO A 63 17.33 -11.76 -5.46
C PRO A 63 16.74 -13.10 -5.93
N GLY A 64 15.77 -13.07 -6.83
CA GLY A 64 15.22 -14.25 -7.47
C GLY A 64 13.96 -13.98 -8.29
N ASP A 65 13.34 -12.81 -8.18
CA ASP A 65 12.13 -12.46 -8.94
C ASP A 65 12.28 -11.08 -9.56
N GLU A 66 12.17 -10.01 -8.77
CA GLU A 66 12.43 -8.63 -9.15
C GLU A 66 11.73 -8.22 -10.45
N ASP A 67 10.45 -7.84 -10.34
CA ASP A 67 9.69 -7.24 -11.44
C ASP A 67 9.23 -5.83 -11.05
N VAL A 68 8.76 -5.59 -9.82
CA VAL A 68 8.16 -4.31 -9.44
C VAL A 68 9.14 -3.15 -9.67
N PHE A 69 10.40 -3.33 -9.29
CA PHE A 69 11.47 -2.36 -9.53
C PHE A 69 11.58 -2.08 -11.02
N ARG A 70 11.72 -3.13 -11.81
CA ARG A 70 11.81 -3.10 -13.26
C ARG A 70 10.63 -2.35 -13.89
N LYS A 71 9.41 -2.57 -13.40
CA LYS A 71 8.23 -1.91 -13.94
C LYS A 71 8.19 -0.47 -13.47
N LEU A 72 8.40 -0.19 -12.18
CA LEU A 72 8.37 1.16 -11.64
C LEU A 72 9.41 2.03 -12.32
N ALA A 73 10.63 1.55 -12.53
CA ALA A 73 11.66 2.39 -13.13
C ALA A 73 11.32 2.79 -14.58
N ALA A 74 10.40 2.07 -15.23
CA ALA A 74 9.82 2.43 -16.51
C ALA A 74 8.59 3.34 -16.30
N ASP A 75 7.62 2.94 -15.49
CA ASP A 75 6.36 3.68 -15.30
C ASP A 75 6.66 5.08 -14.77
N LEU A 76 7.50 5.13 -13.74
CA LEU A 76 7.93 6.27 -12.93
C LEU A 76 9.20 6.92 -13.49
N GLU A 77 9.55 6.62 -14.75
CA GLU A 77 10.74 7.11 -15.43
C GLU A 77 10.75 8.64 -15.42
N GLY A 78 11.68 9.22 -14.63
CA GLY A 78 11.87 10.64 -14.47
C GLY A 78 11.46 11.14 -13.08
N LYS A 79 10.91 10.26 -12.23
CA LYS A 79 10.30 10.60 -10.93
C LYS A 79 10.76 9.69 -9.79
N ALA A 80 11.54 8.64 -10.08
CA ALA A 80 12.21 7.86 -9.07
C ALA A 80 13.55 7.35 -9.58
N ASP A 81 14.59 7.57 -8.78
CA ASP A 81 15.90 6.93 -8.88
C ASP A 81 15.72 5.45 -8.53
N GLU A 82 16.68 4.62 -8.92
CA GLU A 82 16.67 3.21 -8.56
C GLU A 82 16.65 3.08 -7.03
N GLU A 83 17.51 3.87 -6.38
CA GLU A 83 17.62 3.90 -4.93
C GLU A 83 16.41 4.52 -4.26
N THR A 84 15.71 5.43 -4.93
CA THR A 84 14.48 6.03 -4.44
C THR A 84 13.36 4.99 -4.40
N ILE A 85 13.29 4.03 -5.35
CA ILE A 85 12.38 2.90 -5.20
C ILE A 85 12.91 2.00 -4.08
N ARG A 86 14.12 1.46 -4.24
CA ARG A 86 14.61 0.34 -3.42
C ARG A 86 14.83 0.69 -1.96
N ALA A 87 14.93 1.97 -1.60
CA ALA A 87 15.09 2.39 -0.22
C ALA A 87 13.73 2.66 0.42
N LYS A 88 12.74 3.12 -0.35
CA LYS A 88 11.45 3.54 0.22
C LYS A 88 10.74 2.37 0.86
N MET A 89 10.30 1.40 0.06
CA MET A 89 9.29 0.45 0.55
C MET A 89 9.79 -0.46 1.67
N VAL A 90 11.10 -0.49 1.85
CA VAL A 90 11.80 -1.03 3.00
C VAL A 90 11.18 -0.57 4.33
N GLU A 91 10.90 0.73 4.52
CA GLU A 91 10.51 1.26 5.83
C GLU A 91 9.01 1.04 6.11
N LEU A 92 8.20 0.85 5.06
CA LEU A 92 6.76 0.86 5.06
C LEU A 92 6.20 -0.30 5.86
N ARG A 93 7.06 -1.22 6.29
CA ARG A 93 6.72 -2.23 7.26
C ARG A 93 6.13 -1.58 8.53
N ALA A 94 6.72 -0.48 8.99
CA ALA A 94 6.22 0.30 10.11
C ALA A 94 5.03 1.16 9.66
N THR A 95 5.20 1.96 8.59
CA THR A 95 4.17 2.88 8.09
C THR A 95 2.82 2.15 7.84
N ALA A 96 2.85 0.87 7.51
CA ALA A 96 1.69 0.02 7.29
C ALA A 96 0.71 -0.01 8.46
N ARG A 97 1.20 -0.27 9.68
CA ARG A 97 0.34 -0.29 10.88
C ARG A 97 -0.01 1.12 11.29
N GLU A 98 0.97 2.02 11.21
CA GLU A 98 0.87 3.44 11.50
C GLU A 98 -0.32 4.08 10.80
N GLN A 99 -0.42 3.96 9.47
CA GLN A 99 -1.48 4.64 8.71
C GLN A 99 -2.88 4.14 9.08
N ILE A 100 -3.03 2.91 9.57
CA ILE A 100 -4.32 2.39 10.00
C ILE A 100 -4.68 2.98 11.37
N ILE A 101 -3.71 3.00 12.29
CA ILE A 101 -3.86 3.54 13.64
C ILE A 101 -3.95 5.07 13.61
N SER A 102 -3.68 5.67 12.46
CA SER A 102 -3.90 7.08 12.18
C SER A 102 -5.34 7.26 11.68
N GLU A 103 -5.72 6.55 10.62
CA GLU A 103 -6.95 6.76 9.87
C GLU A 103 -7.94 5.68 10.33
N ILE A 104 -8.21 5.63 11.63
CA ILE A 104 -9.00 4.57 12.26
C ILE A 104 -10.42 4.62 11.70
N MET A 1 -18.95 -18.24 20.23
CA MET A 1 -19.51 -17.26 19.28
C MET A 1 -18.86 -17.53 17.92
N THR A 2 -18.93 -16.61 16.95
CA THR A 2 -18.34 -16.80 15.64
C THR A 2 -17.90 -15.43 15.09
N THR A 3 -17.14 -15.43 14.02
CA THR A 3 -16.70 -14.26 13.25
C THR A 3 -17.27 -14.44 11.84
N PHE A 4 -18.60 -14.42 11.75
CA PHE A 4 -19.35 -14.58 10.51
C PHE A 4 -19.60 -13.22 9.83
N ASP A 5 -18.94 -12.16 10.31
CA ASP A 5 -19.14 -10.80 9.81
C ASP A 5 -18.51 -10.64 8.42
N ASP A 6 -18.71 -9.48 7.81
CA ASP A 6 -18.20 -9.10 6.51
C ASP A 6 -17.50 -7.73 6.51
N ARG A 7 -17.50 -7.01 7.64
CA ARG A 7 -17.09 -5.61 7.69
C ARG A 7 -16.49 -5.19 9.03
N GLU A 8 -16.20 -3.90 9.20
CA GLU A 8 -15.77 -3.37 10.49
C GLU A 8 -16.92 -3.44 11.49
N ARG A 9 -16.57 -3.64 12.75
CA ARG A 9 -17.50 -3.66 13.88
C ARG A 9 -16.96 -2.72 14.95
N ALA A 10 -15.81 -3.06 15.54
CA ALA A 10 -15.47 -2.58 16.87
C ALA A 10 -14.04 -2.13 17.06
N HIS A 11 -13.18 -2.23 16.02
CA HIS A 11 -11.85 -1.61 15.96
C HIS A 11 -11.01 -1.83 17.25
N GLU A 12 -9.91 -1.10 17.44
CA GLU A 12 -9.04 -1.13 18.62
C GLU A 12 -8.70 -2.55 19.11
N ALA A 13 -7.61 -3.08 18.58
CA ALA A 13 -7.17 -4.48 18.61
C ALA A 13 -8.13 -5.50 17.96
N LYS A 14 -9.30 -5.08 17.48
CA LYS A 14 -10.01 -5.88 16.47
C LYS A 14 -9.20 -6.06 15.21
N PHE A 15 -8.12 -5.31 14.98
CA PHE A 15 -7.12 -5.66 13.98
C PHE A 15 -6.68 -7.12 14.10
N ALA A 16 -6.49 -7.64 15.32
CA ALA A 16 -6.19 -9.05 15.53
C ALA A 16 -7.46 -9.89 15.52
N HIS A 17 -8.51 -9.39 16.16
CA HIS A 17 -9.71 -10.16 16.48
C HIS A 17 -10.59 -10.45 15.26
N ASP A 18 -10.80 -9.44 14.39
CA ASP A 18 -11.67 -9.47 13.21
C ASP A 18 -10.76 -9.18 12.04
N ALA A 19 -10.47 -10.22 11.27
CA ALA A 19 -9.49 -10.16 10.19
C ALA A 19 -9.89 -9.20 9.07
N GLU A 20 -11.16 -8.77 9.01
CA GLU A 20 -11.64 -7.78 8.05
C GLU A 20 -10.93 -6.44 8.28
N LEU A 21 -10.65 -6.08 9.55
CA LEU A 21 -9.88 -4.90 9.90
C LEU A 21 -8.41 -5.06 9.51
N ASN A 22 -7.86 -6.27 9.69
CA ASN A 22 -6.52 -6.57 9.21
C ASN A 22 -6.45 -6.37 7.70
N PHE A 23 -7.39 -6.97 6.96
CA PHE A 23 -7.49 -6.93 5.50
C PHE A 23 -7.46 -5.50 5.02
N LYS A 24 -8.39 -4.67 5.51
CA LYS A 24 -8.52 -3.26 5.15
C LYS A 24 -7.17 -2.55 5.14
N ALA A 25 -6.39 -2.72 6.20
CA ALA A 25 -5.09 -2.09 6.33
C ALA A 25 -4.01 -2.78 5.51
N GLU A 26 -4.00 -4.10 5.44
CA GLU A 26 -3.02 -4.84 4.66
C GLU A 26 -3.24 -4.58 3.16
N ALA A 27 -4.43 -4.11 2.80
CA ALA A 27 -4.82 -3.61 1.48
C ALA A 27 -4.58 -2.10 1.34
N ARG A 28 -3.81 -1.45 2.23
CA ARG A 28 -3.40 -0.04 2.08
C ARG A 28 -1.91 0.09 1.76
N ARG A 29 -1.03 -0.81 2.21
CA ARG A 29 0.43 -0.60 2.10
C ARG A 29 0.97 -0.37 0.69
N ASN A 30 0.21 -0.66 -0.36
CA ASN A 30 0.60 -0.53 -1.77
C ASN A 30 -0.36 0.40 -2.52
N ARG A 31 -1.54 0.71 -1.96
CA ARG A 31 -2.51 1.61 -2.62
C ARG A 31 -1.98 3.04 -2.70
N LEU A 32 -1.04 3.39 -1.83
CA LEU A 32 -0.54 4.74 -1.64
C LEU A 32 0.87 4.97 -2.20
N LEU A 33 1.62 3.92 -2.54
CA LEU A 33 2.98 3.98 -3.10
C LEU A 33 3.10 4.94 -4.28
N GLY A 34 2.06 5.08 -5.09
CA GLY A 34 2.08 5.96 -6.24
C GLY A 34 2.26 7.43 -5.86
N GLU A 35 1.91 7.87 -4.66
CA GLU A 35 2.01 9.28 -4.27
C GLU A 35 3.45 9.78 -4.25
N TRP A 36 4.35 8.86 -3.93
CA TRP A 36 5.79 9.06 -3.93
C TRP A 36 6.23 9.33 -5.37
N ALA A 37 6.23 8.30 -6.21
CA ALA A 37 6.68 8.36 -7.59
C ALA A 37 5.85 9.29 -8.48
N ALA A 38 4.64 9.68 -8.08
CA ALA A 38 3.85 10.67 -8.79
C ALA A 38 4.67 11.93 -8.98
N GLY A 39 5.15 12.54 -7.89
CA GLY A 39 5.95 13.76 -7.95
C GLY A 39 7.22 13.55 -8.78
N LEU A 40 7.86 12.38 -8.67
CA LEU A 40 9.05 12.06 -9.45
C LEU A 40 8.76 12.09 -10.95
N LEU A 41 7.59 11.61 -11.35
CA LEU A 41 7.05 11.59 -12.71
C LEU A 41 6.26 12.86 -13.07
N GLY A 42 6.22 13.88 -12.19
CA GLY A 42 5.57 15.15 -12.40
C GLY A 42 4.04 15.10 -12.30
N LYS A 43 3.45 14.00 -11.86
CA LYS A 43 2.02 13.88 -11.59
C LYS A 43 1.79 14.38 -10.17
N THR A 44 0.74 15.15 -9.94
CA THR A 44 0.27 15.48 -8.59
C THR A 44 -1.26 15.42 -8.57
N GLY A 45 -1.87 15.74 -7.43
CA GLY A 45 -3.30 15.84 -7.26
C GLY A 45 -4.07 14.66 -7.84
N ASP A 46 -4.91 14.96 -8.83
CA ASP A 46 -5.85 14.04 -9.45
C ASP A 46 -5.20 13.17 -10.53
N ASP A 47 -4.01 13.53 -11.02
CA ASP A 47 -3.18 12.70 -11.88
C ASP A 47 -2.51 11.63 -11.03
N ALA A 48 -1.92 12.07 -9.93
CA ALA A 48 -1.31 11.21 -8.95
C ALA A 48 -2.36 10.23 -8.45
N ARG A 49 -3.59 10.68 -8.19
CA ARG A 49 -4.70 9.84 -7.85
C ARG A 49 -4.90 8.71 -8.85
N ALA A 50 -4.90 9.01 -10.15
CA ALA A 50 -5.13 8.01 -11.19
C ALA A 50 -3.98 7.00 -11.22
N TYR A 51 -2.74 7.49 -11.25
CA TYR A 51 -1.55 6.66 -11.18
C TYR A 51 -1.61 5.72 -9.98
N ALA A 52 -2.01 6.22 -8.81
CA ALA A 52 -2.01 5.47 -7.57
C ALA A 52 -2.84 4.20 -7.66
N LEU A 53 -3.88 4.17 -8.48
CA LEU A 53 -4.81 3.05 -8.59
C LEU A 53 -4.22 1.89 -9.37
N THR A 54 -3.01 2.03 -9.92
CA THR A 54 -2.31 1.02 -10.68
C THR A 54 -0.85 0.91 -10.20
N VAL A 55 -0.64 0.81 -8.89
CA VAL A 55 0.69 0.56 -8.30
C VAL A 55 0.64 -0.64 -7.33
N VAL A 56 -0.43 -1.44 -7.32
CA VAL A 56 -0.59 -2.65 -6.51
C VAL A 56 0.24 -3.82 -7.05
N THR A 57 1.54 -3.58 -7.25
CA THR A 57 2.51 -4.55 -7.71
C THR A 57 2.92 -5.45 -6.54
N SER A 58 1.95 -6.17 -5.96
CA SER A 58 2.26 -7.22 -4.99
C SER A 58 2.92 -6.61 -3.75
N ASP A 59 3.76 -7.37 -3.05
CA ASP A 59 4.73 -6.81 -2.12
C ASP A 59 6.07 -7.47 -2.38
N PHE A 60 7.16 -6.94 -1.80
CA PHE A 60 8.43 -7.65 -1.78
C PHE A 60 8.40 -8.91 -0.90
N ASP A 61 7.36 -9.11 -0.09
CA ASP A 61 7.10 -10.34 0.64
C ASP A 61 6.43 -11.36 -0.29
N GLU A 62 7.05 -11.64 -1.44
CA GLU A 62 6.60 -12.57 -2.46
C GLU A 62 7.79 -13.39 -3.00
N PRO A 63 7.54 -14.51 -3.70
CA PRO A 63 8.58 -15.41 -4.20
C PRO A 63 9.14 -14.89 -5.52
N GLY A 64 9.75 -13.71 -5.51
CA GLY A 64 10.17 -13.05 -6.74
C GLY A 64 10.58 -11.62 -6.45
N ASP A 65 11.61 -11.48 -5.61
CA ASP A 65 12.28 -10.24 -5.26
C ASP A 65 13.07 -9.74 -6.48
N GLU A 66 12.34 -9.26 -7.48
CA GLU A 66 12.79 -8.54 -8.67
C GLU A 66 11.55 -7.88 -9.26
N ASP A 67 10.54 -8.68 -9.61
CA ASP A 67 9.39 -8.22 -10.38
C ASP A 67 8.57 -7.16 -9.64
N VAL A 68 8.59 -7.18 -8.31
CA VAL A 68 7.97 -6.16 -7.48
C VAL A 68 8.57 -4.78 -7.80
N PHE A 69 9.89 -4.66 -7.95
CA PHE A 69 10.50 -3.36 -8.24
C PHE A 69 10.27 -3.00 -9.70
N ARG A 70 10.21 -4.00 -10.59
CA ARG A 70 10.15 -3.84 -12.03
C ARG A 70 9.05 -2.87 -12.45
N LYS A 71 7.81 -3.04 -11.97
CA LYS A 71 6.69 -2.26 -12.50
C LYS A 71 6.76 -0.80 -12.06
N LEU A 72 7.46 -0.50 -10.95
CA LEU A 72 7.80 0.85 -10.58
C LEU A 72 8.93 1.33 -11.49
N ALA A 73 10.08 0.67 -11.45
CA ALA A 73 11.29 1.10 -12.16
C ALA A 73 11.07 1.32 -13.66
N ALA A 74 10.24 0.48 -14.31
CA ALA A 74 9.93 0.61 -15.73
C ALA A 74 9.27 1.94 -16.04
N ASP A 75 8.38 2.41 -15.16
CA ASP A 75 7.73 3.72 -15.28
C ASP A 75 8.75 4.80 -14.90
N LEU A 76 9.28 4.66 -13.69
CA LEU A 76 10.09 5.55 -12.87
C LEU A 76 11.57 5.60 -13.29
N GLU A 77 11.87 5.16 -14.51
CA GLU A 77 13.19 5.01 -15.09
C GLU A 77 13.96 6.33 -14.98
N GLY A 78 15.12 6.25 -14.34
CA GLY A 78 16.07 7.33 -14.10
C GLY A 78 16.00 7.88 -12.67
N LYS A 79 14.94 7.60 -11.91
CA LYS A 79 14.57 8.43 -10.76
C LYS A 79 14.41 7.68 -9.44
N ALA A 80 14.50 6.34 -9.42
CA ALA A 80 14.55 5.59 -8.16
C ALA A 80 15.26 4.27 -8.39
N ASP A 81 16.28 4.00 -7.57
CA ASP A 81 17.10 2.80 -7.63
C ASP A 81 16.32 1.59 -7.13
N GLU A 82 16.79 0.38 -7.43
CA GLU A 82 16.28 -0.87 -6.87
C GLU A 82 16.15 -0.77 -5.35
N GLU A 83 17.28 -0.49 -4.68
CA GLU A 83 17.35 -0.47 -3.23
C GLU A 83 16.56 0.72 -2.64
N THR A 84 16.30 1.75 -3.43
CA THR A 84 15.50 2.91 -3.07
C THR A 84 14.01 2.59 -3.19
N ILE A 85 13.59 1.86 -4.22
CA ILE A 85 12.23 1.36 -4.40
C ILE A 85 11.90 0.47 -3.21
N ARG A 86 12.71 -0.56 -2.97
CA ARG A 86 12.41 -1.53 -1.91
C ARG A 86 12.26 -0.83 -0.57
N ALA A 87 13.20 0.05 -0.24
CA ALA A 87 13.20 0.79 1.01
C ALA A 87 11.93 1.64 1.15
N LYS A 88 11.49 2.32 0.09
CA LYS A 88 10.33 3.20 0.21
C LYS A 88 9.07 2.40 0.51
N MET A 89 8.88 1.23 -0.12
CA MET A 89 7.61 0.53 0.08
C MET A 89 7.49 -0.08 1.48
N VAL A 90 8.61 -0.48 2.08
CA VAL A 90 8.68 -0.83 3.50
C VAL A 90 8.05 0.30 4.32
N GLU A 91 8.41 1.55 4.03
CA GLU A 91 8.20 2.71 4.88
C GLU A 91 6.76 2.85 5.38
N LEU A 92 5.75 2.69 4.50
CA LEU A 92 4.34 2.92 4.83
C LEU A 92 3.71 1.81 5.68
N ARG A 93 4.49 0.88 6.26
CA ARG A 93 4.00 -0.24 7.07
C ARG A 93 3.02 0.24 8.15
N ALA A 94 3.42 1.22 8.97
CA ALA A 94 2.56 1.84 9.98
C ALA A 94 1.38 2.53 9.31
N THR A 95 1.65 3.36 8.31
CA THR A 95 0.68 4.22 7.62
C THR A 95 -0.53 3.40 7.20
N ALA A 96 -0.29 2.23 6.62
CA ALA A 96 -1.31 1.34 6.11
C ALA A 96 -2.36 0.99 7.17
N ARG A 97 -1.97 0.75 8.42
CA ARG A 97 -2.93 0.57 9.50
C ARG A 97 -3.43 1.89 10.05
N GLU A 98 -2.57 2.90 10.21
CA GLU A 98 -2.94 4.20 10.74
C GLU A 98 -4.13 4.78 9.97
N GLN A 99 -4.17 4.65 8.64
CA GLN A 99 -5.27 5.18 7.84
C GLN A 99 -6.62 4.63 8.28
N ILE A 100 -6.73 3.32 8.43
CA ILE A 100 -7.98 2.64 8.75
C ILE A 100 -8.41 2.99 10.17
N ILE A 101 -7.46 3.00 11.11
CA ILE A 101 -7.72 3.37 12.49
C ILE A 101 -8.08 4.87 12.55
N SER A 102 -7.72 5.64 11.54
CA SER A 102 -8.03 7.06 11.43
C SER A 102 -9.37 7.30 10.72
N GLU A 103 -10.03 6.27 10.17
CA GLU A 103 -11.21 6.37 9.32
C GLU A 103 -12.35 5.56 9.96
N ILE A 104 -12.40 5.57 11.30
CA ILE A 104 -13.50 4.98 12.06
C ILE A 104 -14.78 5.63 11.59
N MET A 1 -4.95 -16.01 0.60
CA MET A 1 -5.39 -14.60 0.48
C MET A 1 -6.86 -14.49 0.82
N THR A 2 -7.18 -14.52 2.12
CA THR A 2 -8.55 -14.48 2.59
C THR A 2 -9.05 -13.03 2.36
N THR A 3 -10.36 -12.78 2.31
CA THR A 3 -10.90 -11.45 2.04
C THR A 3 -12.35 -11.36 2.52
N PHE A 4 -12.77 -10.18 2.95
CA PHE A 4 -14.14 -9.82 3.25
C PHE A 4 -14.37 -8.35 2.90
N ASP A 5 -15.62 -7.91 3.07
CA ASP A 5 -16.00 -6.51 3.20
C ASP A 5 -15.29 -5.87 4.39
N ASP A 6 -15.44 -4.55 4.52
CA ASP A 6 -14.99 -3.79 5.68
C ASP A 6 -16.18 -3.13 6.38
N ARG A 7 -15.95 -2.69 7.62
CA ARG A 7 -17.00 -2.29 8.55
C ARG A 7 -16.53 -1.07 9.32
N GLU A 8 -17.13 0.09 9.05
CA GLU A 8 -16.80 1.35 9.70
C GLU A 8 -17.16 1.39 11.19
N ARG A 9 -18.00 0.49 11.68
CA ARG A 9 -18.47 0.53 13.07
C ARG A 9 -17.70 -0.46 13.93
N ALA A 10 -17.91 -0.43 15.24
CA ALA A 10 -17.18 -1.19 16.25
C ALA A 10 -15.67 -1.03 16.08
N HIS A 11 -15.19 0.17 16.39
CA HIS A 11 -13.81 0.62 16.31
C HIS A 11 -13.39 1.13 17.70
N GLU A 12 -12.27 1.86 17.78
CA GLU A 12 -11.75 2.54 18.97
C GLU A 12 -11.37 1.53 20.05
N ALA A 13 -10.09 1.18 20.06
CA ALA A 13 -9.46 0.06 20.76
C ALA A 13 -10.05 -1.32 20.39
N LYS A 14 -11.03 -1.38 19.49
CA LYS A 14 -11.68 -2.63 19.09
C LYS A 14 -10.75 -3.58 18.35
N PHE A 15 -9.61 -3.11 17.83
CA PHE A 15 -8.56 -3.91 17.23
C PHE A 15 -8.10 -5.11 18.06
N ALA A 16 -8.21 -5.03 19.38
CA ALA A 16 -7.83 -6.12 20.27
C ALA A 16 -8.77 -7.33 20.15
N HIS A 17 -9.93 -7.15 19.52
CA HIS A 17 -11.08 -8.02 19.57
C HIS A 17 -11.55 -8.26 18.14
N ASP A 18 -11.97 -9.50 17.83
CA ASP A 18 -12.07 -10.03 16.46
C ASP A 18 -10.67 -10.01 15.81
N ALA A 19 -10.57 -10.38 14.53
CA ALA A 19 -9.39 -10.08 13.72
C ALA A 19 -9.74 -9.23 12.51
N GLU A 20 -11.01 -9.16 12.10
CA GLU A 20 -11.43 -8.53 10.85
C GLU A 20 -11.00 -7.07 10.82
N LEU A 21 -11.15 -6.37 11.94
CA LEU A 21 -10.89 -4.94 12.05
C LEU A 21 -9.37 -4.72 12.00
N ASN A 22 -8.61 -5.51 12.77
CA ASN A 22 -7.15 -5.46 12.83
C ASN A 22 -6.51 -5.77 11.47
N PHE A 23 -7.00 -6.79 10.77
CA PHE A 23 -6.46 -7.24 9.48
C PHE A 23 -6.51 -6.11 8.45
N LYS A 24 -7.55 -5.27 8.48
CA LYS A 24 -7.71 -4.13 7.56
C LYS A 24 -6.49 -3.21 7.60
N ALA A 25 -5.78 -3.13 8.73
CA ALA A 25 -4.57 -2.33 8.91
C ALA A 25 -3.37 -2.95 8.23
N GLU A 26 -3.06 -4.21 8.52
CA GLU A 26 -1.97 -4.91 7.82
C GLU A 26 -2.24 -4.89 6.30
N ALA A 27 -3.52 -4.92 5.91
CA ALA A 27 -3.96 -4.87 4.52
C ALA A 27 -3.85 -3.47 3.91
N ARG A 28 -3.23 -2.50 4.60
CA ARG A 28 -2.82 -1.23 4.01
C ARG A 28 -1.43 -1.32 3.39
N ARG A 29 -0.55 -2.25 3.81
CA ARG A 29 0.88 -1.98 3.76
C ARG A 29 1.47 -1.88 2.35
N ASN A 30 0.81 -2.47 1.35
CA ASN A 30 1.16 -2.27 -0.06
C ASN A 30 0.09 -1.46 -0.80
N ARG A 31 -1.10 -1.23 -0.23
CA ARG A 31 -2.14 -0.35 -0.75
C ARG A 31 -1.63 1.09 -0.80
N LEU A 32 -1.16 1.61 0.33
CA LEU A 32 -0.79 3.02 0.46
C LEU A 32 0.42 3.42 -0.40
N LEU A 33 1.11 2.44 -0.98
CA LEU A 33 2.17 2.57 -1.95
C LEU A 33 1.71 3.37 -3.18
N GLY A 34 0.43 3.29 -3.55
CA GLY A 34 -0.10 4.08 -4.65
C GLY A 34 -0.04 5.59 -4.38
N GLU A 35 -0.17 6.02 -3.12
CA GLU A 35 -0.15 7.44 -2.78
C GLU A 35 1.25 8.04 -2.99
N TRP A 36 2.31 7.22 -2.90
CA TRP A 36 3.68 7.60 -3.21
C TRP A 36 3.82 7.83 -4.71
N ALA A 37 3.65 6.78 -5.51
CA ALA A 37 3.86 6.84 -6.95
C ALA A 37 3.03 7.94 -7.61
N ALA A 38 1.77 8.14 -7.21
CA ALA A 38 0.86 9.13 -7.77
C ALA A 38 1.52 10.50 -7.95
N GLY A 39 2.00 11.13 -6.86
CA GLY A 39 2.56 12.48 -6.92
C GLY A 39 3.82 12.55 -7.79
N LEU A 40 4.60 11.47 -7.85
CA LEU A 40 5.78 11.36 -8.70
C LEU A 40 5.37 11.34 -10.18
N LEU A 41 4.31 10.60 -10.49
CA LEU A 41 3.59 10.62 -11.77
C LEU A 41 2.82 11.92 -12.03
N GLY A 42 2.85 12.83 -11.08
CA GLY A 42 2.18 14.12 -11.13
C GLY A 42 0.66 14.04 -10.91
N LYS A 43 0.10 12.86 -10.64
CA LYS A 43 -1.29 12.70 -10.24
C LYS A 43 -1.39 13.14 -8.77
N THR A 44 -2.32 14.02 -8.46
CA THR A 44 -2.52 14.54 -7.11
C THR A 44 -4.02 14.53 -6.78
N GLY A 45 -4.38 14.69 -5.51
CA GLY A 45 -5.76 14.77 -5.07
C GLY A 45 -6.58 13.56 -5.52
N ASP A 46 -7.73 13.82 -6.12
CA ASP A 46 -8.66 12.81 -6.61
C ASP A 46 -8.00 11.92 -7.67
N ASP A 47 -7.15 12.50 -8.52
CA ASP A 47 -6.41 11.77 -9.55
C ASP A 47 -5.46 10.75 -8.92
N ALA A 48 -4.84 11.11 -7.79
CA ALA A 48 -3.95 10.24 -7.05
C ALA A 48 -4.75 9.14 -6.36
N ARG A 49 -5.87 9.51 -5.75
CA ARG A 49 -6.66 8.60 -4.94
C ARG A 49 -7.23 7.50 -5.85
N ALA A 50 -7.79 7.90 -6.98
CA ALA A 50 -8.40 7.02 -7.96
C ALA A 50 -7.38 6.06 -8.56
N TYR A 51 -6.15 6.51 -8.78
CA TYR A 51 -5.05 5.65 -9.22
C TYR A 51 -4.70 4.62 -8.15
N ALA A 52 -4.60 5.04 -6.89
CA ALA A 52 -4.15 4.18 -5.80
C ALA A 52 -5.15 3.07 -5.42
N LEU A 53 -6.41 3.14 -5.86
CA LEU A 53 -7.46 2.17 -5.50
C LEU A 53 -7.09 0.74 -5.88
N THR A 54 -6.16 0.54 -6.82
CA THR A 54 -5.88 -0.73 -7.46
C THR A 54 -4.35 -0.98 -7.55
N VAL A 55 -3.60 -0.47 -6.57
CA VAL A 55 -2.17 -0.64 -6.43
C VAL A 55 -1.94 -1.47 -5.18
N VAL A 56 -1.70 -2.78 -5.34
CA VAL A 56 -1.15 -3.65 -4.30
C VAL A 56 -0.50 -4.84 -5.02
N THR A 57 0.70 -5.23 -4.58
CA THR A 57 1.47 -6.41 -4.99
C THR A 57 2.80 -6.33 -4.23
N SER A 58 3.48 -7.44 -4.01
CA SER A 58 4.87 -7.45 -3.54
C SER A 58 5.49 -8.80 -3.85
N ASP A 59 6.57 -8.83 -4.62
CA ASP A 59 7.48 -9.97 -4.71
C ASP A 59 8.91 -9.48 -4.59
N PHE A 60 9.86 -10.38 -4.40
CA PHE A 60 11.30 -10.15 -4.44
C PHE A 60 11.98 -11.51 -4.63
N ASP A 61 13.32 -11.56 -4.50
CA ASP A 61 14.17 -12.74 -4.68
C ASP A 61 14.31 -13.05 -6.17
N GLU A 62 14.65 -14.28 -6.56
CA GLU A 62 14.77 -14.75 -7.95
C GLU A 62 15.91 -14.08 -8.75
N PRO A 63 16.28 -14.64 -9.93
CA PRO A 63 17.33 -14.12 -10.79
C PRO A 63 16.84 -13.01 -11.74
N GLY A 64 15.59 -12.57 -11.66
CA GLY A 64 15.03 -11.55 -12.55
C GLY A 64 15.37 -10.14 -12.08
N ASP A 65 15.10 -9.16 -12.95
CA ASP A 65 15.21 -7.73 -12.64
C ASP A 65 13.90 -7.25 -12.01
N GLU A 66 12.81 -7.35 -12.77
CA GLU A 66 11.84 -6.27 -12.84
C GLU A 66 10.40 -6.77 -12.69
N ASP A 67 9.88 -7.58 -13.62
CA ASP A 67 8.71 -8.45 -13.53
C ASP A 67 7.46 -7.84 -12.84
N VAL A 68 7.40 -7.92 -11.50
CA VAL A 68 6.39 -7.34 -10.63
C VAL A 68 6.56 -5.81 -10.62
N PHE A 69 7.74 -5.31 -10.24
CA PHE A 69 8.06 -3.89 -10.17
C PHE A 69 8.00 -3.22 -11.53
N ARG A 70 8.05 -3.96 -12.64
CA ARG A 70 8.16 -3.40 -13.99
C ARG A 70 7.21 -2.22 -14.22
N LYS A 71 5.94 -2.36 -13.83
CA LYS A 71 4.89 -1.36 -14.08
C LYS A 71 4.95 -0.18 -13.10
N LEU A 72 5.88 -0.17 -12.15
CA LEU A 72 6.24 0.95 -11.31
C LEU A 72 7.57 1.52 -11.80
N ALA A 73 8.60 0.69 -11.91
CA ALA A 73 9.98 1.07 -12.18
C ALA A 73 10.10 1.94 -13.42
N ALA A 74 9.57 1.45 -14.55
CA ALA A 74 9.66 2.16 -15.81
C ALA A 74 8.67 3.33 -15.88
N ASP A 75 7.65 3.34 -15.03
CA ASP A 75 6.71 4.45 -14.91
C ASP A 75 7.45 5.61 -14.23
N LEU A 76 8.09 5.30 -13.11
CA LEU A 76 8.95 6.14 -12.28
C LEU A 76 10.35 6.23 -12.88
N GLU A 77 10.43 6.42 -14.21
CA GLU A 77 11.66 6.60 -14.96
C GLU A 77 12.50 7.72 -14.34
N GLY A 78 13.56 7.35 -13.63
CA GLY A 78 14.42 8.31 -12.94
C GLY A 78 13.75 9.01 -11.75
N LYS A 79 12.61 8.51 -11.26
CA LYS A 79 11.89 9.05 -10.10
C LYS A 79 11.90 8.08 -8.92
N ALA A 80 12.30 6.83 -9.11
CA ALA A 80 12.63 5.89 -8.04
C ALA A 80 13.73 4.96 -8.53
N ASP A 81 14.70 4.68 -7.66
CA ASP A 81 15.80 3.76 -7.87
C ASP A 81 15.32 2.32 -7.68
N GLU A 82 16.06 1.35 -8.18
CA GLU A 82 15.77 -0.07 -7.98
C GLU A 82 15.79 -0.41 -6.49
N GLU A 83 16.80 0.06 -5.75
CA GLU A 83 16.90 -0.21 -4.31
C GLU A 83 15.88 0.63 -3.53
N THR A 84 15.30 1.66 -4.13
CA THR A 84 14.21 2.40 -3.54
C THR A 84 12.92 1.57 -3.62
N ILE A 85 12.70 0.75 -4.65
CA ILE A 85 11.51 -0.09 -4.74
C ILE A 85 11.46 -1.00 -3.52
N ARG A 86 12.50 -1.84 -3.36
CA ARG A 86 12.60 -2.80 -2.26
C ARG A 86 12.43 -2.08 -0.94
N ALA A 87 13.00 -0.88 -0.81
CA ALA A 87 12.96 -0.14 0.43
C ALA A 87 11.53 0.31 0.73
N LYS A 88 10.81 0.85 -0.26
CA LYS A 88 9.60 1.63 -0.01
C LYS A 88 8.43 0.77 0.46
N MET A 89 8.27 -0.44 -0.07
CA MET A 89 7.21 -1.35 0.40
C MET A 89 7.45 -1.84 1.85
N VAL A 90 8.54 -1.43 2.50
CA VAL A 90 8.94 -1.82 3.85
C VAL A 90 9.04 -0.57 4.75
N GLU A 91 9.36 0.59 4.16
CA GLU A 91 9.42 1.89 4.83
C GLU A 91 8.07 2.17 5.49
N LEU A 92 6.98 1.99 4.76
CA LEU A 92 5.62 2.29 5.23
C LEU A 92 5.04 1.22 6.20
N ARG A 93 5.81 0.20 6.59
CA ARG A 93 5.26 -0.99 7.26
C ARG A 93 4.68 -0.70 8.66
N ALA A 94 5.06 0.40 9.31
CA ALA A 94 4.41 0.84 10.55
C ALA A 94 3.22 1.75 10.22
N THR A 95 3.39 2.72 9.31
CA THR A 95 2.35 3.62 8.86
C THR A 95 1.10 2.82 8.43
N ALA A 96 1.28 1.65 7.83
CA ALA A 96 0.20 0.75 7.45
C ALA A 96 -0.84 0.55 8.56
N ARG A 97 -0.39 0.24 9.79
CA ARG A 97 -1.34 0.03 10.89
C ARG A 97 -1.82 1.36 11.46
N GLU A 98 -0.92 2.35 11.55
CA GLU A 98 -1.21 3.66 12.07
C GLU A 98 -2.36 4.31 11.30
N GLN A 99 -2.44 4.12 9.97
CA GLN A 99 -3.46 4.78 9.16
C GLN A 99 -4.87 4.49 9.62
N ILE A 100 -5.19 3.28 10.10
CA ILE A 100 -6.54 2.99 10.61
C ILE A 100 -6.70 3.70 11.95
N ILE A 101 -5.70 3.53 12.82
CA ILE A 101 -5.65 4.06 14.19
C ILE A 101 -5.71 5.59 14.18
N SER A 102 -5.50 6.22 13.02
CA SER A 102 -5.48 7.67 12.83
C SER A 102 -6.56 8.14 11.84
N GLU A 103 -7.49 7.28 11.43
CA GLU A 103 -8.63 7.63 10.58
C GLU A 103 -9.95 7.28 11.30
N ILE A 104 -9.93 7.19 12.63
CA ILE A 104 -10.99 6.69 13.53
C ILE A 104 -12.34 7.24 13.13
N MET A 1 -19.38 -10.78 8.72
CA MET A 1 -19.96 -12.09 8.41
C MET A 1 -21.47 -12.06 8.17
N THR A 2 -22.20 -10.97 8.49
CA THR A 2 -23.60 -11.08 8.86
C THR A 2 -24.50 -10.32 7.88
N THR A 3 -24.40 -10.69 6.61
CA THR A 3 -25.03 -10.10 5.41
C THR A 3 -24.84 -8.58 5.19
N PHE A 4 -24.47 -7.81 6.22
CA PHE A 4 -24.18 -6.39 6.22
C PHE A 4 -22.96 -6.16 7.12
N ASP A 5 -22.38 -4.96 7.07
CA ASP A 5 -21.15 -4.56 7.76
C ASP A 5 -21.45 -3.30 8.57
N ASP A 6 -21.99 -2.30 7.88
CA ASP A 6 -22.56 -1.06 8.41
C ASP A 6 -21.57 -0.39 9.37
N ARG A 7 -22.03 0.47 10.28
CA ARG A 7 -21.19 1.03 11.32
C ARG A 7 -21.14 0.10 12.54
N GLU A 8 -21.22 -1.21 12.30
CA GLU A 8 -21.27 -2.24 13.34
C GLU A 8 -19.91 -2.95 13.51
N ARG A 9 -18.94 -2.72 12.62
CA ARG A 9 -17.54 -3.04 12.89
C ARG A 9 -16.98 -2.17 14.01
N ALA A 10 -15.86 -2.65 14.57
CA ALA A 10 -15.13 -1.96 15.63
C ALA A 10 -13.64 -2.30 15.60
N HIS A 11 -13.00 -2.09 14.45
CA HIS A 11 -11.61 -2.45 14.17
C HIS A 11 -10.55 -1.60 14.91
N GLU A 12 -10.89 -0.99 16.05
CA GLU A 12 -9.92 -0.32 16.90
C GLU A 12 -9.22 -1.36 17.77
N ALA A 13 -9.80 -1.71 18.92
CA ALA A 13 -9.18 -2.62 19.88
C ALA A 13 -9.19 -4.08 19.43
N LYS A 14 -10.00 -4.40 18.41
CA LYS A 14 -10.13 -5.74 17.86
C LYS A 14 -8.85 -6.27 17.23
N PHE A 15 -7.82 -5.45 17.00
CA PHE A 15 -6.58 -5.91 16.39
C PHE A 15 -5.84 -6.96 17.24
N ALA A 16 -6.17 -7.08 18.51
CA ALA A 16 -5.65 -8.13 19.38
C ALA A 16 -6.58 -9.36 19.43
N HIS A 17 -7.49 -9.49 18.47
CA HIS A 17 -8.53 -10.52 18.41
C HIS A 17 -8.77 -10.98 16.95
N ASP A 18 -9.27 -10.09 16.08
CA ASP A 18 -9.80 -10.44 14.77
C ASP A 18 -8.70 -10.49 13.72
N ALA A 19 -8.58 -11.64 13.05
CA ALA A 19 -7.61 -11.89 11.99
C ALA A 19 -7.93 -11.05 10.75
N GLU A 20 -9.23 -10.83 10.48
CA GLU A 20 -9.70 -10.13 9.28
C GLU A 20 -9.13 -8.70 9.21
N LEU A 21 -8.77 -8.12 10.36
CA LEU A 21 -8.23 -6.77 10.48
C LEU A 21 -6.72 -6.81 10.22
N ASN A 22 -6.03 -7.77 10.84
CA ASN A 22 -4.59 -8.03 10.67
C ASN A 22 -4.27 -8.12 9.18
N PHE A 23 -5.04 -8.95 8.48
CA PHE A 23 -4.86 -9.20 7.05
C PHE A 23 -5.03 -7.92 6.23
N LYS A 24 -6.08 -7.13 6.48
CA LYS A 24 -6.36 -5.94 5.72
C LYS A 24 -5.26 -4.90 5.96
N ALA A 25 -4.79 -4.79 7.19
CA ALA A 25 -3.71 -3.85 7.51
C ALA A 25 -2.43 -4.19 6.78
N GLU A 26 -2.06 -5.46 6.74
CA GLU A 26 -0.93 -5.92 5.96
C GLU A 26 -1.07 -5.49 4.50
N ALA A 27 -2.30 -5.52 3.98
CA ALA A 27 -2.60 -5.22 2.60
C ALA A 27 -2.62 -3.72 2.29
N ARG A 28 -2.33 -2.84 3.26
CA ARG A 28 -2.02 -1.45 2.95
C ARG A 28 -0.57 -1.30 2.50
N ARG A 29 0.32 -2.26 2.79
CA ARG A 29 1.75 -2.10 2.60
C ARG A 29 2.17 -1.64 1.20
N ASN A 30 1.55 -2.19 0.15
CA ASN A 30 1.93 -1.83 -1.22
C ASN A 30 1.04 -0.72 -1.78
N ARG A 31 -0.23 -0.65 -1.37
CA ARG A 31 -1.23 0.33 -1.84
C ARG A 31 -0.64 1.73 -1.90
N LEU A 32 -0.05 2.17 -0.78
CA LEU A 32 0.37 3.54 -0.57
C LEU A 32 1.64 3.95 -1.30
N LEU A 33 2.29 2.98 -1.97
CA LEU A 33 3.42 3.14 -2.88
C LEU A 33 2.95 3.79 -4.19
N GLY A 34 1.71 3.52 -4.61
CA GLY A 34 1.10 4.17 -5.77
C GLY A 34 1.08 5.68 -5.57
N GLU A 35 0.61 6.13 -4.40
CA GLU A 35 0.32 7.52 -4.09
C GLU A 35 1.56 8.40 -4.13
N TRP A 36 2.74 7.85 -3.81
CA TRP A 36 4.02 8.53 -3.98
C TRP A 36 4.22 8.77 -5.48
N ALA A 37 4.48 7.70 -6.23
CA ALA A 37 4.82 7.72 -7.64
C ALA A 37 3.82 8.53 -8.48
N ALA A 38 2.53 8.55 -8.12
CA ALA A 38 1.53 9.37 -8.76
C ALA A 38 2.03 10.81 -8.98
N GLY A 39 2.52 11.45 -7.93
CA GLY A 39 3.02 12.83 -8.00
C GLY A 39 4.16 12.96 -8.99
N LEU A 40 5.09 12.00 -8.98
CA LEU A 40 6.22 11.93 -9.87
C LEU A 40 5.76 11.81 -11.31
N LEU A 41 4.78 10.94 -11.60
CA LEU A 41 4.18 10.80 -12.91
C LEU A 41 3.45 12.10 -13.31
N GLY A 42 2.98 12.85 -12.33
CA GLY A 42 2.32 14.14 -12.47
C GLY A 42 0.81 14.04 -12.29
N LYS A 43 0.34 12.97 -11.65
CA LYS A 43 -1.04 12.83 -11.20
C LYS A 43 -1.12 13.39 -9.79
N THR A 44 -2.13 14.22 -9.50
CA THR A 44 -2.48 14.59 -8.13
C THR A 44 -4.00 14.46 -7.96
N GLY A 45 -4.45 14.41 -6.71
CA GLY A 45 -5.87 14.38 -6.42
C GLY A 45 -6.46 13.04 -6.80
N ASP A 46 -7.63 13.06 -7.45
CA ASP A 46 -8.33 11.84 -7.83
C ASP A 46 -7.57 11.01 -8.86
N ASP A 47 -6.74 11.67 -9.68
CA ASP A 47 -5.85 11.03 -10.64
C ASP A 47 -4.95 10.04 -9.91
N ALA A 48 -4.32 10.53 -8.83
CA ALA A 48 -3.37 9.81 -8.01
C ALA A 48 -4.08 8.75 -7.20
N ARG A 49 -5.27 9.06 -6.68
CA ARG A 49 -6.08 8.12 -5.91
C ARG A 49 -6.42 6.92 -6.78
N ALA A 50 -6.93 7.16 -7.99
CA ALA A 50 -7.32 6.12 -8.91
C ALA A 50 -6.14 5.23 -9.28
N TYR A 51 -4.96 5.81 -9.56
CA TYR A 51 -3.72 5.09 -9.82
C TYR A 51 -3.35 4.18 -8.64
N ALA A 52 -3.57 4.62 -7.40
CA ALA A 52 -3.27 3.82 -6.22
C ALA A 52 -4.27 2.67 -6.00
N LEU A 53 -5.32 2.53 -6.81
CA LEU A 53 -6.25 1.41 -6.68
C LEU A 53 -5.76 0.16 -7.44
N THR A 54 -4.60 0.19 -8.12
CA THR A 54 -4.14 -0.90 -8.98
C THR A 54 -2.69 -1.30 -8.67
N VAL A 55 -2.28 -1.28 -7.40
CA VAL A 55 -0.90 -1.55 -6.97
C VAL A 55 -0.88 -2.51 -5.76
N VAL A 56 -0.65 -3.81 -5.97
CA VAL A 56 -0.32 -4.77 -4.90
C VAL A 56 0.38 -6.03 -5.41
N THR A 57 1.68 -6.20 -5.13
CA THR A 57 2.43 -7.40 -5.53
C THR A 57 3.55 -7.73 -4.51
N SER A 58 3.21 -7.93 -3.23
CA SER A 58 4.17 -8.15 -2.14
C SER A 58 5.08 -6.91 -1.99
N ASP A 59 6.29 -7.11 -1.45
CA ASP A 59 7.43 -6.22 -1.50
C ASP A 59 8.66 -7.04 -1.92
N PHE A 60 9.87 -6.54 -1.70
CA PHE A 60 11.10 -7.21 -2.14
C PHE A 60 11.32 -8.49 -1.34
N ASP A 61 11.19 -9.63 -2.00
CA ASP A 61 11.38 -10.97 -1.48
C ASP A 61 12.51 -11.59 -2.29
N GLU A 62 13.77 -11.46 -1.82
CA GLU A 62 15.03 -11.81 -2.49
C GLU A 62 15.25 -11.10 -3.85
N PRO A 63 16.48 -11.10 -4.40
CA PRO A 63 16.76 -10.51 -5.72
C PRO A 63 16.45 -11.53 -6.83
N GLY A 64 15.18 -11.92 -6.97
CA GLY A 64 14.73 -12.90 -7.94
C GLY A 64 13.36 -12.52 -8.47
N ASP A 65 12.38 -12.40 -7.56
CA ASP A 65 11.01 -12.03 -7.90
C ASP A 65 11.00 -10.62 -8.52
N GLU A 66 11.41 -9.63 -7.72
CA GLU A 66 11.45 -8.20 -7.98
C GLU A 66 10.16 -7.58 -8.55
N ASP A 67 9.01 -8.26 -8.48
CA ASP A 67 7.77 -7.93 -9.19
C ASP A 67 7.34 -6.48 -8.98
N VAL A 68 7.40 -5.95 -7.75
CA VAL A 68 7.11 -4.54 -7.50
C VAL A 68 8.02 -3.67 -8.38
N PHE A 69 9.33 -3.82 -8.21
CA PHE A 69 10.34 -3.06 -8.93
C PHE A 69 10.16 -3.24 -10.44
N ARG A 70 9.78 -4.45 -10.89
CA ARG A 70 9.61 -4.79 -12.30
C ARG A 70 8.57 -3.92 -12.98
N LYS A 71 7.60 -3.38 -12.24
CA LYS A 71 6.62 -2.45 -12.78
C LYS A 71 7.03 -1.02 -12.43
N LEU A 72 7.45 -0.81 -11.19
CA LEU A 72 7.77 0.50 -10.63
C LEU A 72 8.85 1.17 -11.47
N ALA A 73 9.98 0.50 -11.67
CA ALA A 73 11.12 1.00 -12.43
C ALA A 73 10.86 1.13 -13.94
N ALA A 74 9.69 0.70 -14.43
CA ALA A 74 9.24 1.04 -15.78
C ALA A 74 8.49 2.37 -15.73
N ASP A 75 7.45 2.44 -14.89
CA ASP A 75 6.60 3.62 -14.68
C ASP A 75 7.46 4.83 -14.32
N LEU A 76 8.43 4.61 -13.43
CA LEU A 76 9.18 5.62 -12.69
C LEU A 76 10.64 5.69 -13.16
N GLU A 77 10.91 5.18 -14.36
CA GLU A 77 12.18 5.28 -15.05
C GLU A 77 12.63 6.75 -15.01
N GLY A 78 13.78 7.01 -14.40
CA GLY A 78 14.41 8.32 -14.28
C GLY A 78 13.85 9.19 -13.15
N LYS A 79 12.86 8.72 -12.40
CA LYS A 79 12.13 9.49 -11.40
C LYS A 79 12.27 8.90 -9.99
N ALA A 80 13.03 7.83 -9.83
CA ALA A 80 13.47 7.27 -8.57
C ALA A 80 14.82 6.63 -8.80
N ASP A 81 15.24 5.77 -7.86
CA ASP A 81 16.53 5.12 -7.81
C ASP A 81 16.34 3.74 -7.24
N GLU A 82 17.27 2.82 -7.50
CA GLU A 82 17.14 1.45 -6.99
C GLU A 82 17.06 1.41 -5.47
N GLU A 83 17.89 2.20 -4.78
CA GLU A 83 17.84 2.26 -3.32
C GLU A 83 16.57 3.00 -2.85
N THR A 84 16.17 4.07 -3.54
CA THR A 84 14.97 4.84 -3.23
C THR A 84 13.73 3.96 -3.33
N ILE A 85 13.56 3.19 -4.40
CA ILE A 85 12.39 2.34 -4.62
C ILE A 85 12.35 1.28 -3.53
N ARG A 86 13.47 0.59 -3.29
CA ARG A 86 13.48 -0.49 -2.31
C ARG A 86 13.19 0.07 -0.92
N ALA A 87 13.74 1.23 -0.59
CA ALA A 87 13.48 1.91 0.66
C ALA A 87 12.00 2.23 0.80
N LYS A 88 11.39 2.92 -0.18
CA LYS A 88 10.00 3.34 -0.11
C LYS A 88 9.08 2.17 0.23
N MET A 89 9.12 1.10 -0.57
CA MET A 89 8.15 0.03 -0.38
C MET A 89 8.36 -0.69 0.96
N VAL A 90 9.58 -0.69 1.51
CA VAL A 90 9.86 -1.28 2.82
C VAL A 90 9.44 -0.32 3.94
N GLU A 91 9.86 0.95 3.93
CA GLU A 91 9.84 1.84 5.10
C GLU A 91 8.41 2.06 5.63
N LEU A 92 7.42 2.04 4.73
CA LEU A 92 6.02 2.28 5.02
C LEU A 92 5.35 1.08 5.71
N ARG A 93 6.08 0.00 6.01
CA ARG A 93 5.56 -1.18 6.71
C ARG A 93 4.85 -0.78 8.00
N ALA A 94 5.46 0.11 8.78
CA ALA A 94 4.85 0.66 9.99
C ALA A 94 3.50 1.33 9.67
N THR A 95 3.53 2.37 8.82
CA THR A 95 2.41 3.22 8.43
C THR A 95 1.18 2.41 8.03
N ALA A 96 1.38 1.27 7.33
CA ALA A 96 0.30 0.40 6.86
C ALA A 96 -0.71 0.01 7.95
N ARG A 97 -0.30 -0.07 9.23
CA ARG A 97 -1.21 -0.31 10.33
C ARG A 97 -2.07 0.93 10.53
N GLU A 98 -1.47 2.08 10.81
CA GLU A 98 -2.18 3.28 11.16
C GLU A 98 -3.19 3.64 10.08
N GLN A 99 -2.87 3.39 8.80
CA GLN A 99 -3.76 3.71 7.70
C GLN A 99 -5.17 3.19 7.91
N ILE A 100 -5.34 1.93 8.33
CA ILE A 100 -6.66 1.33 8.54
C ILE A 100 -7.42 2.08 9.64
N ILE A 101 -6.73 2.34 10.75
CA ILE A 101 -7.26 3.05 11.90
C ILE A 101 -7.47 4.54 11.55
N SER A 102 -6.93 4.99 10.41
CA SER A 102 -7.04 6.34 9.91
C SER A 102 -7.98 6.36 8.69
N GLU A 103 -8.70 5.27 8.39
CA GLU A 103 -9.66 5.15 7.30
C GLU A 103 -11.08 5.00 7.88
N ILE A 104 -11.27 5.26 9.17
CA ILE A 104 -12.55 5.14 9.85
C ILE A 104 -13.51 6.15 9.22
N MET A 1 -19.37 -10.06 0.14
CA MET A 1 -20.27 -10.82 -0.75
C MET A 1 -20.66 -9.91 -1.91
N THR A 2 -21.70 -10.23 -2.68
CA THR A 2 -22.38 -9.20 -3.46
C THR A 2 -22.96 -8.16 -2.51
N THR A 3 -23.22 -6.96 -3.04
CA THR A 3 -23.91 -5.87 -2.36
C THR A 3 -23.03 -5.25 -1.25
N PHE A 4 -23.32 -4.01 -0.87
CA PHE A 4 -22.40 -3.21 -0.07
C PHE A 4 -22.32 -3.69 1.38
N ASP A 5 -21.35 -3.16 2.13
CA ASP A 5 -21.23 -3.36 3.56
C ASP A 5 -22.36 -2.61 4.26
N ASP A 6 -23.43 -3.35 4.58
CA ASP A 6 -24.61 -2.87 5.30
C ASP A 6 -24.26 -2.39 6.70
N ARG A 7 -23.42 -3.16 7.41
CA ARG A 7 -22.92 -2.84 8.74
C ARG A 7 -21.62 -2.08 8.62
N GLU A 8 -21.53 -0.93 9.29
CA GLU A 8 -20.30 -0.15 9.36
C GLU A 8 -19.21 -0.89 10.13
N ARG A 9 -17.99 -0.39 9.98
CA ARG A 9 -16.79 -0.79 10.72
C ARG A 9 -16.88 -0.28 12.17
N ALA A 10 -15.90 -0.64 13.01
CA ALA A 10 -15.66 -0.09 14.36
C ALA A 10 -14.31 -0.60 14.88
N HIS A 11 -13.20 0.04 14.54
CA HIS A 11 -11.86 -0.30 15.02
C HIS A 11 -11.55 0.01 16.50
N GLU A 12 -12.48 0.63 17.22
CA GLU A 12 -12.28 1.03 18.61
C GLU A 12 -12.04 -0.20 19.49
N ALA A 13 -10.87 -0.24 20.15
CA ALA A 13 -10.28 -1.31 20.98
C ALA A 13 -10.11 -2.69 20.32
N LYS A 14 -10.89 -2.96 19.28
CA LYS A 14 -10.94 -4.17 18.47
C LYS A 14 -9.58 -4.64 17.98
N PHE A 15 -8.62 -3.73 17.79
CA PHE A 15 -7.31 -4.05 17.25
C PHE A 15 -6.54 -5.06 18.10
N ALA A 16 -6.85 -5.14 19.40
CA ALA A 16 -6.27 -6.10 20.31
C ALA A 16 -6.72 -7.54 20.04
N HIS A 17 -7.69 -7.75 19.15
CA HIS A 17 -8.52 -8.94 19.05
C HIS A 17 -8.82 -9.18 17.57
N ASP A 18 -9.72 -10.13 17.29
CA ASP A 18 -10.31 -10.38 15.97
C ASP A 18 -9.19 -10.69 14.94
N ALA A 19 -9.52 -10.62 13.66
CA ALA A 19 -8.57 -10.63 12.56
C ALA A 19 -9.04 -9.71 11.43
N GLU A 20 -10.34 -9.65 11.11
CA GLU A 20 -10.86 -8.92 9.96
C GLU A 20 -10.42 -7.44 9.98
N LEU A 21 -10.49 -6.80 11.15
CA LEU A 21 -10.06 -5.41 11.33
C LEU A 21 -8.54 -5.28 11.38
N ASN A 22 -7.84 -6.28 11.92
CA ASN A 22 -6.38 -6.29 12.08
C ASN A 22 -5.68 -6.42 10.73
N PHE A 23 -6.27 -7.19 9.81
CA PHE A 23 -5.76 -7.60 8.50
C PHE A 23 -5.17 -6.45 7.69
N LYS A 24 -5.74 -5.25 7.79
CA LYS A 24 -5.18 -4.08 7.12
C LYS A 24 -3.76 -3.79 7.60
N ALA A 25 -3.54 -3.67 8.91
CA ALA A 25 -2.19 -3.45 9.46
C ALA A 25 -1.29 -4.65 9.26
N GLU A 26 -1.84 -5.85 9.44
CA GLU A 26 -1.14 -7.11 9.36
C GLU A 26 -0.32 -7.20 8.06
N ALA A 27 -0.87 -6.67 6.95
CA ALA A 27 -0.20 -6.66 5.67
C ALA A 27 0.19 -5.23 5.32
N ARG A 28 -0.73 -4.45 4.74
CA ARG A 28 -0.58 -3.09 4.19
C ARG A 28 0.58 -2.85 3.23
N ARG A 29 1.57 -3.74 3.11
CA ARG A 29 2.92 -3.49 2.61
C ARG A 29 2.95 -2.64 1.36
N ASN A 30 2.13 -2.98 0.36
CA ASN A 30 2.11 -2.27 -0.91
C ASN A 30 0.95 -1.28 -0.98
N ARG A 31 -0.11 -1.51 -0.20
CA ARG A 31 -1.37 -0.79 -0.20
C ARG A 31 -1.24 0.71 0.08
N LEU A 32 -0.07 1.20 0.45
CA LEU A 32 0.17 2.61 0.78
C LEU A 32 1.23 3.26 -0.12
N LEU A 33 2.01 2.45 -0.83
CA LEU A 33 2.96 2.81 -1.86
C LEU A 33 2.30 3.54 -3.03
N GLY A 34 0.99 3.38 -3.21
CA GLY A 34 0.23 4.09 -4.21
C GLY A 34 0.13 5.57 -3.87
N GLU A 35 -0.13 5.90 -2.61
CA GLU A 35 -0.23 7.29 -2.16
C GLU A 35 1.09 8.04 -2.38
N TRP A 36 2.21 7.36 -2.12
CA TRP A 36 3.54 7.86 -2.44
C TRP A 36 3.62 8.24 -3.92
N ALA A 37 3.46 7.25 -4.81
CA ALA A 37 3.64 7.41 -6.25
C ALA A 37 2.60 8.34 -6.89
N ALA A 38 1.38 8.43 -6.34
CA ALA A 38 0.29 9.22 -6.89
C ALA A 38 0.73 10.67 -7.06
N GLY A 39 1.22 11.29 -5.97
CA GLY A 39 1.70 12.66 -5.96
C GLY A 39 2.96 12.88 -6.78
N LEU A 40 3.59 11.83 -7.34
CA LEU A 40 4.69 11.92 -8.29
C LEU A 40 4.16 11.96 -9.73
N LEU A 41 3.10 11.19 -10.00
CA LEU A 41 2.51 10.97 -11.32
C LEU A 41 1.40 11.97 -11.66
N GLY A 42 1.21 13.00 -10.84
CA GLY A 42 0.14 13.99 -11.03
C GLY A 42 -1.23 13.47 -10.64
N LYS A 43 -1.34 12.26 -10.08
CA LYS A 43 -2.62 11.70 -9.70
C LYS A 43 -3.01 12.35 -8.38
N THR A 44 -4.14 13.05 -8.35
CA THR A 44 -4.87 13.36 -7.13
C THR A 44 -6.36 13.10 -7.39
N GLY A 45 -7.20 13.24 -6.36
CA GLY A 45 -8.60 12.88 -6.43
C GLY A 45 -8.78 11.40 -6.78
N ASP A 46 -9.84 11.10 -7.54
CA ASP A 46 -10.26 9.71 -7.85
C ASP A 46 -9.16 8.94 -8.55
N ASP A 47 -8.32 9.63 -9.32
CA ASP A 47 -7.21 9.02 -10.07
C ASP A 47 -6.20 8.40 -9.13
N ALA A 48 -5.87 9.12 -8.05
CA ALA A 48 -4.96 8.63 -7.03
C ALA A 48 -5.64 7.53 -6.24
N ARG A 49 -6.93 7.71 -5.92
CA ARG A 49 -7.55 6.80 -4.97
C ARG A 49 -7.78 5.45 -5.64
N ALA A 50 -8.23 5.46 -6.90
CA ALA A 50 -8.40 4.26 -7.69
C ALA A 50 -7.08 3.54 -7.91
N TYR A 51 -6.00 4.28 -8.21
CA TYR A 51 -4.67 3.70 -8.29
C TYR A 51 -4.30 3.03 -6.96
N ALA A 52 -4.55 3.72 -5.83
CA ALA A 52 -4.31 3.21 -4.48
C ALA A 52 -5.12 1.92 -4.18
N LEU A 53 -6.09 1.56 -5.03
CA LEU A 53 -6.98 0.40 -4.86
C LEU A 53 -6.56 -0.78 -5.76
N THR A 54 -5.48 -0.67 -6.53
CA THR A 54 -4.98 -1.78 -7.35
C THR A 54 -3.49 -2.10 -7.06
N VAL A 55 -2.78 -1.27 -6.30
CA VAL A 55 -1.41 -1.46 -5.86
C VAL A 55 -1.31 -2.57 -4.81
N VAL A 56 -1.23 -3.81 -5.27
CA VAL A 56 -0.53 -4.82 -4.48
C VAL A 56 0.30 -5.74 -5.37
N THR A 57 1.54 -5.94 -4.93
CA THR A 57 2.42 -7.00 -5.36
C THR A 57 3.31 -7.33 -4.13
N SER A 58 4.41 -8.06 -4.32
CA SER A 58 5.34 -8.47 -3.28
C SER A 58 6.27 -7.33 -2.82
N ASP A 59 7.36 -7.66 -2.13
CA ASP A 59 8.56 -6.83 -2.04
C ASP A 59 9.80 -7.72 -2.15
N PHE A 60 10.98 -7.10 -2.21
CA PHE A 60 12.28 -7.74 -2.40
C PHE A 60 12.64 -8.61 -1.20
N ASP A 61 13.23 -8.00 -0.16
CA ASP A 61 13.81 -8.62 1.04
C ASP A 61 15.12 -9.37 0.77
N GLU A 62 15.61 -9.36 -0.49
CA GLU A 62 16.86 -9.98 -0.91
C GLU A 62 17.43 -9.21 -2.13
N PRO A 63 18.74 -9.33 -2.45
CA PRO A 63 19.41 -8.46 -3.40
C PRO A 63 19.29 -9.00 -4.83
N GLY A 64 18.06 -9.05 -5.36
CA GLY A 64 17.74 -9.61 -6.66
C GLY A 64 16.31 -9.26 -7.05
N ASP A 65 15.64 -10.22 -7.67
CA ASP A 65 14.23 -10.30 -8.07
C ASP A 65 13.68 -9.06 -8.74
N GLU A 66 14.41 -8.49 -9.71
CA GLU A 66 14.00 -7.37 -10.56
C GLU A 66 12.82 -7.76 -11.50
N ASP A 67 11.67 -8.12 -10.93
CA ASP A 67 10.39 -8.29 -11.61
C ASP A 67 9.27 -7.66 -10.77
N VAL A 68 9.29 -7.79 -9.43
CA VAL A 68 8.26 -7.18 -8.59
C VAL A 68 8.24 -5.65 -8.75
N PHE A 69 9.42 -5.01 -8.74
CA PHE A 69 9.56 -3.56 -8.93
C PHE A 69 9.06 -3.08 -10.28
N ARG A 70 8.97 -3.94 -11.30
CA ARG A 70 8.62 -3.55 -12.66
C ARG A 70 7.32 -2.76 -12.68
N LYS A 71 6.36 -3.16 -11.85
CA LYS A 71 5.02 -2.62 -11.90
C LYS A 71 5.04 -1.15 -11.47
N LEU A 72 5.96 -0.76 -10.58
CA LEU A 72 6.23 0.63 -10.26
C LEU A 72 7.08 1.24 -11.35
N ALA A 73 8.19 0.59 -11.71
CA ALA A 73 9.22 1.11 -12.60
C ALA A 73 8.67 1.54 -13.97
N ALA A 74 7.75 0.76 -14.52
CA ALA A 74 7.11 1.03 -15.80
C ALA A 74 6.11 2.19 -15.72
N ASP A 75 5.70 2.58 -14.52
CA ASP A 75 4.74 3.65 -14.31
C ASP A 75 5.50 4.93 -13.96
N LEU A 76 6.34 4.86 -12.93
CA LEU A 76 7.32 5.87 -12.51
C LEU A 76 8.57 5.83 -13.40
N GLU A 77 8.39 5.64 -14.69
CA GLU A 77 9.43 5.67 -15.70
C GLU A 77 10.13 7.03 -15.62
N GLY A 78 11.39 7.04 -15.21
CA GLY A 78 12.22 8.24 -15.06
C GLY A 78 11.86 9.04 -13.81
N LYS A 79 11.05 8.48 -12.90
CA LYS A 79 10.49 9.18 -11.74
C LYS A 79 10.64 8.36 -10.45
N ALA A 80 11.08 7.10 -10.54
CA ALA A 80 11.59 6.32 -9.43
C ALA A 80 12.47 5.21 -10.00
N ASP A 81 13.75 5.28 -9.68
CA ASP A 81 14.77 4.33 -10.12
C ASP A 81 14.55 2.96 -9.47
N GLU A 82 15.30 1.97 -9.95
CA GLU A 82 15.48 0.65 -9.33
C GLU A 82 15.79 0.82 -7.84
N GLU A 83 16.83 1.58 -7.50
CA GLU A 83 17.27 1.75 -6.12
C GLU A 83 16.27 2.56 -5.31
N THR A 84 15.56 3.48 -5.96
CA THR A 84 14.51 4.27 -5.33
C THR A 84 13.37 3.34 -4.90
N ILE A 85 12.81 2.52 -5.79
CA ILE A 85 11.69 1.63 -5.48
C ILE A 85 12.13 0.64 -4.40
N ARG A 86 13.25 -0.06 -4.63
CA ARG A 86 13.71 -1.09 -3.70
C ARG A 86 14.04 -0.52 -2.33
N ALA A 87 14.35 0.77 -2.24
CA ALA A 87 14.55 1.40 -0.96
C ALA A 87 13.18 1.76 -0.36
N LYS A 88 12.36 2.51 -1.11
CA LYS A 88 11.12 3.10 -0.66
C LYS A 88 10.18 2.06 -0.08
N MET A 89 9.83 1.03 -0.84
CA MET A 89 8.85 0.06 -0.36
C MET A 89 9.32 -0.60 0.96
N VAL A 90 10.62 -0.69 1.17
CA VAL A 90 11.26 -1.29 2.34
C VAL A 90 11.43 -0.29 3.49
N GLU A 91 11.55 1.02 3.21
CA GLU A 91 11.57 2.12 4.18
C GLU A 91 10.31 2.02 5.04
N LEU A 92 9.17 2.07 4.36
CA LEU A 92 7.83 2.16 4.94
C LEU A 92 7.30 0.80 5.43
N ARG A 93 8.14 -0.24 5.50
CA ARG A 93 7.71 -1.57 5.96
C ARG A 93 7.02 -1.47 7.33
N ALA A 94 7.65 -0.82 8.32
CA ALA A 94 7.04 -0.59 9.62
C ALA A 94 5.81 0.33 9.49
N THR A 95 5.94 1.41 8.72
CA THR A 95 4.91 2.42 8.49
C THR A 95 3.58 1.78 8.05
N ALA A 96 3.63 0.69 7.28
CA ALA A 96 2.48 -0.05 6.81
C ALA A 96 1.48 -0.39 7.92
N ARG A 97 1.92 -0.85 9.10
CA ARG A 97 0.99 -1.06 10.22
C ARG A 97 0.67 0.25 10.91
N GLU A 98 1.66 1.09 11.15
CA GLU A 98 1.54 2.33 11.89
C GLU A 98 0.51 3.29 11.27
N GLN A 99 0.34 3.28 9.95
CA GLN A 99 -0.66 4.13 9.29
C GLN A 99 -2.09 3.81 9.74
N ILE A 100 -2.33 2.59 10.21
CA ILE A 100 -3.61 2.17 10.76
C ILE A 100 -3.73 2.62 12.22
N ILE A 101 -2.63 2.55 12.97
CA ILE A 101 -2.55 3.05 14.35
C ILE A 101 -2.88 4.55 14.37
N SER A 102 -2.60 5.21 13.25
CA SER A 102 -2.82 6.62 13.03
C SER A 102 -4.31 6.96 12.87
N GLU A 103 -5.20 5.98 12.61
CA GLU A 103 -6.60 6.22 12.35
C GLU A 103 -7.37 5.11 13.06
N ILE A 104 -7.22 5.08 14.39
CA ILE A 104 -8.10 4.37 15.29
C ILE A 104 -9.33 5.26 15.52
N MET A 1 -11.53 -15.47 5.65
CA MET A 1 -11.50 -16.51 4.60
C MET A 1 -12.93 -16.88 4.18
N THR A 2 -13.75 -15.88 3.90
CA THR A 2 -15.19 -15.88 4.10
C THR A 2 -15.82 -14.88 3.13
N THR A 3 -15.40 -13.61 3.22
CA THR A 3 -15.72 -12.54 2.29
C THR A 3 -17.23 -12.18 2.24
N PHE A 4 -18.03 -12.59 3.23
CA PHE A 4 -19.40 -12.09 3.39
C PHE A 4 -19.35 -10.80 4.18
N ASP A 5 -19.03 -9.70 3.48
CA ASP A 5 -18.82 -8.34 3.97
C ASP A 5 -17.85 -8.30 5.15
N ASP A 6 -17.80 -7.15 5.81
CA ASP A 6 -17.32 -6.88 7.16
C ASP A 6 -17.56 -5.39 7.44
N ARG A 7 -16.95 -4.80 8.47
CA ARG A 7 -17.27 -3.49 9.06
C ARG A 7 -16.16 -2.48 8.76
N GLU A 8 -16.21 -1.28 9.36
CA GLU A 8 -15.19 -0.25 9.17
C GLU A 8 -14.85 0.42 10.49
N ARG A 9 -15.81 1.16 11.05
CA ARG A 9 -15.51 2.18 12.06
C ARG A 9 -15.40 1.57 13.45
N ALA A 10 -16.10 0.44 13.67
CA ALA A 10 -16.29 -0.18 14.96
C ALA A 10 -15.10 -1.03 15.39
N HIS A 11 -13.89 -0.61 15.05
CA HIS A 11 -12.65 -1.25 15.51
C HIS A 11 -12.37 -1.05 17.01
N GLU A 12 -13.33 -0.51 17.78
CA GLU A 12 -13.28 -0.32 19.23
C GLU A 12 -12.85 -1.63 19.90
N ALA A 13 -11.63 -1.64 20.44
CA ALA A 13 -10.97 -2.79 21.07
C ALA A 13 -11.04 -4.08 20.23
N LYS A 14 -11.01 -3.98 18.90
CA LYS A 14 -10.94 -5.13 17.98
C LYS A 14 -9.65 -5.19 17.18
N PHE A 15 -8.82 -4.14 17.21
CA PHE A 15 -7.66 -4.04 16.34
C PHE A 15 -6.59 -5.11 16.64
N ALA A 16 -6.59 -5.68 17.84
CA ALA A 16 -5.90 -6.93 18.15
C ALA A 16 -6.95 -7.90 18.69
N HIS A 17 -7.81 -8.39 17.80
CA HIS A 17 -8.80 -9.42 18.10
C HIS A 17 -9.35 -10.02 16.80
N ASP A 18 -9.73 -9.18 15.83
CA ASP A 18 -10.50 -9.60 14.66
C ASP A 18 -9.62 -9.77 13.44
N ALA A 19 -10.12 -10.51 12.44
CA ALA A 19 -9.62 -10.49 11.09
C ALA A 19 -10.42 -9.49 10.25
N GLU A 20 -11.75 -9.40 10.47
CA GLU A 20 -12.68 -8.56 9.71
C GLU A 20 -12.09 -7.15 9.48
N LEU A 21 -11.87 -6.45 10.58
CA LEU A 21 -11.47 -5.04 10.61
C LEU A 21 -9.97 -4.90 10.45
N ASN A 22 -9.21 -5.91 10.90
CA ASN A 22 -7.77 -5.93 10.73
C ASN A 22 -7.38 -6.14 9.27
N PHE A 23 -8.24 -6.68 8.41
CA PHE A 23 -7.90 -7.10 7.04
C PHE A 23 -7.13 -6.00 6.30
N LYS A 24 -7.69 -4.79 6.23
CA LYS A 24 -7.00 -3.62 5.69
C LYS A 24 -5.68 -3.37 6.42
N ALA A 25 -5.73 -3.26 7.75
CA ALA A 25 -4.56 -3.02 8.59
C ALA A 25 -3.52 -4.15 8.54
N GLU A 26 -3.82 -5.30 7.98
CA GLU A 26 -2.89 -6.42 7.82
C GLU A 26 -2.10 -6.27 6.51
N ALA A 27 -2.54 -5.40 5.60
CA ALA A 27 -1.87 -5.16 4.33
C ALA A 27 -2.19 -3.74 3.83
N ARG A 28 -1.34 -2.76 4.17
CA ARG A 28 -1.41 -1.42 3.56
C ARG A 28 -0.13 -1.07 2.80
N ARG A 29 0.99 -1.76 3.04
CA ARG A 29 2.27 -1.35 2.43
C ARG A 29 2.18 -1.14 0.93
N ASN A 30 1.38 -1.94 0.21
CA ASN A 30 1.24 -1.79 -1.22
C ASN A 30 0.22 -0.73 -1.63
N ARG A 31 -0.73 -0.34 -0.78
CA ARG A 31 -1.55 0.86 -1.01
C ARG A 31 -0.65 2.11 -0.97
N LEU A 32 0.09 2.28 0.12
CA LEU A 32 0.80 3.54 0.42
C LEU A 32 1.93 3.77 -0.56
N LEU A 33 2.43 2.67 -1.14
CA LEU A 33 3.33 2.68 -2.29
C LEU A 33 2.85 3.64 -3.39
N GLY A 34 1.54 3.73 -3.65
CA GLY A 34 0.99 4.65 -4.63
C GLY A 34 1.11 6.10 -4.22
N GLU A 35 0.89 6.41 -2.94
CA GLU A 35 0.93 7.79 -2.44
C GLU A 35 2.32 8.39 -2.57
N TRP A 36 3.34 7.53 -2.48
CA TRP A 36 4.69 7.86 -2.86
C TRP A 36 4.72 8.20 -4.35
N ALA A 37 4.66 7.19 -5.22
CA ALA A 37 4.93 7.29 -6.65
C ALA A 37 4.06 8.33 -7.37
N ALA A 38 2.83 8.55 -6.92
CA ALA A 38 1.96 9.62 -7.40
C ALA A 38 2.70 10.95 -7.34
N GLY A 39 3.21 11.30 -6.16
CA GLY A 39 3.91 12.56 -5.92
C GLY A 39 5.09 12.74 -6.87
N LEU A 40 5.89 11.69 -7.08
CA LEU A 40 7.03 11.65 -7.99
C LEU A 40 6.60 12.06 -9.40
N LEU A 41 5.45 11.56 -9.85
CA LEU A 41 4.87 11.78 -11.17
C LEU A 41 4.00 13.05 -11.22
N GLY A 42 3.98 13.85 -10.14
CA GLY A 42 3.20 15.08 -10.09
C GLY A 42 1.70 14.81 -9.95
N LYS A 43 1.27 13.61 -9.59
CA LYS A 43 -0.12 13.26 -9.30
C LYS A 43 -0.34 13.53 -7.82
N THR A 44 -1.34 14.32 -7.48
CA THR A 44 -1.70 14.61 -6.10
C THR A 44 -3.22 14.63 -5.97
N GLY A 45 -3.72 14.67 -4.73
CA GLY A 45 -5.15 14.71 -4.45
C GLY A 45 -5.84 13.51 -5.11
N ASP A 46 -6.92 13.77 -5.84
CA ASP A 46 -7.71 12.69 -6.40
C ASP A 46 -6.98 11.95 -7.52
N ASP A 47 -6.08 12.61 -8.27
CA ASP A 47 -5.31 11.95 -9.32
C ASP A 47 -4.40 10.88 -8.72
N ALA A 48 -3.89 11.14 -7.49
CA ALA A 48 -3.04 10.20 -6.77
C ALA A 48 -3.89 9.06 -6.23
N ARG A 49 -5.09 9.35 -5.72
CA ARG A 49 -5.93 8.32 -5.14
C ARG A 49 -6.40 7.37 -6.24
N ALA A 50 -6.82 7.93 -7.38
CA ALA A 50 -7.23 7.21 -8.57
C ALA A 50 -6.10 6.30 -9.06
N TYR A 51 -4.86 6.81 -9.08
CA TYR A 51 -3.69 6.01 -9.39
C TYR A 51 -3.52 4.86 -8.38
N ALA A 52 -3.61 5.14 -7.08
CA ALA A 52 -3.39 4.16 -6.02
C ALA A 52 -4.40 2.99 -6.08
N LEU A 53 -5.52 3.12 -6.80
CA LEU A 53 -6.53 2.07 -6.95
C LEU A 53 -6.01 0.78 -7.62
N THR A 54 -4.80 0.78 -8.21
CA THR A 54 -4.30 -0.36 -9.00
C THR A 54 -2.85 -0.74 -8.62
N VAL A 55 -2.19 -0.02 -7.71
CA VAL A 55 -0.77 -0.17 -7.40
C VAL A 55 -0.48 -1.35 -6.45
N VAL A 56 -1.46 -2.24 -6.21
CA VAL A 56 -1.44 -3.19 -5.11
C VAL A 56 -1.40 -4.62 -5.65
N THR A 57 -0.34 -5.33 -5.26
CA THR A 57 0.08 -6.67 -5.62
C THR A 57 1.09 -7.10 -4.52
N SER A 58 1.70 -8.28 -4.58
CA SER A 58 2.80 -8.71 -3.72
C SER A 58 3.53 -9.90 -4.34
N ASP A 59 4.77 -9.68 -4.76
CA ASP A 59 5.77 -10.67 -5.17
C ASP A 59 7.12 -9.96 -4.95
N PHE A 60 8.06 -10.54 -4.20
CA PHE A 60 9.38 -9.94 -3.95
C PHE A 60 10.31 -11.03 -3.40
N ASP A 61 11.51 -10.63 -2.97
CA ASP A 61 12.58 -11.48 -2.43
C ASP A 61 13.29 -12.21 -3.56
N GLU A 62 13.35 -11.53 -4.72
CA GLU A 62 13.80 -11.99 -6.05
C GLU A 62 13.19 -13.36 -6.40
N PRO A 63 11.88 -13.39 -6.70
CA PRO A 63 11.11 -14.61 -6.88
C PRO A 63 11.07 -15.11 -8.33
N GLY A 64 11.67 -14.40 -9.28
CA GLY A 64 11.65 -14.79 -10.68
C GLY A 64 12.45 -13.82 -11.52
N ASP A 65 11.80 -12.80 -12.10
CA ASP A 65 12.38 -11.97 -13.14
C ASP A 65 12.18 -10.53 -12.69
N GLU A 66 10.98 -9.99 -12.85
CA GLU A 66 10.48 -8.73 -12.32
C GLU A 66 8.96 -8.82 -12.26
N ASP A 67 8.33 -8.21 -11.25
CA ASP A 67 6.89 -8.36 -11.05
C ASP A 67 6.29 -7.10 -10.44
N VAL A 68 6.57 -6.84 -9.16
CA VAL A 68 6.11 -5.63 -8.48
C VAL A 68 7.07 -4.48 -8.80
N PHE A 69 8.37 -4.78 -8.91
CA PHE A 69 9.37 -3.84 -9.40
C PHE A 69 8.98 -3.41 -10.81
N ARG A 70 8.59 -4.35 -11.69
CA ARG A 70 8.24 -4.06 -13.08
C ARG A 70 7.34 -2.84 -13.19
N LYS A 71 6.18 -2.87 -12.55
CA LYS A 71 5.21 -1.79 -12.67
C LYS A 71 5.72 -0.52 -11.99
N LEU A 72 6.35 -0.62 -10.82
CA LEU A 72 6.82 0.57 -10.13
C LEU A 72 7.91 1.26 -10.94
N ALA A 73 8.91 0.52 -11.43
CA ALA A 73 10.03 1.04 -12.20
C ALA A 73 9.57 1.51 -13.59
N ALA A 74 8.51 0.94 -14.15
CA ALA A 74 7.92 1.43 -15.39
C ALA A 74 7.25 2.79 -15.16
N ASP A 75 6.46 2.92 -14.10
CA ASP A 75 5.74 4.16 -13.78
C ASP A 75 6.79 5.22 -13.43
N LEU A 76 7.65 4.90 -12.46
CA LEU A 76 8.74 5.72 -11.95
C LEU A 76 10.02 5.53 -12.74
N GLU A 77 9.91 5.32 -14.05
CA GLU A 77 11.05 5.32 -14.95
C GLU A 77 11.80 6.62 -14.72
N GLY A 78 13.04 6.52 -14.24
CA GLY A 78 13.94 7.63 -14.02
C GLY A 78 13.78 8.30 -12.66
N LYS A 79 12.92 7.78 -11.77
CA LYS A 79 12.59 8.38 -10.48
C LYS A 79 12.60 7.35 -9.34
N ALA A 80 13.01 6.11 -9.60
CA ALA A 80 13.27 5.08 -8.59
C ALA A 80 14.45 4.23 -9.04
N ASP A 81 14.87 3.26 -8.22
CA ASP A 81 15.93 2.30 -8.47
C ASP A 81 15.51 0.97 -7.85
N GLU A 82 16.18 -0.12 -8.23
CA GLU A 82 15.94 -1.44 -7.67
C GLU A 82 16.16 -1.45 -6.16
N GLU A 83 17.34 -1.00 -5.71
CA GLU A 83 17.69 -0.98 -4.28
C GLU A 83 16.92 0.12 -3.53
N THR A 84 16.26 1.01 -4.26
CA THR A 84 15.40 2.04 -3.71
C THR A 84 14.03 1.43 -3.47
N ILE A 85 13.39 0.79 -4.46
CA ILE A 85 12.08 0.16 -4.30
C ILE A 85 12.14 -0.82 -3.14
N ARG A 86 13.17 -1.68 -3.08
CA ARG A 86 13.29 -2.70 -2.04
C ARG A 86 13.25 -2.10 -0.63
N ALA A 87 13.71 -0.86 -0.48
CA ALA A 87 13.67 -0.12 0.76
C ALA A 87 12.32 0.57 0.92
N LYS A 88 11.82 1.20 -0.14
CA LYS A 88 10.70 2.13 -0.14
C LYS A 88 9.39 1.45 0.22
N MET A 89 9.05 0.32 -0.40
CA MET A 89 7.79 -0.35 -0.08
C MET A 89 7.77 -0.86 1.36
N VAL A 90 8.94 -1.19 1.91
CA VAL A 90 9.11 -1.59 3.29
C VAL A 90 8.99 -0.36 4.22
N GLU A 91 9.37 0.83 3.75
CA GLU A 91 9.67 2.01 4.53
C GLU A 91 8.47 2.50 5.35
N LEU A 92 7.31 2.73 4.72
CA LEU A 92 6.10 3.34 5.27
C LEU A 92 5.41 2.49 6.36
N ARG A 93 6.11 1.59 7.04
CA ARG A 93 5.49 0.59 7.92
C ARG A 93 4.80 1.20 9.14
N ALA A 94 5.20 2.38 9.60
CA ALA A 94 4.57 3.06 10.73
C ALA A 94 3.40 3.89 10.23
N THR A 95 3.61 4.66 9.16
CA THR A 95 2.58 5.45 8.49
C THR A 95 1.39 4.55 8.05
N ALA A 96 1.66 3.28 7.77
CA ALA A 96 0.64 2.26 7.49
C ALA A 96 -0.38 2.12 8.62
N ARG A 97 0.05 2.06 9.89
CA ARG A 97 -0.85 2.02 11.03
C ARG A 97 -1.64 3.32 11.07
N GLU A 98 -0.93 4.43 11.02
CA GLU A 98 -1.43 5.76 11.27
C GLU A 98 -2.62 6.06 10.37
N GLN A 99 -2.43 5.94 9.06
CA GLN A 99 -3.45 6.31 8.09
C GLN A 99 -4.77 5.56 8.31
N ILE A 100 -4.75 4.26 8.60
CA ILE A 100 -5.99 3.48 8.81
C ILE A 100 -6.73 3.99 10.04
N ILE A 101 -6.00 4.33 11.11
CA ILE A 101 -6.59 4.86 12.34
C ILE A 101 -7.08 6.30 12.08
N SER A 102 -6.71 6.91 10.95
CA SER A 102 -7.15 8.21 10.51
C SER A 102 -8.20 8.12 9.39
N GLU A 103 -8.67 6.91 9.03
CA GLU A 103 -9.58 6.66 7.92
C GLU A 103 -10.80 5.89 8.45
N ILE A 104 -11.12 6.14 9.72
CA ILE A 104 -12.34 5.69 10.35
C ILE A 104 -13.47 6.29 9.51
N MET A 1 -33.73 -8.02 3.30
CA MET A 1 -33.49 -6.64 3.78
C MET A 1 -32.96 -6.67 5.20
N THR A 2 -32.26 -5.62 5.61
CA THR A 2 -31.78 -5.40 6.97
C THR A 2 -30.83 -6.53 7.35
N THR A 3 -29.67 -6.56 6.70
CA THR A 3 -28.58 -7.46 7.02
C THR A 3 -27.30 -6.69 6.76
N PHE A 4 -26.27 -6.92 7.57
CA PHE A 4 -24.89 -6.75 7.15
C PHE A 4 -24.49 -7.99 6.34
N ASP A 5 -23.27 -7.96 5.81
CA ASP A 5 -22.52 -9.02 5.14
C ASP A 5 -21.25 -8.35 4.63
N ASP A 6 -21.46 -7.29 3.84
CA ASP A 6 -20.48 -6.35 3.31
C ASP A 6 -19.69 -5.62 4.39
N ARG A 7 -20.42 -5.02 5.34
CA ARG A 7 -19.87 -4.14 6.35
C ARG A 7 -19.34 -5.00 7.49
N GLU A 8 -18.09 -4.79 7.87
CA GLU A 8 -17.46 -5.45 9.00
C GLU A 8 -17.70 -4.62 10.26
N ARG A 9 -17.19 -5.11 11.40
CA ARG A 9 -17.16 -4.36 12.65
C ARG A 9 -16.31 -3.10 12.51
N ALA A 10 -16.42 -2.26 13.52
CA ALA A 10 -15.94 -0.88 13.48
C ALA A 10 -14.48 -0.72 13.96
N HIS A 11 -13.73 -1.84 14.01
CA HIS A 11 -12.42 -2.09 14.62
C HIS A 11 -12.28 -1.51 16.04
N GLU A 12 -13.36 -1.14 16.72
CA GLU A 12 -13.35 -0.43 17.97
C GLU A 12 -12.98 -1.43 19.07
N ALA A 13 -11.81 -1.21 19.70
CA ALA A 13 -11.18 -2.07 20.70
C ALA A 13 -10.85 -3.50 20.21
N LYS A 14 -10.53 -3.70 18.92
CA LYS A 14 -10.25 -5.02 18.35
C LYS A 14 -8.76 -5.36 18.17
N PHE A 15 -7.88 -4.37 18.06
CA PHE A 15 -6.51 -4.57 17.60
C PHE A 15 -5.57 -5.20 18.64
N ALA A 16 -6.05 -5.53 19.83
CA ALA A 16 -5.28 -6.25 20.83
C ALA A 16 -5.88 -7.64 21.05
N HIS A 17 -6.58 -8.18 20.05
CA HIS A 17 -7.23 -9.47 20.10
C HIS A 17 -7.29 -10.04 18.68
N ASP A 18 -7.75 -11.28 18.53
CA ASP A 18 -8.04 -11.92 17.24
C ASP A 18 -6.74 -12.00 16.42
N ALA A 19 -6.81 -12.15 15.10
CA ALA A 19 -5.71 -11.84 14.19
C ALA A 19 -6.21 -11.10 12.95
N GLU A 20 -7.40 -11.45 12.45
CA GLU A 20 -7.92 -10.98 11.15
C GLU A 20 -7.77 -9.47 10.96
N LEU A 21 -8.29 -8.67 11.90
CA LEU A 21 -8.34 -7.21 11.73
C LEU A 21 -6.98 -6.55 11.98
N ASN A 22 -6.14 -7.14 12.84
CA ASN A 22 -4.77 -6.67 13.08
C ASN A 22 -3.96 -6.82 11.79
N PHE A 23 -4.03 -8.01 11.16
CA PHE A 23 -3.32 -8.33 9.94
C PHE A 23 -3.64 -7.34 8.83
N LYS A 24 -4.90 -6.90 8.71
CA LYS A 24 -5.33 -5.84 7.79
C LYS A 24 -4.38 -4.65 7.82
N ALA A 25 -4.04 -4.18 9.02
CA ALA A 25 -3.18 -3.03 9.24
C ALA A 25 -1.76 -3.30 8.75
N GLU A 26 -1.20 -4.44 9.14
CA GLU A 26 0.17 -4.75 8.78
C GLU A 26 0.29 -5.06 7.29
N ALA A 27 -0.83 -5.37 6.63
CA ALA A 27 -0.90 -5.77 5.23
C ALA A 27 -1.63 -4.69 4.44
N ARG A 28 -1.13 -3.45 4.55
CA ARG A 28 -1.54 -2.27 3.79
C ARG A 28 -0.39 -1.64 3.01
N ARG A 29 0.86 -2.09 3.22
CA ARG A 29 2.06 -1.40 2.73
C ARG A 29 1.99 -1.12 1.22
N ASN A 30 1.74 -2.15 0.43
CA ASN A 30 1.91 -2.05 -1.02
C ASN A 30 0.71 -1.44 -1.71
N ARG A 31 -0.45 -1.33 -1.03
CA ARG A 31 -1.70 -0.97 -1.70
C ARG A 31 -1.80 0.53 -1.98
N LEU A 32 -0.94 1.34 -1.36
CA LEU A 32 -0.96 2.81 -1.33
C LEU A 32 0.39 3.42 -1.75
N LEU A 33 1.35 2.56 -2.14
CA LEU A 33 2.67 2.87 -2.69
C LEU A 33 2.58 3.75 -3.94
N GLY A 34 1.50 3.62 -4.70
CA GLY A 34 1.16 4.52 -5.80
C GLY A 34 1.31 6.00 -5.44
N GLU A 35 0.78 6.40 -4.27
CA GLU A 35 0.70 7.80 -3.85
C GLU A 35 2.09 8.43 -3.68
N TRP A 36 3.15 7.63 -3.48
CA TRP A 36 4.53 8.11 -3.55
C TRP A 36 4.79 8.59 -4.98
N ALA A 37 4.91 7.61 -5.89
CA ALA A 37 5.31 7.76 -7.27
C ALA A 37 4.42 8.74 -8.03
N ALA A 38 3.15 8.87 -7.66
CA ALA A 38 2.21 9.76 -8.32
C ALA A 38 2.80 11.16 -8.54
N GLY A 39 3.40 11.76 -7.50
CA GLY A 39 3.99 13.09 -7.64
C GLY A 39 5.14 13.13 -8.66
N LEU A 40 5.93 12.06 -8.73
CA LEU A 40 7.05 11.90 -9.65
C LEU A 40 6.53 11.86 -11.09
N LEU A 41 5.38 11.20 -11.32
CA LEU A 41 4.61 11.15 -12.56
C LEU A 41 3.87 12.46 -12.85
N GLY A 42 3.85 13.37 -11.89
CA GLY A 42 3.14 14.64 -11.94
C GLY A 42 1.63 14.47 -11.85
N LYS A 43 1.12 13.43 -11.17
CA LYS A 43 -0.30 13.24 -10.84
C LYS A 43 -0.43 13.39 -9.34
N THR A 44 -1.49 14.06 -8.88
CA THR A 44 -1.91 14.10 -7.48
C THR A 44 -3.42 13.93 -7.46
N GLY A 45 -3.98 13.84 -6.27
CA GLY A 45 -5.42 13.81 -6.08
C GLY A 45 -6.02 12.59 -6.78
N ASP A 46 -7.00 12.83 -7.63
CA ASP A 46 -7.82 11.79 -8.23
C ASP A 46 -7.09 11.12 -9.38
N ASP A 47 -6.28 11.90 -10.11
CA ASP A 47 -5.39 11.40 -11.15
C ASP A 47 -4.34 10.48 -10.53
N ALA A 48 -3.89 10.79 -9.31
CA ALA A 48 -3.04 9.90 -8.53
C ALA A 48 -3.83 8.68 -8.03
N ARG A 49 -5.07 8.88 -7.56
CA ARG A 49 -5.88 7.83 -6.98
C ARG A 49 -6.05 6.66 -7.95
N ALA A 50 -6.38 6.93 -9.22
CA ALA A 50 -6.60 5.85 -10.18
C ALA A 50 -5.32 5.02 -10.32
N TYR A 51 -4.19 5.68 -10.56
CA TYR A 51 -2.87 5.06 -10.59
C TYR A 51 -2.59 4.25 -9.30
N ALA A 52 -2.94 4.79 -8.14
CA ALA A 52 -2.71 4.15 -6.84
C ALA A 52 -3.40 2.80 -6.70
N LEU A 53 -4.48 2.56 -7.46
CA LEU A 53 -5.32 1.39 -7.28
C LEU A 53 -4.77 0.17 -8.03
N THR A 54 -3.83 0.34 -8.96
CA THR A 54 -3.37 -0.77 -9.81
C THR A 54 -2.01 -1.33 -9.37
N VAL A 55 -1.16 -0.52 -8.73
CA VAL A 55 0.09 -0.87 -8.10
C VAL A 55 -0.17 -1.64 -6.80
N VAL A 56 -0.12 -2.96 -6.93
CA VAL A 56 0.23 -3.90 -5.86
C VAL A 56 0.92 -5.12 -6.48
N THR A 57 1.79 -5.80 -5.73
CA THR A 57 2.12 -7.20 -5.97
C THR A 57 2.46 -7.87 -4.63
N SER A 58 3.72 -7.79 -4.16
CA SER A 58 4.12 -8.40 -2.89
C SER A 58 5.32 -7.62 -2.35
N ASP A 59 6.54 -7.95 -2.75
CA ASP A 59 7.78 -7.51 -2.13
C ASP A 59 8.95 -8.13 -2.91
N PHE A 60 10.17 -7.78 -2.54
CA PHE A 60 11.44 -8.28 -3.08
C PHE A 60 12.04 -9.29 -2.09
N ASP A 61 11.52 -10.51 -2.06
CA ASP A 61 12.07 -11.50 -1.10
C ASP A 61 13.48 -11.91 -1.54
N GLU A 62 13.77 -11.94 -2.85
CA GLU A 62 15.10 -12.17 -3.42
C GLU A 62 15.21 -11.40 -4.76
N PRO A 63 16.44 -11.21 -5.31
CA PRO A 63 16.64 -10.56 -6.60
C PRO A 63 16.17 -11.43 -7.78
N GLY A 64 16.19 -10.86 -8.98
CA GLY A 64 15.75 -11.53 -10.20
C GLY A 64 16.14 -10.74 -11.45
N ASP A 65 15.17 -10.15 -12.14
CA ASP A 65 15.32 -9.27 -13.30
C ASP A 65 13.98 -8.56 -13.47
N GLU A 66 13.81 -7.42 -12.80
CA GLU A 66 12.60 -6.57 -12.81
C GLU A 66 11.33 -7.35 -12.42
N ASP A 67 11.02 -7.47 -11.11
CA ASP A 67 9.81 -8.19 -10.65
C ASP A 67 8.90 -7.26 -9.83
N VAL A 68 9.09 -7.10 -8.52
CA VAL A 68 8.22 -6.19 -7.73
C VAL A 68 8.39 -4.75 -8.21
N PHE A 69 9.58 -4.39 -8.66
CA PHE A 69 9.94 -3.09 -9.24
C PHE A 69 9.50 -2.85 -10.68
N ARG A 70 9.15 -3.86 -11.50
CA ARG A 70 8.95 -3.61 -12.94
C ARG A 70 7.93 -2.52 -13.26
N LYS A 71 6.69 -2.67 -12.77
CA LYS A 71 5.60 -1.75 -13.11
C LYS A 71 5.74 -0.41 -12.37
N LEU A 72 6.82 -0.20 -11.61
CA LEU A 72 7.11 0.93 -10.76
C LEU A 72 8.30 1.68 -11.35
N ALA A 73 9.46 1.03 -11.39
CA ALA A 73 10.72 1.52 -11.95
C ALA A 73 10.54 2.05 -13.37
N ALA A 74 9.73 1.38 -14.20
CA ALA A 74 9.50 1.80 -15.58
C ALA A 74 8.55 3.00 -15.68
N ASP A 75 7.65 3.17 -14.71
CA ASP A 75 6.80 4.36 -14.60
C ASP A 75 7.56 5.51 -13.91
N LEU A 76 8.73 5.22 -13.36
CA LEU A 76 9.68 6.11 -12.70
C LEU A 76 10.99 6.20 -13.46
N GLU A 77 10.93 6.13 -14.80
CA GLU A 77 12.07 6.25 -15.71
C GLU A 77 12.80 7.57 -15.39
N GLY A 78 14.01 7.49 -14.83
CA GLY A 78 14.84 8.61 -14.46
C GLY A 78 14.58 9.17 -13.05
N LYS A 79 13.67 8.58 -12.29
CA LYS A 79 13.09 9.16 -11.07
C LYS A 79 13.20 8.22 -9.88
N ALA A 80 13.81 7.03 -10.03
CA ALA A 80 14.11 6.11 -8.95
C ALA A 80 15.40 5.35 -9.28
N ASP A 81 15.72 4.36 -8.45
CA ASP A 81 16.70 3.31 -8.68
C ASP A 81 16.16 2.08 -7.96
N GLU A 82 16.79 0.94 -8.20
CA GLU A 82 16.43 -0.33 -7.59
C GLU A 82 16.41 -0.21 -6.06
N GLU A 83 17.46 0.37 -5.46
CA GLU A 83 17.55 0.47 -4.00
C GLU A 83 16.75 1.67 -3.46
N THR A 84 16.52 2.69 -4.29
CA THR A 84 15.63 3.79 -3.91
C THR A 84 14.20 3.24 -3.75
N ILE A 85 13.76 2.31 -4.61
CA ILE A 85 12.47 1.64 -4.45
C ILE A 85 12.45 0.88 -3.12
N ARG A 86 13.47 0.06 -2.83
CA ARG A 86 13.41 -0.75 -1.61
C ARG A 86 13.42 0.13 -0.37
N ALA A 87 14.10 1.28 -0.43
CA ALA A 87 14.04 2.26 0.63
C ALA A 87 12.60 2.77 0.77
N LYS A 88 11.99 3.23 -0.33
CA LYS A 88 10.68 3.87 -0.28
C LYS A 88 9.57 2.96 0.27
N MET A 89 9.51 1.70 -0.18
CA MET A 89 8.51 0.76 0.32
C MET A 89 8.62 0.55 1.84
N VAL A 90 9.79 0.83 2.43
CA VAL A 90 10.07 0.62 3.86
C VAL A 90 9.89 1.93 4.65
N GLU A 91 10.03 3.10 4.02
CA GLU A 91 9.75 4.37 4.69
C GLU A 91 8.29 4.38 5.13
N LEU A 92 7.39 4.12 4.17
CA LEU A 92 5.95 4.10 4.38
C LEU A 92 5.47 2.85 5.13
N ARG A 93 6.35 1.99 5.65
CA ARG A 93 5.96 0.75 6.31
C ARG A 93 5.00 0.98 7.48
N ALA A 94 5.29 1.89 8.41
CA ALA A 94 4.42 2.13 9.56
C ALA A 94 3.07 2.74 9.14
N THR A 95 3.06 3.54 8.07
CA THR A 95 1.87 4.18 7.51
C THR A 95 0.74 3.15 7.37
N ALA A 96 1.05 1.90 7.02
CA ALA A 96 0.10 0.84 6.75
C ALA A 96 -0.90 0.63 7.89
N ARG A 97 -0.41 0.56 9.14
CA ARG A 97 -1.31 0.39 10.28
C ARG A 97 -1.92 1.71 10.71
N GLU A 98 -1.16 2.79 10.61
CA GLU A 98 -1.57 4.12 11.01
C GLU A 98 -2.82 4.52 10.21
N GLN A 99 -2.85 4.22 8.91
CA GLN A 99 -3.97 4.41 8.01
C GLN A 99 -5.29 3.85 8.57
N ILE A 100 -5.30 2.60 9.04
CA ILE A 100 -6.51 2.00 9.62
C ILE A 100 -6.96 2.84 10.82
N ILE A 101 -6.01 3.14 11.70
CA ILE A 101 -6.17 3.89 12.94
C ILE A 101 -6.51 5.37 12.65
N SER A 102 -6.50 5.78 11.38
CA SER A 102 -6.89 7.10 10.91
C SER A 102 -8.28 7.09 10.28
N GLU A 103 -8.81 5.93 9.88
CA GLU A 103 -10.01 5.79 9.05
C GLU A 103 -10.94 4.75 9.66
N ILE A 104 -11.11 4.92 10.97
CA ILE A 104 -11.85 4.13 11.94
C ILE A 104 -13.24 3.87 11.38
N MET A 1 -25.65 -8.89 1.30
CA MET A 1 -24.49 -8.32 0.59
C MET A 1 -24.69 -6.86 0.20
N THR A 2 -25.87 -6.47 -0.31
CA THR A 2 -26.00 -5.20 -1.01
C THR A 2 -26.41 -4.09 -0.02
N THR A 3 -27.14 -4.46 1.03
CA THR A 3 -27.55 -3.62 2.15
C THR A 3 -26.44 -3.70 3.21
N PHE A 4 -25.71 -2.63 3.44
CA PHE A 4 -24.69 -2.54 4.46
C PHE A 4 -24.63 -1.12 5.01
N ASP A 5 -23.78 -0.90 6.01
CA ASP A 5 -23.54 0.42 6.59
C ASP A 5 -22.04 0.61 6.79
N ASP A 6 -21.64 1.80 7.21
CA ASP A 6 -20.26 2.25 7.36
C ASP A 6 -19.99 2.73 8.78
N ARG A 7 -20.94 3.38 9.46
CA ARG A 7 -20.76 3.88 10.82
C ARG A 7 -21.16 2.80 11.84
N GLU A 8 -20.86 1.53 11.54
CA GLU A 8 -21.33 0.36 12.28
C GLU A 8 -20.19 -0.46 12.88
N ARG A 9 -18.94 -0.28 12.45
CA ARG A 9 -17.76 -0.61 13.26
C ARG A 9 -17.28 0.64 14.01
N ALA A 10 -16.44 0.43 15.02
CA ALA A 10 -15.85 1.47 15.85
C ALA A 10 -14.62 0.89 16.54
N HIS A 11 -13.55 0.63 15.79
CA HIS A 11 -12.34 -0.08 16.26
C HIS A 11 -11.42 0.73 17.18
N GLU A 12 -11.80 1.90 17.67
CA GLU A 12 -10.92 2.94 18.25
C GLU A 12 -9.85 2.43 19.22
N ALA A 13 -10.18 1.51 20.12
CA ALA A 13 -9.24 0.78 20.97
C ALA A 13 -9.47 -0.75 20.92
N LYS A 14 -10.48 -1.21 20.17
CA LYS A 14 -10.93 -2.60 20.17
C LYS A 14 -9.88 -3.58 19.66
N PHE A 15 -8.88 -3.11 18.92
CA PHE A 15 -7.84 -3.90 18.24
C PHE A 15 -7.15 -4.95 19.11
N ALA A 16 -7.00 -4.65 20.40
CA ALA A 16 -6.34 -5.54 21.34
C ALA A 16 -7.16 -6.80 21.63
N HIS A 17 -8.45 -6.73 21.35
CA HIS A 17 -9.48 -7.74 21.48
C HIS A 17 -9.95 -8.06 20.05
N ASP A 18 -11.05 -8.80 19.86
CA ASP A 18 -11.64 -9.11 18.56
C ASP A 18 -10.62 -9.84 17.67
N ALA A 19 -10.94 -10.01 16.38
CA ALA A 19 -10.01 -10.52 15.39
C ALA A 19 -10.21 -9.82 14.05
N GLU A 20 -11.45 -9.73 13.58
CA GLU A 20 -11.77 -9.24 12.24
C GLU A 20 -11.28 -7.80 12.05
N LEU A 21 -11.27 -6.98 13.12
CA LEU A 21 -10.79 -5.61 13.08
C LEU A 21 -9.26 -5.57 12.95
N ASN A 22 -8.55 -6.44 13.67
CA ASN A 22 -7.10 -6.62 13.53
C ASN A 22 -6.74 -7.14 12.12
N PHE A 23 -7.52 -8.09 11.60
CA PHE A 23 -7.38 -8.60 10.24
C PHE A 23 -7.44 -7.44 9.24
N LYS A 24 -8.34 -6.47 9.42
CA LYS A 24 -8.39 -5.28 8.58
C LYS A 24 -7.09 -4.48 8.51
N ALA A 25 -6.12 -4.68 9.42
CA ALA A 25 -4.80 -4.06 9.34
C ALA A 25 -3.73 -4.97 8.74
N GLU A 26 -3.85 -6.28 8.94
CA GLU A 26 -2.91 -7.30 8.50
C GLU A 26 -2.48 -7.09 7.05
N ALA A 27 -3.44 -6.78 6.19
CA ALA A 27 -3.31 -6.79 4.73
C ALA A 27 -2.87 -5.43 4.18
N ARG A 28 -2.18 -4.60 4.95
CA ARG A 28 -1.68 -3.29 4.49
C ARG A 28 -0.16 -3.27 4.40
N ARG A 29 0.55 -4.36 4.66
CA ARG A 29 2.03 -4.32 4.67
C ARG A 29 2.60 -3.98 3.29
N ASN A 30 1.86 -4.25 2.20
CA ASN A 30 2.26 -3.85 0.84
C ASN A 30 1.13 -3.22 0.01
N ARG A 31 -0.16 -3.36 0.38
CA ARG A 31 -1.36 -2.95 -0.37
C ARG A 31 -1.46 -1.45 -0.65
N LEU A 32 -0.43 -0.68 -0.35
CA LEU A 32 -0.39 0.76 -0.28
C LEU A 32 0.89 1.30 -0.93
N LEU A 33 1.76 0.40 -1.40
CA LEU A 33 2.94 0.66 -2.21
C LEU A 33 2.55 1.17 -3.60
N GLY A 34 1.38 0.75 -4.09
CA GLY A 34 0.82 1.31 -5.30
C GLY A 34 0.43 2.78 -5.09
N GLU A 35 -0.20 3.11 -3.95
CA GLU A 35 -0.72 4.45 -3.71
C GLU A 35 0.38 5.51 -3.63
N TRP A 36 1.62 5.10 -3.30
CA TRP A 36 2.82 5.94 -3.40
C TRP A 36 3.01 6.35 -4.87
N ALA A 37 3.35 5.41 -5.74
CA ALA A 37 3.62 5.68 -7.15
C ALA A 37 2.41 6.35 -7.84
N ALA A 38 1.19 5.90 -7.54
CA ALA A 38 -0.06 6.50 -8.00
C ALA A 38 -0.05 8.00 -7.68
N GLY A 39 0.16 8.37 -6.40
CA GLY A 39 0.17 9.76 -5.98
C GLY A 39 1.33 10.54 -6.60
N LEU A 40 2.49 9.92 -6.79
CA LEU A 40 3.61 10.58 -7.45
C LEU A 40 3.26 10.92 -8.89
N LEU A 41 2.54 10.03 -9.56
CA LEU A 41 2.09 10.10 -10.95
C LEU A 41 0.75 10.82 -11.11
N GLY A 42 0.18 11.43 -10.07
CA GLY A 42 -1.00 12.28 -10.20
C GLY A 42 -2.32 11.50 -10.27
N LYS A 43 -2.32 10.21 -9.93
CA LYS A 43 -3.49 9.37 -9.79
C LYS A 43 -3.99 9.40 -8.34
N THR A 44 -5.29 9.25 -8.16
CA THR A 44 -6.00 9.21 -6.90
C THR A 44 -7.22 8.30 -7.01
N GLY A 45 -7.93 8.10 -5.89
CA GLY A 45 -9.19 7.40 -5.83
C GLY A 45 -9.07 5.98 -6.37
N ASP A 46 -10.05 5.57 -7.20
CA ASP A 46 -10.12 4.24 -7.82
C ASP A 46 -8.82 3.89 -8.52
N ASP A 47 -8.31 4.86 -9.28
CA ASP A 47 -7.15 4.67 -10.14
C ASP A 47 -5.93 4.33 -9.30
N ALA A 48 -5.77 4.94 -8.13
CA ALA A 48 -4.74 4.55 -7.18
C ALA A 48 -5.10 3.23 -6.50
N ARG A 49 -6.34 3.07 -6.04
CA ARG A 49 -6.77 1.93 -5.23
C ARG A 49 -6.55 0.60 -5.94
N ALA A 50 -7.11 0.43 -7.14
CA ALA A 50 -7.06 -0.87 -7.78
C ALA A 50 -5.63 -1.24 -8.11
N TYR A 51 -4.79 -0.26 -8.48
CA TYR A 51 -3.36 -0.45 -8.69
C TYR A 51 -2.70 -0.92 -7.39
N ALA A 52 -3.03 -0.28 -6.27
CA ALA A 52 -2.48 -0.63 -4.97
C ALA A 52 -2.82 -2.04 -4.53
N LEU A 53 -3.96 -2.56 -5.03
CA LEU A 53 -4.43 -3.90 -4.76
C LEU A 53 -3.79 -4.92 -5.70
N THR A 54 -3.11 -4.49 -6.77
CA THR A 54 -2.38 -5.36 -7.69
C THR A 54 -0.87 -5.26 -7.49
N VAL A 55 -0.42 -4.49 -6.50
CA VAL A 55 0.97 -4.15 -6.22
C VAL A 55 1.33 -4.70 -4.85
N VAL A 56 1.97 -5.85 -4.83
CA VAL A 56 2.42 -6.53 -3.63
C VAL A 56 3.88 -6.89 -3.83
N THR A 57 4.70 -5.85 -3.90
CA THR A 57 6.14 -5.90 -4.11
C THR A 57 6.51 -6.76 -5.34
N SER A 58 7.77 -7.13 -5.44
CA SER A 58 8.34 -8.26 -6.17
C SER A 58 9.77 -8.36 -5.61
N ASP A 59 10.75 -8.90 -6.33
CA ASP A 59 12.12 -8.95 -5.82
C ASP A 59 12.90 -7.65 -6.09
N PHE A 60 14.17 -7.63 -5.70
CA PHE A 60 15.13 -6.56 -5.93
C PHE A 60 16.53 -7.13 -6.15
N ASP A 61 16.79 -8.42 -5.86
CA ASP A 61 17.98 -9.12 -6.33
C ASP A 61 17.92 -9.32 -7.86
N GLU A 62 18.79 -10.15 -8.44
CA GLU A 62 18.87 -10.44 -9.88
C GLU A 62 18.83 -9.18 -10.76
N PRO A 63 19.91 -8.37 -10.77
CA PRO A 63 19.97 -7.06 -11.41
C PRO A 63 20.05 -7.16 -12.95
N GLY A 64 19.68 -6.09 -13.64
CA GLY A 64 19.68 -6.00 -15.11
C GLY A 64 18.32 -6.39 -15.72
N ASP A 65 17.38 -6.87 -14.90
CA ASP A 65 16.17 -7.56 -15.27
C ASP A 65 15.00 -6.73 -14.73
N GLU A 66 14.96 -5.47 -15.15
CA GLU A 66 13.99 -4.39 -14.88
C GLU A 66 12.56 -4.95 -14.98
N ASP A 67 11.90 -5.22 -13.85
CA ASP A 67 10.47 -5.58 -13.80
C ASP A 67 9.75 -4.69 -12.79
N VAL A 68 9.77 -5.03 -11.50
CA VAL A 68 9.07 -4.24 -10.48
C VAL A 68 9.65 -2.82 -10.43
N PHE A 69 10.97 -2.71 -10.42
CA PHE A 69 11.69 -1.45 -10.57
C PHE A 69 11.52 -0.76 -11.91
N ARG A 70 11.16 -1.45 -13.00
CA ARG A 70 11.03 -0.80 -14.31
C ARG A 70 9.93 0.24 -14.28
N LYS A 71 8.74 -0.19 -13.86
CA LYS A 71 7.55 0.65 -13.76
C LYS A 71 7.65 1.63 -12.59
N LEU A 72 8.82 1.74 -11.97
CA LEU A 72 9.08 2.63 -10.85
C LEU A 72 10.37 3.44 -10.98
N ALA A 73 11.17 3.19 -12.01
CA ALA A 73 12.35 3.97 -12.35
C ALA A 73 11.98 4.91 -13.48
N ALA A 74 11.95 4.42 -14.73
CA ALA A 74 11.61 5.25 -15.88
C ALA A 74 10.20 5.83 -15.72
N ASP A 75 9.23 5.01 -15.32
CA ASP A 75 7.83 5.43 -15.22
C ASP A 75 7.67 6.60 -14.27
N LEU A 76 8.56 6.68 -13.28
CA LEU A 76 8.48 7.52 -12.10
C LEU A 76 9.55 8.61 -12.13
N GLU A 77 10.10 8.92 -13.30
CA GLU A 77 11.27 9.75 -13.53
C GLU A 77 11.22 11.04 -12.69
N GLY A 78 12.30 11.26 -11.94
CA GLY A 78 12.52 12.39 -11.05
C GLY A 78 11.95 12.19 -9.65
N LYS A 79 11.13 11.16 -9.46
CA LYS A 79 10.42 10.87 -8.22
C LYS A 79 10.88 9.53 -7.63
N ALA A 80 11.94 8.94 -8.18
CA ALA A 80 12.54 7.69 -7.73
C ALA A 80 14.06 7.73 -7.97
N ASP A 81 14.74 6.68 -7.51
CA ASP A 81 16.01 6.20 -8.01
C ASP A 81 16.01 4.70 -7.76
N GLU A 82 17.02 4.02 -8.27
CA GLU A 82 17.21 2.59 -8.15
C GLU A 82 17.23 2.20 -6.66
N GLU A 83 18.07 2.89 -5.90
CA GLU A 83 18.24 2.64 -4.47
C GLU A 83 16.97 2.99 -3.70
N THR A 84 16.19 3.96 -4.17
CA THR A 84 14.97 4.39 -3.51
C THR A 84 13.92 3.28 -3.63
N ILE A 85 13.73 2.66 -4.81
CA ILE A 85 12.69 1.66 -5.03
C ILE A 85 12.81 0.55 -4.00
N ARG A 86 14.02 0.03 -3.75
CA ARG A 86 14.19 -1.06 -2.77
C ARG A 86 13.64 -0.61 -1.41
N ALA A 87 14.03 0.59 -1.01
CA ALA A 87 13.69 1.19 0.26
C ALA A 87 12.36 1.95 0.17
N LYS A 88 11.44 1.54 -0.70
CA LYS A 88 10.02 1.86 -0.58
C LYS A 88 9.25 0.59 -0.33
N MET A 89 9.49 -0.46 -1.13
CA MET A 89 8.74 -1.70 -0.99
C MET A 89 8.86 -2.27 0.43
N VAL A 90 10.07 -2.24 1.00
CA VAL A 90 10.35 -2.74 2.35
C VAL A 90 9.94 -1.74 3.43
N GLU A 91 10.02 -0.44 3.13
CA GLU A 91 9.86 0.65 4.11
C GLU A 91 8.47 0.67 4.74
N LEU A 92 7.46 0.12 4.05
CA LEU A 92 6.04 0.32 4.34
C LEU A 92 5.46 -0.66 5.38
N ARG A 93 6.23 -1.60 5.93
CA ARG A 93 5.66 -2.66 6.78
C ARG A 93 4.88 -2.11 7.97
N ALA A 94 5.43 -1.18 8.76
CA ALA A 94 4.72 -0.63 9.91
C ALA A 94 3.62 0.35 9.49
N THR A 95 3.68 0.93 8.28
CA THR A 95 2.65 1.82 7.76
C THR A 95 1.27 1.13 7.76
N ALA A 96 1.26 -0.21 7.71
CA ALA A 96 0.07 -1.02 7.77
C ALA A 96 -0.78 -0.80 9.03
N ARG A 97 -0.17 -0.88 10.21
CA ARG A 97 -0.91 -0.65 11.46
C ARG A 97 -1.18 0.84 11.61
N GLU A 98 -0.21 1.67 11.23
CA GLU A 98 -0.25 3.11 11.37
C GLU A 98 -1.49 3.66 10.70
N GLN A 99 -1.71 3.33 9.42
CA GLN A 99 -2.81 3.89 8.64
C GLN A 99 -4.16 3.61 9.25
N ILE A 100 -4.42 2.40 9.71
CA ILE A 100 -5.74 2.08 10.28
C ILE A 100 -5.93 2.91 11.55
N ILE A 101 -4.90 3.00 12.39
CA ILE A 101 -4.94 3.80 13.62
C ILE A 101 -4.99 5.31 13.26
N SER A 102 -4.67 5.66 12.01
CA SER A 102 -4.76 7.00 11.45
C SER A 102 -6.17 7.29 10.90
N GLU A 103 -7.03 6.26 10.79
CA GLU A 103 -8.29 6.23 10.06
C GLU A 103 -9.39 5.68 10.99
N ILE A 104 -9.41 6.12 12.26
CA ILE A 104 -10.35 5.66 13.26
C ILE A 104 -11.70 6.31 13.02
N MET A 1 -21.90 -15.62 -2.64
CA MET A 1 -21.01 -16.12 -1.60
C MET A 1 -21.56 -15.71 -0.25
N THR A 2 -21.89 -16.68 0.61
CA THR A 2 -22.33 -16.42 1.97
C THR A 2 -21.19 -15.81 2.79
N THR A 3 -21.51 -15.20 3.93
CA THR A 3 -20.49 -14.76 4.88
C THR A 3 -21.08 -14.85 6.28
N PHE A 4 -20.21 -14.84 7.29
CA PHE A 4 -20.57 -14.72 8.69
C PHE A 4 -20.56 -13.24 9.03
N ASP A 5 -21.17 -12.87 10.15
CA ASP A 5 -21.07 -11.50 10.66
C ASP A 5 -19.66 -11.27 11.18
N ASP A 6 -19.21 -10.01 11.22
CA ASP A 6 -17.91 -9.59 11.71
C ASP A 6 -18.08 -8.40 12.64
N ARG A 7 -17.08 -8.17 13.52
CA ARG A 7 -17.07 -7.04 14.43
C ARG A 7 -16.62 -5.81 13.64
N GLU A 8 -17.57 -5.23 12.92
CA GLU A 8 -17.27 -4.29 11.85
C GLU A 8 -16.82 -2.93 12.41
N ARG A 9 -17.57 -2.44 13.40
CA ARG A 9 -17.27 -1.23 14.18
C ARG A 9 -16.68 -1.61 15.55
N ALA A 10 -16.22 -0.60 16.28
CA ALA A 10 -15.46 -0.68 17.53
C ALA A 10 -14.11 -1.38 17.34
N HIS A 11 -13.39 -1.00 16.28
CA HIS A 11 -11.96 -1.31 16.12
C HIS A 11 -11.09 -0.77 17.27
N GLU A 12 -11.62 0.19 18.03
CA GLU A 12 -10.99 0.98 19.08
C GLU A 12 -10.16 0.12 20.04
N ALA A 13 -10.68 -1.03 20.44
CA ALA A 13 -10.02 -1.98 21.33
C ALA A 13 -9.81 -3.34 20.65
N LYS A 14 -9.96 -3.42 19.32
CA LYS A 14 -9.72 -4.62 18.53
C LYS A 14 -8.45 -4.51 17.67
N PHE A 15 -7.86 -3.34 17.50
CA PHE A 15 -6.55 -3.23 16.86
C PHE A 15 -5.47 -3.92 17.72
N ALA A 16 -5.68 -4.00 19.05
CA ALA A 16 -4.85 -4.73 19.99
C ALA A 16 -5.27 -6.20 20.12
N HIS A 17 -5.89 -6.81 19.09
CA HIS A 17 -6.37 -8.18 19.15
C HIS A 17 -6.74 -8.65 17.73
N ASP A 18 -7.42 -9.81 17.65
CA ASP A 18 -8.13 -10.29 16.45
C ASP A 18 -7.18 -10.41 15.27
N ALA A 19 -7.69 -10.45 14.04
CA ALA A 19 -6.91 -10.13 12.86
C ALA A 19 -7.71 -9.33 11.87
N GLU A 20 -9.02 -9.53 11.77
CA GLU A 20 -9.87 -9.02 10.71
C GLU A 20 -9.67 -7.51 10.49
N LEU A 21 -9.54 -6.74 11.58
CA LEU A 21 -9.42 -5.29 11.50
C LEU A 21 -7.95 -4.86 11.43
N ASN A 22 -7.04 -5.54 12.15
CA ASN A 22 -5.60 -5.35 12.00
C ASN A 22 -5.19 -5.51 10.54
N PHE A 23 -5.70 -6.54 9.88
CA PHE A 23 -5.43 -6.89 8.49
C PHE A 23 -5.84 -5.76 7.57
N LYS A 24 -6.99 -5.10 7.82
CA LYS A 24 -7.40 -3.90 7.11
C LYS A 24 -6.24 -2.91 7.00
N ALA A 25 -5.50 -2.70 8.09
CA ALA A 25 -4.33 -1.86 8.18
C ALA A 25 -3.09 -2.48 7.54
N GLU A 26 -2.62 -3.62 8.06
CA GLU A 26 -1.38 -4.28 7.66
C GLU A 26 -1.40 -4.69 6.16
N ALA A 27 -2.60 -4.72 5.56
CA ALA A 27 -2.86 -5.13 4.17
C ALA A 27 -3.48 -3.97 3.37
N ARG A 28 -3.05 -2.74 3.61
CA ARG A 28 -3.38 -1.59 2.75
C ARG A 28 -2.14 -0.75 2.41
N ARG A 29 -0.94 -1.17 2.77
CA ARG A 29 0.29 -0.41 2.50
C ARG A 29 0.58 -0.25 1.01
N ASN A 30 0.01 -1.07 0.14
CA ASN A 30 0.18 -0.89 -1.31
C ASN A 30 -0.71 0.22 -1.85
N ARG A 31 -1.79 0.62 -1.17
CA ARG A 31 -2.81 1.51 -1.77
C ARG A 31 -2.29 2.93 -2.01
N LEU A 32 -1.22 3.29 -1.32
CA LEU A 32 -0.68 4.62 -1.18
C LEU A 32 0.78 4.70 -1.65
N LEU A 33 1.35 3.58 -2.14
CA LEU A 33 2.66 3.52 -2.79
C LEU A 33 2.71 4.40 -4.03
N GLY A 34 1.56 4.60 -4.69
CA GLY A 34 1.51 5.39 -5.90
C GLY A 34 1.94 6.83 -5.64
N GLU A 35 1.58 7.37 -4.49
CA GLU A 35 1.73 8.78 -4.16
C GLU A 35 3.21 9.18 -4.16
N TRP A 36 4.10 8.25 -3.77
CA TRP A 36 5.55 8.36 -3.90
C TRP A 36 5.94 8.44 -5.38
N ALA A 37 5.70 7.37 -6.14
CA ALA A 37 6.17 7.23 -7.51
C ALA A 37 5.54 8.26 -8.45
N ALA A 38 4.40 8.84 -8.08
CA ALA A 38 3.80 9.99 -8.72
C ALA A 38 4.63 11.23 -8.41
N GLY A 39 4.87 11.52 -7.12
CA GLY A 39 5.65 12.67 -6.67
C GLY A 39 6.99 12.77 -7.40
N LEU A 40 7.69 11.64 -7.53
CA LEU A 40 9.00 11.56 -8.21
C LEU A 40 8.95 11.96 -9.68
N LEU A 41 7.85 11.70 -10.36
CA LEU A 41 7.62 12.10 -11.76
C LEU A 41 7.07 13.52 -11.89
N GLY A 42 6.79 14.21 -10.77
CA GLY A 42 6.17 15.52 -10.78
C GLY A 42 4.65 15.47 -10.83
N LYS A 43 4.02 14.35 -10.46
CA LYS A 43 2.57 14.16 -10.41
C LYS A 43 2.12 14.27 -8.95
N THR A 44 1.26 15.24 -8.65
CA THR A 44 0.74 15.46 -7.29
C THR A 44 -0.64 16.10 -7.33
N GLY A 45 -1.59 15.63 -6.53
CA GLY A 45 -3.00 15.94 -6.72
C GLY A 45 -3.65 14.93 -7.67
N ASP A 46 -4.66 15.34 -8.45
CA ASP A 46 -5.63 14.44 -9.10
C ASP A 46 -5.01 13.49 -10.14
N ASP A 47 -3.84 13.84 -10.71
CA ASP A 47 -3.12 12.98 -11.63
C ASP A 47 -2.53 11.80 -10.84
N ALA A 48 -1.81 12.09 -9.74
CA ALA A 48 -1.35 11.06 -8.82
C ALA A 48 -2.53 10.25 -8.30
N ARG A 49 -3.66 10.91 -8.01
CA ARG A 49 -4.88 10.27 -7.51
C ARG A 49 -5.48 9.27 -8.50
N ALA A 50 -5.23 9.41 -9.81
CA ALA A 50 -5.58 8.39 -10.79
C ALA A 50 -4.57 7.23 -10.71
N TYR A 51 -3.28 7.56 -10.76
CA TYR A 51 -2.19 6.60 -10.76
C TYR A 51 -2.17 5.72 -9.48
N ALA A 52 -2.65 6.23 -8.35
CA ALA A 52 -2.68 5.48 -7.10
C ALA A 52 -3.51 4.20 -7.20
N LEU A 53 -4.39 4.09 -8.19
CA LEU A 53 -5.42 3.05 -8.28
C LEU A 53 -4.91 1.82 -9.03
N THR A 54 -3.79 1.94 -9.77
CA THR A 54 -3.20 0.86 -10.57
C THR A 54 -2.08 0.14 -9.80
N VAL A 55 -1.38 0.83 -8.89
CA VAL A 55 -0.12 0.40 -8.26
C VAL A 55 -0.28 -0.76 -7.24
N VAL A 56 -1.44 -1.39 -7.14
CA VAL A 56 -1.84 -2.25 -6.05
C VAL A 56 -1.77 -3.73 -6.43
N THR A 57 -0.64 -4.15 -7.00
CA THR A 57 -0.39 -5.56 -7.26
C THR A 57 -0.44 -6.35 -5.94
N SER A 58 0.29 -5.89 -4.91
CA SER A 58 0.56 -6.64 -3.68
C SER A 58 1.14 -8.01 -4.07
N ASP A 59 2.37 -7.97 -4.58
CA ASP A 59 3.16 -9.10 -5.02
C ASP A 59 4.60 -8.72 -4.72
N PHE A 60 5.22 -9.33 -3.71
CA PHE A 60 6.51 -8.87 -3.16
C PHE A 60 7.11 -9.88 -2.16
N ASP A 61 6.73 -11.16 -2.23
CA ASP A 61 7.09 -12.12 -1.18
C ASP A 61 8.39 -12.84 -1.51
N GLU A 62 9.52 -12.19 -1.24
CA GLU A 62 10.86 -12.60 -1.68
C GLU A 62 10.87 -12.71 -3.23
N PRO A 63 10.61 -11.60 -3.94
CA PRO A 63 10.21 -11.60 -5.34
C PRO A 63 11.39 -11.75 -6.32
N GLY A 64 11.06 -11.77 -7.60
CA GLY A 64 12.01 -11.86 -8.71
C GLY A 64 12.85 -10.59 -8.89
N ASP A 65 13.60 -10.55 -10.00
CA ASP A 65 14.48 -9.46 -10.44
C ASP A 65 13.70 -8.41 -11.25
N GLU A 66 12.37 -8.57 -11.40
CA GLU A 66 11.51 -7.83 -12.31
C GLU A 66 10.07 -8.39 -12.16
N ASP A 67 9.23 -8.08 -13.14
CA ASP A 67 7.78 -8.30 -13.27
C ASP A 67 7.00 -7.45 -12.30
N VAL A 68 7.14 -7.72 -11.00
CA VAL A 68 6.63 -6.90 -9.90
C VAL A 68 7.02 -5.44 -10.17
N PHE A 69 8.33 -5.15 -10.21
CA PHE A 69 8.82 -3.79 -10.43
C PHE A 69 8.82 -3.35 -11.90
N ARG A 70 8.49 -4.21 -12.87
CA ARG A 70 8.62 -3.92 -14.32
C ARG A 70 7.93 -2.65 -14.80
N LYS A 71 6.97 -2.12 -14.04
CA LYS A 71 6.26 -0.88 -14.36
C LYS A 71 6.57 0.23 -13.37
N LEU A 72 7.21 -0.08 -12.24
CA LEU A 72 7.48 0.85 -11.17
C LEU A 72 8.88 1.42 -11.39
N ALA A 73 9.87 0.52 -11.43
CA ALA A 73 11.23 0.81 -11.83
C ALA A 73 11.24 1.48 -13.21
N ALA A 74 10.52 0.92 -14.20
CA ALA A 74 10.48 1.45 -15.56
C ALA A 74 9.79 2.81 -15.68
N ASP A 75 8.95 3.20 -14.73
CA ASP A 75 8.40 4.57 -14.69
C ASP A 75 9.49 5.46 -14.13
N LEU A 76 10.02 5.07 -12.96
CA LEU A 76 11.06 5.73 -12.20
C LEU A 76 12.44 5.42 -12.77
N GLU A 77 12.55 5.37 -14.09
CA GLU A 77 13.77 5.23 -14.86
C GLU A 77 14.72 6.35 -14.43
N GLY A 78 15.83 5.98 -13.78
CA GLY A 78 16.82 6.91 -13.25
C GLY A 78 16.44 7.56 -11.91
N LYS A 79 15.35 7.12 -11.27
CA LYS A 79 14.83 7.68 -10.02
C LYS A 79 14.53 6.63 -8.95
N ALA A 80 14.69 5.33 -9.23
CA ALA A 80 14.52 4.27 -8.24
C ALA A 80 15.41 3.08 -8.58
N ASP A 81 16.49 2.89 -7.82
CA ASP A 81 17.26 1.65 -7.87
C ASP A 81 16.37 0.50 -7.38
N GLU A 82 16.78 -0.75 -7.59
CA GLU A 82 16.05 -1.92 -7.11
C GLU A 82 15.83 -1.84 -5.60
N GLU A 83 16.85 -1.36 -4.86
CA GLU A 83 16.78 -1.28 -3.41
C GLU A 83 15.91 -0.11 -2.95
N THR A 84 15.62 0.85 -3.84
CA THR A 84 14.64 1.89 -3.57
C THR A 84 13.23 1.29 -3.51
N ILE A 85 12.86 0.39 -4.44
CA ILE A 85 11.50 -0.17 -4.46
C ILE A 85 11.25 -0.93 -3.17
N ARG A 86 12.08 -1.93 -2.85
CA ARG A 86 11.91 -2.69 -1.61
C ARG A 86 11.85 -1.76 -0.41
N ALA A 87 12.74 -0.78 -0.35
CA ALA A 87 12.81 0.12 0.78
C ALA A 87 11.46 0.82 0.93
N LYS A 88 10.96 1.44 -0.14
CA LYS A 88 9.75 2.24 -0.13
C LYS A 88 8.50 1.43 0.21
N MET A 89 8.34 0.24 -0.38
CA MET A 89 7.19 -0.59 -0.03
C MET A 89 7.16 -0.90 1.47
N VAL A 90 8.32 -1.22 2.05
CA VAL A 90 8.47 -1.52 3.46
C VAL A 90 8.24 -0.25 4.31
N GLU A 91 8.73 0.92 3.89
CA GLU A 91 8.70 2.16 4.67
C GLU A 91 7.28 2.54 5.04
N LEU A 92 6.40 2.61 4.03
CA LEU A 92 5.04 3.18 4.09
C LEU A 92 4.09 2.36 4.97
N ARG A 93 4.60 1.28 5.58
CA ARG A 93 3.86 0.35 6.39
C ARG A 93 3.35 0.97 7.70
N ALA A 94 3.92 2.09 8.17
CA ALA A 94 3.38 2.83 9.30
C ALA A 94 2.16 3.64 8.86
N THR A 95 2.32 4.49 7.84
CA THR A 95 1.26 5.30 7.25
C THR A 95 0.05 4.42 6.88
N ALA A 96 0.29 3.19 6.41
CA ALA A 96 -0.74 2.22 6.13
C ALA A 96 -1.66 1.95 7.32
N ARG A 97 -1.10 1.65 8.50
CA ARG A 97 -1.94 1.36 9.67
C ARG A 97 -2.50 2.64 10.26
N GLU A 98 -1.72 3.73 10.23
CA GLU A 98 -2.10 5.04 10.73
C GLU A 98 -3.32 5.60 9.99
N GLN A 99 -3.44 5.39 8.68
CA GLN A 99 -4.57 5.90 7.90
C GLN A 99 -5.91 5.29 8.34
N ILE A 100 -5.91 4.13 9.00
CA ILE A 100 -7.13 3.53 9.56
C ILE A 100 -7.51 4.21 10.88
N ILE A 101 -6.53 4.72 11.62
CA ILE A 101 -6.78 5.62 12.76
C ILE A 101 -7.48 6.88 12.23
N SER A 102 -7.31 7.19 10.94
CA SER A 102 -7.96 8.32 10.28
C SER A 102 -9.27 7.89 9.59
N GLU A 103 -9.74 6.66 9.84
CA GLU A 103 -10.95 6.06 9.26
C GLU A 103 -11.76 5.41 10.40
N ILE A 104 -11.77 6.08 11.55
CA ILE A 104 -12.66 5.83 12.68
C ILE A 104 -14.11 6.05 12.22
N MET A 1 -20.29 -23.51 11.30
CA MET A 1 -19.22 -23.00 12.17
C MET A 1 -18.45 -21.96 11.36
N THR A 2 -18.27 -20.76 11.92
CA THR A 2 -17.98 -19.53 11.19
C THR A 2 -19.17 -19.20 10.27
N THR A 3 -19.83 -18.09 10.55
CA THR A 3 -20.96 -17.57 9.80
C THR A 3 -20.91 -16.03 9.83
N PHE A 4 -21.73 -15.39 9.00
CA PHE A 4 -21.93 -13.95 8.90
C PHE A 4 -20.72 -13.24 8.32
N ASP A 5 -19.60 -13.17 9.05
CA ASP A 5 -18.27 -12.76 8.60
C ASP A 5 -18.19 -11.32 8.06
N ASP A 6 -19.22 -10.52 8.30
CA ASP A 6 -19.25 -9.09 8.04
C ASP A 6 -18.68 -8.40 9.28
N ARG A 7 -17.54 -7.72 9.15
CA ARG A 7 -16.76 -7.08 10.21
C ARG A 7 -17.64 -6.25 11.16
N GLU A 8 -17.33 -6.32 12.45
CA GLU A 8 -17.98 -5.53 13.48
C GLU A 8 -17.53 -4.08 13.39
N ARG A 9 -18.17 -3.25 14.21
CA ARG A 9 -18.06 -1.79 14.22
C ARG A 9 -16.97 -1.37 15.21
N ALA A 10 -16.78 -0.07 15.40
CA ALA A 10 -15.94 0.54 16.43
C ALA A 10 -14.57 -0.15 16.59
N HIS A 11 -13.77 -0.15 15.53
CA HIS A 11 -12.51 -0.89 15.44
C HIS A 11 -11.46 -0.54 16.50
N GLU A 12 -11.59 0.58 17.22
CA GLU A 12 -10.60 1.19 18.10
C GLU A 12 -9.89 0.19 19.01
N ALA A 13 -10.52 -0.25 20.10
CA ALA A 13 -9.95 -1.20 21.05
C ALA A 13 -10.10 -2.65 20.59
N LYS A 14 -10.75 -2.91 19.45
CA LYS A 14 -10.89 -4.24 18.86
C LYS A 14 -9.60 -4.72 18.19
N PHE A 15 -8.59 -3.88 17.99
CA PHE A 15 -7.41 -4.31 17.25
C PHE A 15 -6.67 -5.49 17.93
N ALA A 16 -6.79 -5.61 19.26
CA ALA A 16 -6.26 -6.72 20.05
C ALA A 16 -7.22 -7.92 20.15
N HIS A 17 -8.25 -8.01 19.29
CA HIS A 17 -9.31 -8.99 19.32
C HIS A 17 -9.66 -9.43 17.91
N ASP A 18 -10.18 -8.52 17.10
CA ASP A 18 -10.72 -8.76 15.77
C ASP A 18 -9.57 -8.74 14.80
N ALA A 19 -8.92 -9.89 14.67
CA ALA A 19 -7.85 -10.08 13.71
C ALA A 19 -8.33 -9.76 12.28
N GLU A 20 -9.62 -9.88 11.98
CA GLU A 20 -10.21 -9.51 10.68
C GLU A 20 -10.12 -7.99 10.43
N LEU A 21 -10.22 -7.17 11.48
CA LEU A 21 -10.00 -5.72 11.38
C LEU A 21 -8.51 -5.43 11.30
N ASN A 22 -7.67 -6.17 12.03
CA ASN A 22 -6.23 -5.99 11.95
C ASN A 22 -5.69 -6.39 10.56
N PHE A 23 -6.34 -7.35 9.89
CA PHE A 23 -6.05 -7.73 8.51
C PHE A 23 -6.21 -6.54 7.56
N LYS A 24 -7.30 -5.77 7.70
CA LYS A 24 -7.52 -4.53 6.94
C LYS A 24 -6.31 -3.59 7.00
N ALA A 25 -5.55 -3.58 8.09
CA ALA A 25 -4.45 -2.66 8.31
C ALA A 25 -3.14 -3.09 7.61
N GLU A 26 -2.93 -4.37 7.34
CA GLU A 26 -1.77 -4.84 6.54
C GLU A 26 -2.01 -4.64 5.04
N ALA A 27 -3.28 -4.42 4.69
CA ALA A 27 -3.74 -3.95 3.41
C ALA A 27 -3.43 -2.45 3.29
N ARG A 28 -4.10 -1.70 2.39
CA ARG A 28 -3.93 -0.27 2.07
C ARG A 28 -2.53 0.13 1.56
N ARG A 29 -1.47 -0.56 1.97
CA ARG A 29 -0.04 -0.34 1.73
C ARG A 29 0.37 -0.14 0.28
N ASN A 30 -0.48 -0.43 -0.70
CA ASN A 30 -0.16 -0.24 -2.11
C ASN A 30 -1.00 0.85 -2.76
N ARG A 31 -2.19 1.19 -2.24
CA ARG A 31 -2.93 2.35 -2.78
C ARG A 31 -2.10 3.62 -2.67
N LEU A 32 -1.48 3.82 -1.51
CA LEU A 32 -0.80 5.05 -1.17
C LEU A 32 0.59 5.18 -1.81
N LEU A 33 1.15 4.10 -2.34
CA LEU A 33 2.40 4.11 -3.10
C LEU A 33 2.29 4.97 -4.35
N GLY A 34 1.07 5.14 -4.88
CA GLY A 34 0.85 6.01 -6.02
C GLY A 34 1.34 7.42 -5.75
N GLU A 35 1.13 7.94 -4.54
CA GLU A 35 1.54 9.30 -4.18
C GLU A 35 3.06 9.44 -4.18
N TRP A 36 3.81 8.39 -3.80
CA TRP A 36 5.27 8.40 -3.79
C TRP A 36 5.77 8.49 -5.24
N ALA A 37 5.45 7.50 -6.07
CA ALA A 37 5.89 7.49 -7.46
C ALA A 37 5.40 8.73 -8.21
N ALA A 38 4.16 9.18 -7.97
CA ALA A 38 3.64 10.44 -8.52
C ALA A 38 4.51 11.61 -8.10
N GLY A 39 4.81 11.71 -6.81
CA GLY A 39 5.64 12.75 -6.22
C GLY A 39 6.98 12.85 -6.93
N LEU A 40 7.65 11.70 -7.10
CA LEU A 40 8.89 11.60 -7.85
C LEU A 40 8.67 12.08 -9.29
N LEU A 41 7.65 11.54 -9.96
CA LEU A 41 7.31 11.80 -11.35
C LEU A 41 6.86 13.23 -11.66
N GLY A 42 6.68 14.08 -10.66
CA GLY A 42 6.19 15.43 -10.89
C GLY A 42 4.68 15.49 -11.06
N LYS A 43 3.95 14.41 -10.74
CA LYS A 43 2.50 14.40 -10.67
C LYS A 43 2.08 14.82 -9.28
N THR A 44 1.17 15.78 -9.16
CA THR A 44 0.48 16.11 -7.91
C THR A 44 -0.96 16.54 -8.24
N GLY A 45 -1.86 16.48 -7.26
CA GLY A 45 -3.27 16.77 -7.46
C GLY A 45 -3.95 15.60 -8.16
N ASP A 46 -4.94 15.88 -9.02
CA ASP A 46 -5.71 14.88 -9.75
C ASP A 46 -4.81 13.98 -10.57
N ASP A 47 -3.72 14.55 -11.11
CA ASP A 47 -2.69 13.83 -11.84
C ASP A 47 -2.13 12.66 -11.02
N ALA A 48 -1.88 12.92 -9.73
CA ALA A 48 -1.36 11.92 -8.83
C ALA A 48 -2.49 10.99 -8.39
N ARG A 49 -3.67 11.53 -8.08
CA ARG A 49 -4.78 10.73 -7.54
C ARG A 49 -5.20 9.69 -8.57
N ALA A 50 -5.36 10.10 -9.83
CA ALA A 50 -5.84 9.31 -10.95
C ALA A 50 -4.91 8.13 -11.19
N TYR A 51 -3.59 8.39 -11.15
CA TYR A 51 -2.58 7.34 -11.19
C TYR A 51 -2.75 6.43 -9.97
N ALA A 52 -2.74 7.00 -8.76
CA ALA A 52 -2.80 6.29 -7.49
C ALA A 52 -4.10 5.49 -7.29
N LEU A 53 -5.07 5.57 -8.20
CA LEU A 53 -6.22 4.68 -8.19
C LEU A 53 -5.78 3.25 -8.48
N THR A 54 -4.76 3.03 -9.31
CA THR A 54 -4.47 1.72 -9.88
C THR A 54 -2.96 1.42 -9.77
N VAL A 55 -2.52 1.13 -8.54
CA VAL A 55 -1.14 0.86 -8.18
C VAL A 55 -1.02 -0.36 -7.24
N VAL A 56 -2.10 -1.14 -7.08
CA VAL A 56 -2.16 -2.21 -6.08
C VAL A 56 -1.47 -3.47 -6.61
N THR A 57 -0.18 -3.57 -6.34
CA THR A 57 0.68 -4.70 -6.67
C THR A 57 1.72 -4.78 -5.55
N SER A 58 1.97 -5.98 -4.99
CA SER A 58 2.97 -6.21 -3.97
C SER A 58 3.59 -7.58 -4.20
N ASP A 59 4.72 -7.61 -4.89
CA ASP A 59 5.40 -8.84 -5.30
C ASP A 59 6.90 -8.59 -5.15
N PHE A 60 7.43 -8.88 -3.97
CA PHE A 60 8.82 -8.65 -3.56
C PHE A 60 9.16 -9.55 -2.36
N ASP A 61 10.42 -9.49 -1.94
CA ASP A 61 11.12 -10.48 -1.12
C ASP A 61 10.97 -11.86 -1.74
N GLU A 62 11.96 -12.18 -2.58
CA GLU A 62 12.06 -13.27 -3.53
C GLU A 62 10.86 -13.39 -4.49
N PRO A 63 10.73 -12.47 -5.47
CA PRO A 63 9.73 -12.55 -6.53
C PRO A 63 10.05 -13.68 -7.52
N GLY A 64 9.11 -14.02 -8.39
CA GLY A 64 9.24 -15.05 -9.43
C GLY A 64 9.35 -14.45 -10.84
N ASP A 65 8.67 -13.34 -11.11
CA ASP A 65 8.65 -12.64 -12.39
C ASP A 65 8.85 -11.13 -12.21
N GLU A 66 8.72 -10.61 -10.98
CA GLU A 66 9.21 -9.27 -10.59
C GLU A 66 8.48 -8.17 -11.37
N ASP A 67 7.24 -8.42 -11.83
CA ASP A 67 6.51 -7.64 -12.83
C ASP A 67 5.93 -6.33 -12.28
N VAL A 68 6.53 -5.80 -11.22
CA VAL A 68 6.21 -4.59 -10.52
C VAL A 68 7.49 -3.79 -10.35
N PHE A 69 8.53 -4.35 -9.72
CA PHE A 69 9.82 -3.67 -9.70
C PHE A 69 10.27 -3.39 -11.12
N ARG A 70 10.12 -4.38 -12.01
CA ARG A 70 10.48 -4.31 -13.42
C ARG A 70 9.71 -3.27 -14.21
N LYS A 71 8.65 -2.67 -13.68
CA LYS A 71 7.93 -1.61 -14.37
C LYS A 71 8.25 -0.28 -13.71
N LEU A 72 8.15 -0.24 -12.38
CA LEU A 72 8.27 1.01 -11.63
C LEU A 72 9.70 1.52 -11.64
N ALA A 73 10.71 0.65 -11.76
CA ALA A 73 12.11 1.07 -11.77
C ALA A 73 12.37 1.83 -13.06
N ALA A 74 12.06 1.23 -14.22
CA ALA A 74 12.14 1.89 -15.51
C ALA A 74 11.18 3.07 -15.66
N ASP A 75 10.09 3.17 -14.88
CA ASP A 75 9.31 4.41 -14.90
C ASP A 75 10.24 5.43 -14.20
N LEU A 76 10.67 5.15 -12.97
CA LEU A 76 11.45 6.02 -12.09
C LEU A 76 12.94 6.07 -12.50
N GLU A 77 13.22 5.92 -13.79
CA GLU A 77 14.53 6.04 -14.40
C GLU A 77 15.11 7.42 -14.10
N GLY A 78 16.08 7.46 -13.18
CA GLY A 78 16.75 8.67 -12.70
C GLY A 78 16.27 9.15 -11.32
N LYS A 79 15.30 8.48 -10.68
CA LYS A 79 14.70 8.85 -9.40
C LYS A 79 14.57 7.66 -8.43
N ALA A 80 15.18 6.53 -8.73
CA ALA A 80 15.20 5.37 -7.85
C ALA A 80 16.46 4.52 -8.05
N ASP A 81 16.60 3.50 -7.21
CA ASP A 81 17.60 2.44 -7.26
C ASP A 81 16.86 1.16 -6.89
N GLU A 82 17.47 0.02 -7.18
CA GLU A 82 17.06 -1.31 -6.73
C GLU A 82 16.76 -1.29 -5.23
N GLU A 83 17.76 -0.96 -4.42
CA GLU A 83 17.64 -0.97 -2.97
C GLU A 83 16.69 0.13 -2.47
N THR A 84 16.72 1.30 -3.11
CA THR A 84 15.80 2.39 -2.82
C THR A 84 14.34 1.92 -2.97
N ILE A 85 13.96 1.20 -4.04
CA ILE A 85 12.63 0.62 -4.14
C ILE A 85 12.46 -0.53 -3.15
N ARG A 86 13.32 -1.56 -3.18
CA ARG A 86 13.10 -2.78 -2.40
C ARG A 86 13.10 -2.55 -0.90
N ALA A 87 13.63 -1.43 -0.41
CA ALA A 87 13.50 -1.06 0.99
C ALA A 87 12.23 -0.23 1.28
N LYS A 88 11.77 0.61 0.33
CA LYS A 88 10.72 1.61 0.55
C LYS A 88 9.38 0.97 0.90
N MET A 89 8.74 0.30 -0.07
CA MET A 89 7.36 -0.13 0.04
C MET A 89 7.13 -1.09 1.20
N VAL A 90 8.13 -1.91 1.53
CA VAL A 90 8.10 -2.83 2.66
C VAL A 90 7.88 -2.05 3.96
N GLU A 91 8.47 -0.86 4.10
CA GLU A 91 8.44 -0.10 5.35
C GLU A 91 7.07 0.52 5.59
N LEU A 92 6.26 0.69 4.54
CA LEU A 92 5.01 1.43 4.60
C LEU A 92 3.93 0.67 5.36
N ARG A 93 4.26 -0.45 6.00
CA ARG A 93 3.34 -1.19 6.84
C ARG A 93 2.80 -0.29 7.97
N ALA A 94 3.67 0.50 8.62
CA ALA A 94 3.24 1.52 9.57
C ALA A 94 2.32 2.54 8.90
N THR A 95 2.72 3.11 7.76
CA THR A 95 1.92 4.09 7.05
C THR A 95 0.54 3.52 6.70
N ALA A 96 0.47 2.24 6.33
CA ALA A 96 -0.75 1.57 5.92
C ALA A 96 -1.70 1.35 7.08
N ARG A 97 -1.20 0.82 8.21
CA ARG A 97 -2.03 0.61 9.40
C ARG A 97 -2.53 1.95 9.94
N GLU A 98 -1.75 3.01 9.75
CA GLU A 98 -2.12 4.40 10.01
C GLU A 98 -3.36 4.79 9.23
N GLN A 99 -3.37 4.60 7.90
CA GLN A 99 -4.46 5.05 7.04
C GLN A 99 -5.84 4.49 7.42
N ILE A 100 -5.90 3.42 8.23
CA ILE A 100 -7.13 2.97 8.87
C ILE A 100 -7.56 3.95 9.95
N ILE A 101 -6.74 4.14 10.99
CA ILE A 101 -7.08 4.92 12.18
C ILE A 101 -7.21 6.41 11.82
N SER A 102 -6.64 6.82 10.69
CA SER A 102 -6.81 8.13 10.14
C SER A 102 -8.24 8.34 9.60
N GLU A 103 -9.04 7.29 9.40
CA GLU A 103 -10.36 7.36 8.76
C GLU A 103 -11.29 6.32 9.40
N ILE A 104 -11.63 6.56 10.67
CA ILE A 104 -12.60 5.79 11.43
C ILE A 104 -13.91 5.74 10.65
N MET A 1 -35.88 -13.20 11.21
CA MET A 1 -37.16 -12.46 11.13
C MET A 1 -37.04 -11.28 10.17
N THR A 2 -36.04 -10.41 10.34
CA THR A 2 -35.58 -9.49 9.32
C THR A 2 -34.05 -9.68 9.22
N THR A 3 -33.41 -8.96 8.32
CA THR A 3 -31.99 -8.95 7.96
C THR A 3 -31.69 -7.55 7.42
N PHE A 4 -30.51 -6.99 7.65
CA PHE A 4 -30.20 -5.60 7.27
C PHE A 4 -28.69 -5.44 7.09
N ASP A 5 -28.16 -5.79 5.92
CA ASP A 5 -26.74 -5.66 5.65
C ASP A 5 -26.40 -4.21 5.32
N ASP A 6 -26.00 -3.48 6.35
CA ASP A 6 -25.35 -2.18 6.32
C ASP A 6 -24.65 -2.09 7.68
N ARG A 7 -23.35 -2.42 7.74
CA ARG A 7 -22.58 -2.53 8.95
C ARG A 7 -21.30 -1.72 8.74
N GLU A 8 -21.07 -0.71 9.57
CA GLU A 8 -19.83 0.05 9.56
C GLU A 8 -18.65 -0.79 10.05
N ARG A 9 -17.46 -0.30 9.75
CA ARG A 9 -16.19 -0.95 10.12
C ARG A 9 -15.95 -0.76 11.61
N ALA A 10 -16.01 0.48 12.09
CA ALA A 10 -15.89 0.88 13.49
C ALA A 10 -14.71 0.20 14.19
N HIS A 11 -13.48 0.55 13.80
CA HIS A 11 -12.29 -0.19 14.22
C HIS A 11 -11.91 -0.03 15.71
N GLU A 12 -12.60 0.83 16.46
CA GLU A 12 -12.27 1.10 17.86
C GLU A 12 -12.42 -0.19 18.66
N ALA A 13 -11.39 -0.53 19.43
CA ALA A 13 -11.17 -1.81 20.12
C ALA A 13 -11.16 -3.05 19.22
N LYS A 14 -11.51 -2.95 17.94
CA LYS A 14 -11.41 -4.05 16.99
C LYS A 14 -9.99 -4.28 16.51
N PHE A 15 -9.12 -3.26 16.54
CA PHE A 15 -7.80 -3.33 15.90
C PHE A 15 -6.88 -4.42 16.47
N ALA A 16 -7.19 -4.93 17.66
CA ALA A 16 -6.52 -6.06 18.30
C ALA A 16 -7.57 -7.10 18.69
N HIS A 17 -8.56 -7.33 17.82
CA HIS A 17 -9.62 -8.30 18.03
C HIS A 17 -10.05 -8.82 16.66
N ASP A 18 -10.82 -8.03 15.88
CA ASP A 18 -11.33 -8.42 14.57
C ASP A 18 -10.16 -8.57 13.61
N ALA A 19 -10.00 -9.79 13.10
CA ALA A 19 -8.87 -10.18 12.28
C ALA A 19 -8.84 -9.41 10.96
N GLU A 20 -10.00 -9.03 10.43
CA GLU A 20 -10.17 -8.32 9.16
C GLU A 20 -9.47 -6.97 9.16
N LEU A 21 -9.91 -6.07 10.06
CA LEU A 21 -9.48 -4.67 10.00
C LEU A 21 -8.03 -4.56 10.43
N ASN A 22 -7.63 -5.44 11.36
CA ASN A 22 -6.26 -5.69 11.78
C ASN A 22 -5.41 -6.00 10.55
N PHE A 23 -5.75 -7.06 9.79
CA PHE A 23 -5.04 -7.46 8.59
C PHE A 23 -4.98 -6.33 7.58
N LYS A 24 -6.09 -5.62 7.32
CA LYS A 24 -6.09 -4.55 6.33
C LYS A 24 -4.96 -3.53 6.56
N ALA A 25 -4.59 -3.34 7.82
CA ALA A 25 -3.56 -2.43 8.26
C ALA A 25 -2.21 -3.12 8.36
N GLU A 26 -2.12 -4.22 9.09
CA GLU A 26 -0.87 -4.96 9.22
C GLU A 26 -0.35 -5.40 7.85
N ALA A 27 -1.23 -5.56 6.85
CA ALA A 27 -0.90 -6.02 5.51
C ALA A 27 -0.95 -4.90 4.48
N ARG A 28 -1.12 -3.62 4.89
CA ARG A 28 -1.07 -2.48 3.97
C ARG A 28 0.25 -2.39 3.20
N ARG A 29 1.29 -3.13 3.60
CA ARG A 29 2.71 -3.07 3.26
C ARG A 29 3.06 -3.35 1.79
N ASN A 30 2.11 -3.29 0.87
CA ASN A 30 2.38 -3.22 -0.57
C ASN A 30 1.70 -2.01 -1.15
N ARG A 31 0.36 -2.01 -1.23
CA ARG A 31 -0.41 -1.04 -2.03
C ARG A 31 -0.20 0.41 -1.62
N LEU A 32 0.27 0.66 -0.40
CA LEU A 32 0.62 1.99 0.07
C LEU A 32 1.80 2.61 -0.70
N LEU A 33 2.62 1.80 -1.37
CA LEU A 33 3.68 2.21 -2.28
C LEU A 33 3.10 2.75 -3.58
N GLY A 34 1.90 2.29 -3.95
CA GLY A 34 1.08 2.91 -4.98
C GLY A 34 0.70 4.31 -4.49
N GLU A 35 0.12 4.40 -3.29
CA GLU A 35 -0.31 5.64 -2.65
C GLU A 35 0.84 6.61 -2.34
N TRP A 36 2.09 6.20 -2.53
CA TRP A 36 3.24 7.08 -2.57
C TRP A 36 3.38 7.60 -3.99
N ALA A 37 3.94 6.78 -4.89
CA ALA A 37 4.39 7.19 -6.21
C ALA A 37 3.27 7.74 -7.10
N ALA A 38 2.01 7.44 -6.85
CA ALA A 38 0.89 7.99 -7.62
C ALA A 38 0.99 9.53 -7.63
N GLY A 39 1.07 10.15 -6.44
CA GLY A 39 1.17 11.59 -6.28
C GLY A 39 2.34 12.17 -7.08
N LEU A 40 3.53 11.58 -6.95
CA LEU A 40 4.73 11.93 -7.70
C LEU A 40 4.48 11.96 -9.21
N LEU A 41 3.70 11.00 -9.72
CA LEU A 41 3.39 10.83 -11.14
C LEU A 41 2.19 11.65 -11.60
N GLY A 42 1.58 12.45 -10.71
CA GLY A 42 0.45 13.32 -11.02
C GLY A 42 -0.90 12.62 -10.93
N LYS A 43 -1.02 11.60 -10.07
CA LYS A 43 -2.13 10.67 -10.01
C LYS A 43 -2.64 10.61 -8.57
N THR A 44 -3.91 10.91 -8.35
CA THR A 44 -4.55 10.82 -7.04
C THR A 44 -5.95 10.22 -7.20
N GLY A 45 -6.67 10.06 -6.08
CA GLY A 45 -8.02 9.54 -6.04
C GLY A 45 -8.14 8.22 -6.78
N ASP A 46 -9.13 8.10 -7.65
CA ASP A 46 -9.42 6.86 -8.38
C ASP A 46 -8.28 6.41 -9.28
N ASP A 47 -7.48 7.35 -9.77
CA ASP A 47 -6.34 7.05 -10.63
C ASP A 47 -5.25 6.33 -9.84
N ALA A 48 -4.95 6.90 -8.67
CA ALA A 48 -4.06 6.28 -7.71
C ALA A 48 -4.59 4.92 -7.24
N ARG A 49 -5.91 4.80 -7.07
CA ARG A 49 -6.56 3.55 -6.72
C ARG A 49 -6.16 2.43 -7.68
N ALA A 50 -6.31 2.64 -8.99
CA ALA A 50 -6.00 1.60 -9.98
C ALA A 50 -4.54 1.22 -9.92
N TYR A 51 -3.65 2.22 -9.86
CA TYR A 51 -2.22 2.04 -9.70
C TYR A 51 -1.93 1.17 -8.46
N ALA A 52 -2.58 1.46 -7.33
CA ALA A 52 -2.44 0.72 -6.09
C ALA A 52 -2.87 -0.74 -6.17
N LEU A 53 -3.57 -1.18 -7.22
CA LEU A 53 -4.03 -2.55 -7.40
C LEU A 53 -3.02 -3.34 -8.24
N THR A 54 -2.08 -2.67 -8.92
CA THR A 54 -0.96 -3.26 -9.65
C THR A 54 0.35 -2.93 -8.92
N VAL A 55 0.28 -2.75 -7.59
CA VAL A 55 1.44 -2.61 -6.71
C VAL A 55 1.20 -3.52 -5.50
N VAL A 56 1.37 -4.82 -5.70
CA VAL A 56 1.21 -5.85 -4.69
C VAL A 56 2.37 -6.85 -4.84
N THR A 57 2.54 -7.74 -3.85
CA THR A 57 3.52 -8.79 -3.56
C THR A 57 4.97 -8.31 -3.23
N SER A 58 5.42 -7.24 -3.91
CA SER A 58 6.78 -6.70 -3.98
C SER A 58 7.74 -7.67 -4.70
N ASP A 59 8.71 -7.11 -5.42
CA ASP A 59 9.53 -7.88 -6.36
C ASP A 59 10.84 -7.12 -6.61
N PHE A 60 11.90 -7.45 -5.86
CA PHE A 60 13.18 -6.74 -5.87
C PHE A 60 14.28 -7.57 -5.19
N ASP A 61 14.48 -8.84 -5.58
CA ASP A 61 15.34 -9.77 -4.81
C ASP A 61 16.07 -10.80 -5.71
N GLU A 62 17.40 -10.85 -5.65
CA GLU A 62 18.33 -11.43 -6.65
C GLU A 62 18.17 -10.80 -8.06
N PRO A 63 19.13 -11.02 -8.99
CA PRO A 63 19.04 -10.52 -10.37
C PRO A 63 18.05 -11.36 -11.18
N GLY A 64 16.78 -11.20 -10.87
CA GLY A 64 15.66 -11.82 -11.56
C GLY A 64 14.34 -11.14 -11.21
N ASP A 65 14.13 -10.83 -9.94
CA ASP A 65 12.89 -10.27 -9.44
C ASP A 65 12.99 -8.76 -9.65
N GLU A 66 12.62 -8.35 -10.85
CA GLU A 66 12.45 -6.97 -11.26
C GLU A 66 11.19 -6.95 -12.12
N ASP A 67 10.02 -7.12 -11.51
CA ASP A 67 8.74 -7.00 -12.21
C ASP A 67 8.09 -5.67 -11.87
N VAL A 68 7.70 -5.45 -10.61
CA VAL A 68 7.03 -4.22 -10.19
C VAL A 68 7.97 -3.02 -10.30
N PHE A 69 9.22 -3.17 -9.85
CA PHE A 69 10.21 -2.11 -9.90
C PHE A 69 10.50 -1.69 -11.35
N ARG A 70 10.43 -2.62 -12.29
CA ARG A 70 10.84 -2.44 -13.68
C ARG A 70 10.18 -1.22 -14.29
N LYS A 71 8.86 -1.12 -14.16
CA LYS A 71 8.10 -0.01 -14.74
C LYS A 71 8.05 1.18 -13.79
N LEU A 72 8.14 0.93 -12.47
CA LEU A 72 8.17 1.97 -11.46
C LEU A 72 9.23 2.98 -11.80
N ALA A 73 10.49 2.54 -11.86
CA ALA A 73 11.63 3.43 -11.99
C ALA A 73 11.59 4.22 -13.30
N ALA A 74 11.11 3.62 -14.38
CA ALA A 74 10.99 4.29 -15.67
C ALA A 74 9.96 5.43 -15.59
N ASP A 75 8.81 5.16 -14.97
CA ASP A 75 7.74 6.16 -14.81
C ASP A 75 8.23 7.29 -13.89
N LEU A 76 8.81 6.90 -12.75
CA LEU A 76 9.17 7.73 -11.60
C LEU A 76 10.56 8.36 -11.72
N GLU A 77 11.17 8.27 -12.89
CA GLU A 77 12.47 8.78 -13.26
C GLU A 77 12.62 10.23 -12.79
N GLY A 78 13.49 10.46 -11.80
CA GLY A 78 13.83 11.75 -11.25
C GLY A 78 13.22 12.01 -9.87
N LYS A 79 12.42 11.09 -9.31
CA LYS A 79 11.79 11.27 -8.00
C LYS A 79 12.03 10.09 -7.08
N ALA A 80 12.75 9.07 -7.53
CA ALA A 80 13.12 7.91 -6.75
C ALA A 80 14.47 7.41 -7.23
N ASP A 81 14.99 6.39 -6.56
CA ASP A 81 16.21 5.68 -6.90
C ASP A 81 15.98 4.21 -6.63
N GLU A 82 16.93 3.40 -7.06
CA GLU A 82 16.92 1.96 -6.97
C GLU A 82 16.99 1.57 -5.49
N GLU A 83 17.99 2.11 -4.76
CA GLU A 83 18.16 1.86 -3.33
C GLU A 83 17.01 2.49 -2.54
N THR A 84 16.42 3.59 -3.02
CA THR A 84 15.24 4.19 -2.43
C THR A 84 14.03 3.25 -2.55
N ILE A 85 13.63 2.81 -3.75
CA ILE A 85 12.39 2.06 -3.97
C ILE A 85 12.45 0.77 -3.17
N ARG A 86 13.53 -0.01 -3.35
CA ARG A 86 13.67 -1.29 -2.66
C ARG A 86 13.56 -1.11 -1.15
N ALA A 87 14.10 0.00 -0.65
CA ALA A 87 14.06 0.29 0.76
C ALA A 87 12.63 0.64 1.16
N LYS A 88 11.96 1.54 0.43
CA LYS A 88 10.60 2.02 0.71
C LYS A 88 9.70 0.84 0.95
N MET A 89 9.53 -0.03 -0.06
CA MET A 89 8.46 -1.01 -0.02
C MET A 89 8.55 -1.93 1.20
N VAL A 90 9.77 -2.31 1.58
CA VAL A 90 10.08 -3.08 2.78
C VAL A 90 9.87 -2.21 4.05
N GLU A 91 10.48 -1.03 4.12
CA GLU A 91 10.56 -0.22 5.35
C GLU A 91 9.17 0.22 5.82
N LEU A 92 8.21 0.34 4.91
CA LEU A 92 6.81 0.71 5.17
C LEU A 92 6.05 -0.32 6.04
N ARG A 93 6.74 -1.33 6.61
CA ARG A 93 6.21 -2.43 7.41
C ARG A 93 5.20 -1.97 8.45
N ALA A 94 5.60 -1.16 9.43
CA ALA A 94 4.67 -0.66 10.44
C ALA A 94 3.97 0.61 9.96
N THR A 95 4.50 1.34 8.98
CA THR A 95 3.84 2.50 8.38
C THR A 95 2.47 2.10 7.82
N ALA A 96 2.35 0.85 7.38
CA ALA A 96 1.12 0.21 6.99
C ALA A 96 0.01 0.28 8.05
N ARG A 97 0.35 0.16 9.34
CA ARG A 97 -0.64 0.23 10.41
C ARG A 97 -0.84 1.65 10.91
N GLU A 98 0.15 2.55 10.75
CA GLU A 98 -0.01 3.96 10.99
C GLU A 98 -1.15 4.49 10.11
N GLN A 99 -1.06 4.35 8.79
CA GLN A 99 -1.97 5.03 7.85
C GLN A 99 -3.46 4.71 8.07
N ILE A 100 -3.79 3.60 8.72
CA ILE A 100 -5.19 3.21 8.96
C ILE A 100 -5.68 3.81 10.27
N ILE A 101 -4.81 3.92 11.29
CA ILE A 101 -5.10 4.69 12.51
C ILE A 101 -5.18 6.17 12.13
N SER A 102 -4.42 6.58 11.12
CA SER A 102 -4.37 7.93 10.58
C SER A 102 -5.68 8.22 9.83
N GLU A 103 -6.17 7.28 9.03
CA GLU A 103 -7.26 7.45 8.08
C GLU A 103 -8.27 6.32 8.32
N ILE A 104 -8.95 6.42 9.46
CA ILE A 104 -9.91 5.45 9.98
C ILE A 104 -11.06 5.26 9.00
N MET A 1 -12.48 -16.20 -5.55
CA MET A 1 -12.98 -17.51 -5.07
C MET A 1 -13.65 -17.29 -3.72
N THR A 2 -13.89 -18.37 -2.95
CA THR A 2 -14.29 -18.25 -1.54
C THR A 2 -15.67 -17.59 -1.46
N THR A 3 -16.03 -17.12 -0.27
CA THR A 3 -17.15 -16.22 0.01
C THR A 3 -16.57 -14.95 0.63
N PHE A 4 -17.42 -13.96 0.95
CA PHE A 4 -17.06 -12.81 1.76
C PHE A 4 -18.33 -12.33 2.48
N ASP A 5 -18.18 -11.34 3.36
CA ASP A 5 -19.25 -10.79 4.19
C ASP A 5 -19.47 -9.33 3.78
N ASP A 6 -20.37 -8.61 4.45
CA ASP A 6 -20.34 -7.15 4.46
C ASP A 6 -20.79 -6.66 5.83
N ARG A 7 -19.87 -6.63 6.79
CA ARG A 7 -20.17 -6.18 8.14
C ARG A 7 -19.91 -4.69 8.28
N GLU A 8 -20.61 -4.05 9.22
CA GLU A 8 -20.29 -2.69 9.65
C GLU A 8 -18.98 -2.73 10.42
N ARG A 9 -18.31 -1.58 10.47
CA ARG A 9 -17.10 -1.31 11.20
C ARG A 9 -17.34 -1.51 12.70
N ALA A 10 -16.31 -2.00 13.39
CA ALA A 10 -16.19 -2.10 14.83
C ALA A 10 -14.75 -2.55 15.12
N HIS A 11 -13.83 -1.63 15.39
CA HIS A 11 -12.43 -1.90 15.74
C HIS A 11 -11.91 -1.17 16.97
N GLU A 12 -12.76 -0.50 17.76
CA GLU A 12 -12.37 0.14 19.02
C GLU A 12 -11.68 -0.90 19.91
N ALA A 13 -10.43 -0.61 20.31
CA ALA A 13 -9.50 -1.42 21.10
C ALA A 13 -9.30 -2.90 20.68
N LYS A 14 -9.98 -3.39 19.63
CA LYS A 14 -9.99 -4.80 19.20
C LYS A 14 -8.72 -5.21 18.47
N PHE A 15 -7.81 -4.27 18.16
CA PHE A 15 -6.54 -4.59 17.50
C PHE A 15 -5.72 -5.59 18.31
N ALA A 16 -5.76 -5.47 19.64
CA ALA A 16 -5.08 -6.33 20.61
C ALA A 16 -5.69 -7.75 20.71
N HIS A 17 -6.48 -8.16 19.72
CA HIS A 17 -7.37 -9.29 19.83
C HIS A 17 -7.59 -9.92 18.46
N ASP A 18 -8.35 -9.26 17.61
CA ASP A 18 -8.82 -9.80 16.35
C ASP A 18 -7.75 -9.60 15.30
N ALA A 19 -7.63 -10.55 14.38
CA ALA A 19 -6.71 -10.43 13.26
C ALA A 19 -7.33 -9.58 12.17
N GLU A 20 -8.56 -9.87 11.73
CA GLU A 20 -9.31 -9.17 10.67
C GLU A 20 -9.22 -7.64 10.77
N LEU A 21 -9.34 -7.13 11.98
CA LEU A 21 -9.41 -5.69 12.22
C LEU A 21 -8.02 -5.06 12.11
N ASN A 22 -6.98 -5.83 12.42
CA ASN A 22 -5.57 -5.52 12.22
C ASN A 22 -5.15 -5.76 10.75
N PHE A 23 -5.80 -6.70 10.07
CA PHE A 23 -5.46 -7.22 8.75
C PHE A 23 -5.40 -6.07 7.75
N LYS A 24 -6.43 -5.23 7.76
CA LYS A 24 -6.48 -4.03 6.92
C LYS A 24 -5.24 -3.16 7.10
N ALA A 25 -4.77 -2.99 8.33
CA ALA A 25 -3.59 -2.20 8.66
C ALA A 25 -2.33 -2.79 8.01
N GLU A 26 -2.07 -4.08 8.24
CA GLU A 26 -0.90 -4.73 7.67
C GLU A 26 -0.97 -4.84 6.15
N ALA A 27 -2.13 -4.56 5.53
CA ALA A 27 -2.37 -4.67 4.10
C ALA A 27 -2.81 -3.32 3.51
N ARG A 28 -2.32 -2.19 4.04
CA ARG A 28 -2.62 -0.83 3.56
C ARG A 28 -1.36 -0.06 3.11
N ARG A 29 -0.23 -0.73 2.85
CA ARG A 29 0.97 -0.03 2.41
C ARG A 29 0.84 0.51 0.98
N ASN A 30 0.40 -0.31 0.02
CA ASN A 30 0.57 0.00 -1.41
C ASN A 30 -0.14 1.27 -1.87
N ARG A 31 -1.23 1.67 -1.23
CA ARG A 31 -1.89 2.95 -1.49
C ARG A 31 -0.97 4.15 -1.34
N LEU A 32 -0.02 4.09 -0.39
CA LEU A 32 0.89 5.19 -0.10
C LEU A 32 1.96 5.26 -1.20
N LEU A 33 2.35 4.11 -1.78
CA LEU A 33 3.19 4.08 -2.97
C LEU A 33 2.43 4.74 -4.13
N GLY A 34 1.10 4.60 -4.16
CA GLY A 34 0.26 5.35 -5.08
C GLY A 34 0.21 6.86 -4.79
N GLU A 35 0.66 7.35 -3.63
CA GLU A 35 0.85 8.80 -3.41
C GLU A 35 2.29 9.23 -3.75
N TRP A 36 3.23 8.28 -3.83
CA TRP A 36 4.65 8.52 -4.07
C TRP A 36 4.90 8.84 -5.55
N ALA A 37 4.94 7.80 -6.40
CA ALA A 37 5.33 7.82 -7.81
C ALA A 37 4.59 8.90 -8.61
N ALA A 38 3.38 9.24 -8.21
CA ALA A 38 2.57 10.32 -8.74
C ALA A 38 3.42 11.59 -8.91
N GLY A 39 4.11 12.01 -7.86
CA GLY A 39 4.96 13.19 -7.86
C GLY A 39 5.95 13.12 -9.00
N LEU A 40 6.64 11.99 -9.12
CA LEU A 40 7.68 11.70 -10.09
C LEU A 40 7.08 11.78 -11.49
N LEU A 41 5.91 11.18 -11.70
CA LEU A 41 5.14 11.23 -12.95
C LEU A 41 4.68 12.65 -13.30
N GLY A 42 4.68 13.54 -12.33
CA GLY A 42 4.33 14.96 -12.44
C GLY A 42 2.97 15.28 -11.84
N LYS A 43 2.24 14.29 -11.33
CA LYS A 43 0.95 14.46 -10.70
C LYS A 43 1.16 15.05 -9.33
N THR A 44 0.24 15.92 -8.95
CA THR A 44 0.22 16.57 -7.65
C THR A 44 -1.21 16.69 -7.16
N GLY A 45 -1.36 17.24 -5.97
CA GLY A 45 -2.62 17.67 -5.41
C GLY A 45 -3.62 16.53 -5.41
N ASP A 46 -4.73 16.71 -6.10
CA ASP A 46 -5.78 15.71 -6.21
C ASP A 46 -5.50 14.66 -7.29
N ASP A 47 -4.66 14.96 -8.28
CA ASP A 47 -4.40 14.02 -9.38
C ASP A 47 -3.54 12.86 -8.90
N ALA A 48 -2.54 13.18 -8.07
CA ALA A 48 -1.77 12.21 -7.32
C ALA A 48 -2.72 11.47 -6.37
N ARG A 49 -3.58 12.20 -5.65
CA ARG A 49 -4.54 11.58 -4.73
C ARG A 49 -5.48 10.60 -5.42
N ALA A 50 -5.87 10.86 -6.67
CA ALA A 50 -6.69 9.96 -7.48
C ALA A 50 -5.88 8.72 -7.88
N TYR A 51 -4.68 8.92 -8.43
CA TYR A 51 -3.76 7.86 -8.79
C TYR A 51 -3.41 6.96 -7.59
N ALA A 52 -3.42 7.53 -6.38
CA ALA A 52 -3.21 6.83 -5.13
C ALA A 52 -4.32 5.84 -4.76
N LEU A 53 -5.34 5.71 -5.61
CA LEU A 53 -6.47 4.81 -5.43
C LEU A 53 -6.38 3.66 -6.42
N THR A 54 -5.33 3.59 -7.26
CA THR A 54 -5.28 2.69 -8.40
C THR A 54 -3.98 1.88 -8.44
N VAL A 55 -3.27 1.79 -7.31
CA VAL A 55 -2.02 1.03 -7.15
C VAL A 55 -2.12 0.19 -5.86
N VAL A 56 -2.37 -1.12 -5.95
CA VAL A 56 -2.39 -2.03 -4.80
C VAL A 56 -1.90 -3.42 -5.22
N THR A 57 -0.92 -3.99 -4.51
CA THR A 57 -0.36 -5.32 -4.77
C THR A 57 0.56 -5.66 -3.59
N SER A 58 -0.02 -6.23 -2.54
CA SER A 58 0.60 -6.51 -1.25
C SER A 58 1.37 -7.84 -1.35
N ASP A 59 2.33 -7.87 -2.28
CA ASP A 59 2.91 -9.06 -2.89
C ASP A 59 4.44 -8.88 -3.03
N PHE A 60 5.11 -8.29 -2.04
CA PHE A 60 6.49 -7.82 -2.21
C PHE A 60 7.30 -8.15 -0.95
N ASP A 61 7.44 -9.45 -0.62
CA ASP A 61 8.40 -9.88 0.39
C ASP A 61 8.96 -11.30 0.21
N GLU A 62 8.62 -12.00 -0.89
CA GLU A 62 9.42 -13.15 -1.32
C GLU A 62 10.81 -12.64 -1.78
N PRO A 63 11.86 -13.48 -1.82
CA PRO A 63 13.24 -13.01 -1.97
C PRO A 63 13.62 -12.64 -3.41
N GLY A 64 13.00 -11.60 -3.98
CA GLY A 64 13.28 -11.05 -5.30
C GLY A 64 11.96 -10.78 -6.02
N ASP A 65 11.21 -11.85 -6.26
CA ASP A 65 9.93 -12.07 -6.93
C ASP A 65 9.68 -11.39 -8.28
N GLU A 66 10.01 -10.11 -8.42
CA GLU A 66 10.36 -9.44 -9.66
C GLU A 66 9.22 -9.31 -10.70
N ASP A 67 8.03 -9.85 -10.46
CA ASP A 67 6.87 -9.65 -11.35
C ASP A 67 5.95 -8.55 -10.83
N VAL A 68 6.03 -8.22 -9.54
CA VAL A 68 5.19 -7.22 -8.89
C VAL A 68 5.79 -5.83 -9.10
N PHE A 69 7.09 -5.64 -8.84
CA PHE A 69 7.74 -4.34 -8.99
C PHE A 69 7.64 -3.78 -10.42
N ARG A 70 7.44 -4.66 -11.40
CA ARG A 70 7.15 -4.41 -12.81
C ARG A 70 6.13 -3.31 -12.99
N LYS A 71 5.07 -3.35 -12.17
CA LYS A 71 3.93 -2.47 -12.36
C LYS A 71 4.24 -1.04 -11.93
N LEU A 72 5.31 -0.82 -11.17
CA LEU A 72 5.84 0.51 -10.93
C LEU A 72 6.97 0.77 -11.92
N ALA A 73 7.97 -0.12 -11.98
CA ALA A 73 9.23 0.05 -12.69
C ALA A 73 9.05 0.46 -14.15
N ALA A 74 8.06 -0.12 -14.85
CA ALA A 74 7.78 0.23 -16.24
C ALA A 74 7.19 1.63 -16.34
N ASP A 75 6.19 1.96 -15.53
CA ASP A 75 5.51 3.27 -15.60
C ASP A 75 6.45 4.41 -15.20
N LEU A 76 7.40 4.07 -14.33
CA LEU A 76 8.34 4.93 -13.65
C LEU A 76 9.75 4.85 -14.27
N GLU A 77 9.88 4.24 -15.45
CA GLU A 77 11.12 4.02 -16.18
C GLU A 77 11.80 5.36 -16.45
N GLY A 78 12.94 5.60 -15.81
CA GLY A 78 13.69 6.86 -15.83
C GLY A 78 13.55 7.66 -14.54
N LYS A 79 12.74 7.20 -13.58
CA LYS A 79 12.50 7.92 -12.33
C LYS A 79 12.57 7.00 -11.10
N ALA A 80 12.83 5.71 -11.28
CA ALA A 80 13.16 4.80 -10.20
C ALA A 80 14.18 3.77 -10.66
N ASP A 81 14.68 3.00 -9.69
CA ASP A 81 15.67 1.96 -9.86
C ASP A 81 15.18 0.74 -9.13
N GLU A 82 15.75 -0.40 -9.48
CA GLU A 82 15.22 -1.71 -9.16
C GLU A 82 15.24 -1.91 -7.64
N GLU A 83 16.38 -1.65 -7.01
CA GLU A 83 16.53 -1.76 -5.56
C GLU A 83 15.77 -0.62 -4.86
N THR A 84 15.75 0.57 -5.47
CA THR A 84 15.07 1.74 -4.94
C THR A 84 13.58 1.45 -4.69
N ILE A 85 12.85 0.83 -5.64
CA ILE A 85 11.43 0.51 -5.47
C ILE A 85 11.21 -0.36 -4.23
N ARG A 86 12.00 -1.44 -4.06
CA ARG A 86 11.77 -2.36 -2.95
C ARG A 86 11.90 -1.64 -1.62
N ALA A 87 12.93 -0.81 -1.47
CA ALA A 87 13.17 -0.03 -0.26
C ALA A 87 12.06 0.98 -0.01
N LYS A 88 11.54 1.61 -1.06
CA LYS A 88 10.51 2.65 -0.95
C LYS A 88 9.30 2.13 -0.17
N MET A 89 8.82 0.93 -0.51
CA MET A 89 7.65 0.37 0.16
C MET A 89 7.90 0.17 1.65
N VAL A 90 9.15 -0.11 2.02
CA VAL A 90 9.57 -0.50 3.35
C VAL A 90 9.84 0.74 4.21
N GLU A 91 10.19 1.89 3.60
CA GLU A 91 10.40 3.17 4.30
C GLU A 91 9.14 3.57 5.08
N LEU A 92 7.97 3.44 4.47
CA LEU A 92 6.64 3.86 4.95
C LEU A 92 5.81 2.68 5.51
N ARG A 93 6.46 1.55 5.84
CA ARG A 93 5.71 0.35 6.24
C ARG A 93 4.92 0.51 7.54
N ALA A 94 5.37 1.33 8.49
CA ALA A 94 4.60 1.63 9.71
C ALA A 94 3.49 2.65 9.42
N THR A 95 3.78 3.64 8.55
CA THR A 95 2.94 4.79 8.25
C THR A 95 1.48 4.37 8.05
N ALA A 96 1.23 3.32 7.25
CA ALA A 96 -0.12 2.87 6.94
C ALA A 96 -0.88 2.34 8.16
N ARG A 97 -0.22 1.58 9.04
CA ARG A 97 -0.89 0.96 10.18
C ARG A 97 -1.23 1.99 11.24
N GLU A 98 -0.39 3.03 11.41
CA GLU A 98 -0.69 4.16 12.26
C GLU A 98 -2.08 4.68 11.94
N GLN A 99 -2.35 5.02 10.67
CA GLN A 99 -3.59 5.67 10.29
C GLN A 99 -4.83 4.91 10.76
N ILE A 100 -4.85 3.58 10.70
CA ILE A 100 -6.02 2.82 11.16
C ILE A 100 -6.25 3.05 12.65
N ILE A 101 -5.18 2.95 13.45
CA ILE A 101 -5.20 3.14 14.90
C ILE A 101 -5.52 4.62 15.21
N SER A 102 -5.22 5.51 14.27
CA SER A 102 -5.51 6.93 14.31
C SER A 102 -6.98 7.23 13.94
N GLU A 103 -7.74 6.27 13.40
CA GLU A 103 -9.00 6.49 12.70
C GLU A 103 -10.13 5.71 13.39
N ILE A 104 -9.97 5.40 14.70
CA ILE A 104 -11.00 4.73 15.45
C ILE A 104 -12.23 5.64 15.45
N MET A 1 -26.00 -10.82 5.96
CA MET A 1 -26.85 -11.21 7.08
C MET A 1 -26.59 -10.24 8.21
N THR A 2 -27.41 -9.20 8.32
CA THR A 2 -27.15 -8.05 9.19
C THR A 2 -28.40 -7.65 9.95
N THR A 3 -29.57 -7.68 9.29
CA THR A 3 -30.91 -7.48 9.83
C THR A 3 -31.13 -6.04 10.30
N PHE A 4 -30.38 -5.57 11.28
CA PHE A 4 -30.38 -4.21 11.80
C PHE A 4 -28.94 -3.75 12.03
N ASP A 5 -28.08 -4.67 12.50
CA ASP A 5 -26.68 -4.51 12.87
C ASP A 5 -26.44 -3.27 13.72
N ASP A 6 -26.54 -3.44 15.04
CA ASP A 6 -26.33 -2.39 16.03
C ASP A 6 -24.96 -1.75 15.86
N ARG A 7 -23.89 -2.51 16.13
CA ARG A 7 -22.54 -1.97 16.18
C ARG A 7 -21.91 -2.01 14.80
N GLU A 8 -20.89 -1.17 14.58
CA GLU A 8 -20.25 -1.04 13.28
C GLU A 8 -18.97 -1.90 13.22
N ARG A 9 -17.80 -1.41 13.67
CA ARG A 9 -16.52 -2.08 13.42
C ARG A 9 -15.71 -2.29 14.70
N ALA A 10 -15.30 -1.20 15.34
CA ALA A 10 -14.53 -1.13 16.59
C ALA A 10 -13.33 -2.09 16.64
N HIS A 11 -12.25 -1.72 15.96
CA HIS A 11 -10.92 -2.35 15.99
C HIS A 11 -10.20 -2.37 17.36
N GLU A 12 -10.88 -2.15 18.48
CA GLU A 12 -10.25 -1.96 19.78
C GLU A 12 -9.83 -3.32 20.33
N ALA A 13 -8.53 -3.51 20.54
CA ALA A 13 -7.81 -4.79 20.74
C ALA A 13 -7.89 -5.80 19.59
N LYS A 14 -8.82 -5.63 18.66
CA LYS A 14 -9.15 -6.53 17.56
C LYS A 14 -8.13 -6.56 16.39
N PHE A 15 -7.01 -5.85 16.43
CA PHE A 15 -6.00 -5.96 15.36
C PHE A 15 -5.10 -7.19 15.53
N ALA A 16 -5.36 -7.99 16.56
CA ALA A 16 -4.96 -9.37 16.72
C ALA A 16 -6.27 -10.16 16.88
N HIS A 17 -6.22 -11.31 17.54
CA HIS A 17 -7.31 -12.14 18.03
C HIS A 17 -8.20 -12.77 16.95
N ASP A 18 -8.75 -11.95 16.06
CA ASP A 18 -9.62 -12.29 14.95
C ASP A 18 -8.74 -12.41 13.70
N ALA A 19 -9.34 -12.62 12.52
CA ALA A 19 -8.65 -12.45 11.25
C ALA A 19 -9.25 -11.30 10.47
N GLU A 20 -10.58 -11.12 10.46
CA GLU A 20 -11.29 -10.10 9.66
C GLU A 20 -10.62 -8.72 9.73
N LEU A 21 -10.40 -8.21 10.95
CA LEU A 21 -9.83 -6.91 11.17
C LEU A 21 -8.35 -6.87 10.85
N ASN A 22 -7.61 -7.96 11.08
CA ASN A 22 -6.20 -8.06 10.76
C ASN A 22 -5.99 -8.16 9.25
N PHE A 23 -6.93 -8.73 8.50
CA PHE A 23 -6.88 -8.84 7.05
C PHE A 23 -6.79 -7.44 6.43
N LYS A 24 -7.64 -6.52 6.91
CA LYS A 24 -7.56 -5.10 6.53
C LYS A 24 -6.15 -4.56 6.75
N ALA A 25 -5.49 -4.95 7.83
CA ALA A 25 -4.13 -4.50 8.13
C ALA A 25 -3.05 -5.23 7.36
N GLU A 26 -3.28 -6.47 6.96
CA GLU A 26 -2.29 -7.19 6.19
C GLU A 26 -2.19 -6.55 4.80
N ALA A 27 -3.34 -6.15 4.24
CA ALA A 27 -3.52 -5.97 2.80
C ALA A 27 -3.64 -4.49 2.46
N ARG A 28 -2.64 -3.74 2.88
CA ARG A 28 -2.58 -2.29 2.71
C ARG A 28 -1.16 -1.73 2.63
N ARG A 29 -0.15 -2.49 3.02
CA ARG A 29 1.25 -2.06 3.02
C ARG A 29 1.74 -1.53 1.67
N ASN A 30 1.10 -1.92 0.57
CA ASN A 30 1.45 -1.44 -0.77
C ASN A 30 0.46 -0.42 -1.32
N ARG A 31 -0.80 -0.43 -0.88
CA ARG A 31 -1.87 0.36 -1.50
C ARG A 31 -1.60 1.87 -1.46
N LEU A 32 -0.74 2.28 -0.52
CA LEU A 32 -0.37 3.67 -0.32
C LEU A 32 0.81 4.13 -1.18
N LEU A 33 1.54 3.22 -1.84
CA LEU A 33 2.74 3.51 -2.61
C LEU A 33 2.41 4.24 -3.93
N GLY A 34 1.18 4.11 -4.42
CA GLY A 34 0.75 4.73 -5.67
C GLY A 34 0.74 6.25 -5.55
N GLU A 35 0.34 6.73 -4.37
CA GLU A 35 0.28 8.13 -3.99
C GLU A 35 1.62 8.84 -4.19
N TRP A 36 2.71 8.10 -3.95
CA TRP A 36 4.06 8.56 -4.21
C TRP A 36 4.28 8.64 -5.72
N ALA A 37 4.58 7.51 -6.39
CA ALA A 37 5.07 7.48 -7.76
C ALA A 37 4.13 8.15 -8.78
N ALA A 38 2.82 8.23 -8.51
CA ALA A 38 1.91 8.93 -9.40
C ALA A 38 2.42 10.34 -9.69
N GLY A 39 2.66 11.14 -8.65
CA GLY A 39 3.20 12.48 -8.78
C GLY A 39 4.49 12.50 -9.59
N LEU A 40 5.45 11.63 -9.27
CA LEU A 40 6.73 11.52 -9.96
C LEU A 40 6.52 11.36 -11.48
N LEU A 41 5.59 10.50 -11.86
CA LEU A 41 5.20 10.17 -13.24
C LEU A 41 4.26 11.22 -13.84
N GLY A 42 3.90 12.28 -13.10
CA GLY A 42 2.95 13.30 -13.51
C GLY A 42 1.51 12.79 -13.52
N LYS A 43 1.24 11.55 -13.12
CA LYS A 43 -0.11 11.03 -13.01
C LYS A 43 -0.79 11.85 -11.95
N THR A 44 -1.96 12.39 -12.30
CA THR A 44 -2.81 13.12 -11.38
C THR A 44 -4.25 12.66 -11.60
N GLY A 45 -5.16 13.10 -10.74
CA GLY A 45 -6.60 12.89 -10.88
C GLY A 45 -6.95 11.43 -11.13
N ASP A 46 -7.68 11.18 -12.22
CA ASP A 46 -8.19 9.85 -12.59
C ASP A 46 -7.05 8.87 -12.86
N ASP A 47 -5.96 9.34 -13.45
CA ASP A 47 -4.81 8.51 -13.82
C ASP A 47 -4.06 8.04 -12.58
N ALA A 48 -3.88 8.96 -11.63
CA ALA A 48 -3.29 8.66 -10.31
C ALA A 48 -4.24 7.76 -9.52
N ARG A 49 -5.55 8.03 -9.57
CA ARG A 49 -6.55 7.19 -8.93
C ARG A 49 -6.40 5.76 -9.40
N ALA A 50 -6.48 5.50 -10.70
CA ALA A 50 -6.55 4.13 -11.19
C ALA A 50 -5.27 3.36 -10.87
N TYR A 51 -4.13 4.05 -10.88
CA TYR A 51 -2.86 3.53 -10.39
C TYR A 51 -3.00 3.17 -8.90
N ALA A 52 -3.43 4.12 -8.07
CA ALA A 52 -3.53 4.00 -6.62
C ALA A 52 -4.50 2.91 -6.16
N LEU A 53 -5.61 2.74 -6.88
CA LEU A 53 -6.69 1.83 -6.55
C LEU A 53 -6.20 0.39 -6.45
N THR A 54 -5.09 0.09 -7.12
CA THR A 54 -4.43 -1.21 -7.14
C THR A 54 -3.05 -1.05 -6.51
N VAL A 55 -2.06 -0.57 -7.28
CA VAL A 55 -0.64 -0.48 -6.97
C VAL A 55 -0.06 -1.76 -6.31
N VAL A 56 -0.65 -2.92 -6.54
CA VAL A 56 -0.22 -4.20 -6.01
C VAL A 56 0.54 -4.98 -7.07
N THR A 57 1.75 -5.37 -6.69
CA THR A 57 2.64 -6.28 -7.37
C THR A 57 3.52 -6.90 -6.26
N SER A 58 4.56 -7.65 -6.61
CA SER A 58 5.29 -8.53 -5.70
C SER A 58 6.64 -7.86 -5.35
N ASP A 59 6.58 -6.84 -4.50
CA ASP A 59 7.71 -5.96 -4.22
C ASP A 59 8.85 -6.68 -3.53
N PHE A 60 9.89 -7.02 -4.32
CA PHE A 60 11.06 -7.79 -3.92
C PHE A 60 10.60 -9.11 -3.26
N ASP A 61 9.82 -9.90 -4.01
CA ASP A 61 9.21 -11.15 -3.55
C ASP A 61 10.16 -12.32 -3.75
N GLU A 62 11.01 -12.53 -2.75
CA GLU A 62 12.12 -13.48 -2.74
C GLU A 62 13.21 -13.15 -3.79
N PRO A 63 14.41 -13.73 -3.67
CA PRO A 63 15.58 -13.27 -4.40
C PRO A 63 15.66 -13.81 -5.83
N GLY A 64 14.69 -13.43 -6.67
CA GLY A 64 14.64 -13.81 -8.07
C GLY A 64 13.56 -13.09 -8.89
N ASP A 65 12.85 -12.12 -8.31
CA ASP A 65 11.64 -11.54 -8.87
C ASP A 65 11.66 -10.01 -8.84
N GLU A 66 12.87 -9.43 -8.80
CA GLU A 66 13.17 -8.00 -8.66
C GLU A 66 12.59 -7.12 -9.79
N ASP A 67 11.88 -7.70 -10.74
CA ASP A 67 11.33 -7.03 -11.92
C ASP A 67 10.38 -5.88 -11.52
N VAL A 68 9.78 -5.91 -10.34
CA VAL A 68 9.04 -4.77 -9.80
C VAL A 68 9.93 -3.52 -9.73
N PHE A 69 11.14 -3.67 -9.18
CA PHE A 69 12.11 -2.59 -9.12
C PHE A 69 12.59 -2.23 -10.53
N ARG A 70 12.77 -3.23 -11.42
CA ARG A 70 13.16 -3.00 -12.81
C ARG A 70 12.21 -2.00 -13.45
N LYS A 71 10.92 -2.31 -13.43
CA LYS A 71 9.89 -1.48 -14.03
C LYS A 71 9.84 -0.14 -13.32
N LEU A 72 9.77 -0.11 -11.98
CA LEU A 72 9.64 1.14 -11.24
C LEU A 72 10.78 2.09 -11.60
N ALA A 73 12.04 1.65 -11.55
CA ALA A 73 13.17 2.51 -11.89
C ALA A 73 13.17 2.94 -13.36
N ALA A 74 12.81 2.05 -14.29
CA ALA A 74 12.77 2.37 -15.71
C ALA A 74 11.68 3.41 -16.02
N ASP A 75 10.63 3.47 -15.21
CA ASP A 75 9.57 4.47 -15.32
C ASP A 75 9.93 5.74 -14.57
N LEU A 76 10.57 5.60 -13.40
CA LEU A 76 11.09 6.67 -12.57
C LEU A 76 12.49 7.07 -13.04
N GLU A 77 12.71 7.07 -14.35
CA GLU A 77 13.92 7.47 -15.03
C GLU A 77 14.17 8.94 -14.72
N GLY A 78 15.11 9.20 -13.81
CA GLY A 78 15.46 10.53 -13.33
C GLY A 78 14.64 10.95 -12.13
N LYS A 79 13.87 10.07 -11.51
CA LYS A 79 12.93 10.40 -10.42
C LYS A 79 13.10 9.51 -9.19
N ALA A 80 13.86 8.42 -9.29
CA ALA A 80 14.20 7.59 -8.13
C ALA A 80 15.58 6.94 -8.30
N ASP A 81 16.06 6.31 -7.22
CA ASP A 81 17.41 5.77 -7.11
C ASP A 81 17.35 4.26 -6.84
N GLU A 82 18.49 3.59 -7.01
CA GLU A 82 18.71 2.17 -6.80
C GLU A 82 18.36 1.69 -5.39
N GLU A 83 18.43 2.57 -4.37
CA GLU A 83 18.00 2.27 -3.00
C GLU A 83 16.72 3.00 -2.59
N THR A 84 16.38 4.12 -3.24
CA THR A 84 15.22 4.94 -2.85
C THR A 84 13.88 4.22 -3.04
N ILE A 85 13.72 3.43 -4.11
CA ILE A 85 12.48 2.68 -4.37
C ILE A 85 12.37 1.58 -3.32
N ARG A 86 13.39 0.71 -3.22
CA ARG A 86 13.37 -0.45 -2.34
C ARG A 86 13.08 -0.04 -0.90
N ALA A 87 13.60 1.11 -0.48
CA ALA A 87 13.40 1.64 0.85
C ALA A 87 11.95 2.08 1.04
N LYS A 88 11.30 2.69 0.03
CA LYS A 88 10.08 3.46 0.23
C LYS A 88 8.99 2.55 0.73
N MET A 89 8.79 1.43 0.05
CA MET A 89 7.75 0.48 0.37
C MET A 89 7.92 -0.15 1.76
N VAL A 90 9.14 -0.55 2.09
CA VAL A 90 9.50 -1.11 3.39
C VAL A 90 9.31 -0.08 4.52
N GLU A 91 9.62 1.19 4.25
CA GLU A 91 9.60 2.27 5.24
C GLU A 91 8.17 2.56 5.72
N LEU A 92 7.18 2.28 4.89
CA LEU A 92 5.81 2.71 5.07
C LEU A 92 5.00 1.75 5.94
N ARG A 93 5.60 0.74 6.59
CA ARG A 93 4.84 -0.13 7.52
C ARG A 93 4.08 0.69 8.56
N ALA A 94 4.74 1.69 9.18
CA ALA A 94 4.18 2.61 10.14
C ALA A 94 2.95 3.30 9.54
N THR A 95 3.17 4.11 8.50
CA THR A 95 2.17 4.88 7.78
C THR A 95 0.97 4.00 7.43
N ALA A 96 1.22 2.85 6.78
CA ALA A 96 0.21 1.91 6.32
C ALA A 96 -0.68 1.41 7.47
N ARG A 97 -0.14 1.20 8.68
CA ARG A 97 -0.99 0.86 9.82
C ARG A 97 -1.97 2.00 10.04
N GLU A 98 -1.47 3.21 10.24
CA GLU A 98 -2.31 4.30 10.68
C GLU A 98 -3.33 4.68 9.62
N GLN A 99 -3.04 4.52 8.32
CA GLN A 99 -4.02 4.76 7.27
C GLN A 99 -5.33 4.04 7.59
N ILE A 100 -5.32 2.72 7.85
CA ILE A 100 -6.52 1.95 8.18
C ILE A 100 -7.25 2.55 9.40
N ILE A 101 -6.50 2.85 10.46
CA ILE A 101 -7.01 3.38 11.71
C ILE A 101 -7.57 4.80 11.48
N SER A 102 -7.19 5.44 10.38
CA SER A 102 -7.49 6.80 10.02
C SER A 102 -8.36 6.83 8.73
N GLU A 103 -9.00 5.71 8.41
CA GLU A 103 -9.91 5.52 7.27
C GLU A 103 -11.21 4.86 7.73
N ILE A 104 -11.52 4.94 9.03
CA ILE A 104 -12.75 4.42 9.62
C ILE A 104 -13.95 5.07 8.94
N MET A 1 -9.59 -7.39 -7.32
CA MET A 1 -10.29 -8.24 -6.34
C MET A 1 -11.02 -7.35 -5.35
N THR A 2 -12.32 -7.55 -5.17
CA THR A 2 -13.22 -6.90 -4.21
C THR A 2 -13.20 -5.35 -4.24
N THR A 3 -14.07 -4.71 -3.45
CA THR A 3 -14.17 -3.26 -3.34
C THR A 3 -14.38 -2.95 -1.86
N PHE A 4 -13.29 -2.80 -1.11
CA PHE A 4 -13.31 -2.55 0.33
C PHE A 4 -12.31 -1.45 0.66
N ASP A 5 -12.81 -0.40 1.29
CA ASP A 5 -12.24 0.93 1.37
C ASP A 5 -13.19 1.77 2.22
N ASP A 6 -12.99 3.09 2.29
CA ASP A 6 -13.78 4.01 3.12
C ASP A 6 -13.65 3.63 4.62
N ARG A 7 -14.50 4.15 5.51
CA ARG A 7 -14.54 3.70 6.90
C ARG A 7 -15.33 2.41 6.99
N GLU A 8 -14.99 1.57 7.98
CA GLU A 8 -15.69 0.31 8.24
C GLU A 8 -16.78 0.55 9.30
N ARG A 9 -16.45 0.46 10.59
CA ARG A 9 -17.42 0.38 11.69
C ARG A 9 -16.80 1.03 12.93
N ALA A 10 -16.02 0.29 13.71
CA ALA A 10 -15.28 0.79 14.86
C ALA A 10 -14.22 -0.25 15.28
N HIS A 11 -13.07 -0.23 14.63
CA HIS A 11 -12.01 -1.21 14.85
C HIS A 11 -11.14 -0.95 16.09
N GLU A 12 -11.70 -0.41 17.19
CA GLU A 12 -10.92 -0.05 18.38
C GLU A 12 -10.42 -1.31 19.12
N ALA A 13 -11.20 -1.91 20.01
CA ALA A 13 -10.83 -3.14 20.72
C ALA A 13 -10.85 -4.36 19.80
N LYS A 14 -11.42 -4.21 18.60
CA LYS A 14 -11.57 -5.27 17.60
C LYS A 14 -10.26 -5.90 17.18
N PHE A 15 -9.13 -5.19 17.34
CA PHE A 15 -7.81 -5.71 17.02
C PHE A 15 -7.44 -6.96 17.82
N ALA A 16 -8.12 -7.24 18.94
CA ALA A 16 -8.04 -8.49 19.67
C ALA A 16 -9.45 -9.04 19.84
N HIS A 17 -10.16 -9.19 18.71
CA HIS A 17 -11.52 -9.68 18.68
C HIS A 17 -11.86 -10.29 17.31
N ASP A 18 -11.69 -9.55 16.20
CA ASP A 18 -12.27 -9.90 14.90
C ASP A 18 -11.17 -10.15 13.88
N ALA A 19 -11.18 -11.35 13.31
CA ALA A 19 -10.24 -11.83 12.30
C ALA A 19 -10.22 -10.93 11.05
N GLU A 20 -11.34 -10.31 10.68
CA GLU A 20 -11.45 -9.46 9.51
C GLU A 20 -10.55 -8.23 9.64
N LEU A 21 -10.70 -7.51 10.75
CA LEU A 21 -9.98 -6.27 11.02
C LEU A 21 -8.53 -6.61 11.31
N ASN A 22 -8.33 -7.70 12.04
CA ASN A 22 -7.05 -8.35 12.20
C ASN A 22 -6.35 -8.55 10.86
N PHE A 23 -7.02 -9.06 9.83
CA PHE A 23 -6.43 -9.24 8.49
C PHE A 23 -6.10 -7.88 7.87
N LYS A 24 -7.04 -6.93 7.89
CA LYS A 24 -6.81 -5.56 7.41
C LYS A 24 -5.54 -4.97 8.01
N ALA A 25 -5.32 -5.19 9.30
CA ALA A 25 -4.20 -4.68 10.06
C ALA A 25 -2.98 -5.59 10.10
N GLU A 26 -3.08 -6.83 9.62
CA GLU A 26 -1.99 -7.79 9.73
C GLU A 26 -0.82 -7.37 8.86
N ALA A 27 -1.17 -6.90 7.66
CA ALA A 27 -0.25 -6.82 6.55
C ALA A 27 -0.11 -5.37 6.22
N ARG A 28 -0.99 -4.79 5.40
CA ARG A 28 -1.11 -3.35 5.10
C ARG A 28 0.17 -2.58 4.75
N ARG A 29 1.36 -3.18 4.73
CA ARG A 29 2.64 -2.51 4.46
C ARG A 29 2.88 -2.31 2.97
N ASN A 30 1.91 -2.63 2.10
CA ASN A 30 2.01 -2.44 0.67
C ASN A 30 0.78 -1.73 0.10
N ARG A 31 -0.41 -1.83 0.73
CA ARG A 31 -1.64 -1.11 0.32
C ARG A 31 -1.28 0.35 0.06
N LEU A 32 -0.67 0.94 1.09
CA LEU A 32 -0.29 2.34 1.15
C LEU A 32 0.71 2.80 0.09
N LEU A 33 1.35 1.88 -0.62
CA LEU A 33 2.44 2.18 -1.54
C LEU A 33 1.90 2.88 -2.78
N GLY A 34 0.67 2.55 -3.19
CA GLY A 34 -0.01 3.24 -4.27
C GLY A 34 -0.27 4.70 -3.92
N GLU A 35 -0.56 5.01 -2.64
CA GLU A 35 -0.96 6.35 -2.20
C GLU A 35 0.17 7.37 -2.40
N TRP A 36 1.43 6.90 -2.53
CA TRP A 36 2.56 7.73 -2.93
C TRP A 36 2.45 8.01 -4.43
N ALA A 37 2.76 7.00 -5.25
CA ALA A 37 2.88 7.12 -6.70
C ALA A 37 1.64 7.70 -7.35
N ALA A 38 0.44 7.52 -6.80
CA ALA A 38 -0.76 8.22 -7.21
C ALA A 38 -0.49 9.72 -7.42
N GLY A 39 0.06 10.40 -6.41
CA GLY A 39 0.32 11.84 -6.46
C GLY A 39 1.34 12.19 -7.55
N LEU A 40 2.32 11.33 -7.82
CA LEU A 40 3.28 11.46 -8.90
C LEU A 40 2.57 11.33 -10.25
N LEU A 41 1.76 10.28 -10.41
CA LEU A 41 0.99 9.99 -11.62
C LEU A 41 -0.05 11.05 -11.93
N GLY A 42 -0.56 11.75 -10.92
CA GLY A 42 -1.57 12.79 -11.05
C GLY A 42 -2.94 12.37 -10.51
N LYS A 43 -2.99 11.36 -9.65
CA LYS A 43 -4.19 10.85 -9.01
C LYS A 43 -4.18 11.30 -7.56
N THR A 44 -5.31 11.77 -7.07
CA THR A 44 -5.46 12.30 -5.72
C THR A 44 -6.77 11.80 -5.13
N GLY A 45 -6.86 11.72 -3.79
CA GLY A 45 -8.10 11.39 -3.13
C GLY A 45 -8.74 10.14 -3.72
N ASP A 46 -9.94 10.31 -4.27
CA ASP A 46 -10.76 9.24 -4.86
C ASP A 46 -10.06 8.49 -6.00
N ASP A 47 -9.27 9.21 -6.82
CA ASP A 47 -8.50 8.63 -7.91
C ASP A 47 -7.39 7.74 -7.35
N ALA A 48 -6.68 8.25 -6.35
CA ALA A 48 -5.62 7.54 -5.65
C ALA A 48 -6.19 6.35 -4.89
N ARG A 49 -7.43 6.43 -4.38
CA ARG A 49 -8.10 5.36 -3.67
C ARG A 49 -8.15 4.09 -4.50
N ALA A 50 -8.63 4.18 -5.73
CA ALA A 50 -8.73 3.02 -6.61
C ALA A 50 -7.36 2.41 -6.89
N TYR A 51 -6.37 3.27 -7.10
CA TYR A 51 -5.00 2.84 -7.34
C TYR A 51 -4.41 2.15 -6.11
N ALA A 52 -4.74 2.64 -4.90
CA ALA A 52 -4.32 2.08 -3.63
C ALA A 52 -4.95 0.70 -3.35
N LEU A 53 -5.81 0.19 -4.24
CA LEU A 53 -6.50 -1.09 -4.13
C LEU A 53 -5.91 -2.13 -5.09
N THR A 54 -4.80 -1.81 -5.76
CA THR A 54 -4.23 -2.67 -6.79
C THR A 54 -2.68 -2.71 -6.75
N VAL A 55 -2.03 -2.36 -5.64
CA VAL A 55 -0.57 -2.42 -5.52
C VAL A 55 -0.24 -3.14 -4.21
N VAL A 56 -0.40 -4.46 -4.16
CA VAL A 56 -0.03 -5.29 -3.00
C VAL A 56 0.52 -6.62 -3.51
N THR A 57 1.73 -6.94 -3.07
CA THR A 57 2.34 -8.23 -3.25
C THR A 57 3.37 -8.37 -2.12
N SER A 58 4.29 -7.42 -2.01
CA SER A 58 5.48 -7.54 -1.20
C SER A 58 6.32 -8.70 -1.71
N ASP A 59 7.20 -8.39 -2.67
CA ASP A 59 8.45 -9.10 -2.78
C ASP A 59 9.50 -8.11 -3.28
N PHE A 60 10.76 -8.40 -3.05
CA PHE A 60 11.94 -7.73 -3.58
C PHE A 60 13.07 -8.76 -3.44
N ASP A 61 14.35 -8.37 -3.55
CA ASP A 61 15.48 -9.31 -3.44
C ASP A 61 15.46 -10.27 -4.63
N GLU A 62 16.04 -11.49 -4.54
CA GLU A 62 16.07 -12.46 -5.66
C GLU A 62 16.93 -11.92 -6.84
N PRO A 63 17.30 -12.73 -7.86
CA PRO A 63 17.76 -12.18 -9.14
C PRO A 63 16.63 -11.36 -9.78
N GLY A 64 16.91 -10.66 -10.88
CA GLY A 64 15.95 -9.80 -11.55
C GLY A 64 14.85 -10.63 -12.19
N ASP A 65 13.73 -10.85 -11.48
CA ASP A 65 12.56 -11.55 -12.01
C ASP A 65 11.58 -10.58 -12.65
N GLU A 66 11.73 -9.28 -12.40
CA GLU A 66 10.89 -8.19 -12.88
C GLU A 66 9.40 -8.49 -12.66
N ASP A 67 9.04 -8.75 -11.41
CA ASP A 67 7.66 -9.10 -11.06
C ASP A 67 7.01 -7.98 -10.26
N VAL A 68 7.59 -7.62 -9.11
CA VAL A 68 7.00 -6.62 -8.21
C VAL A 68 7.39 -5.20 -8.65
N PHE A 69 8.64 -5.00 -9.05
CA PHE A 69 9.12 -3.70 -9.50
C PHE A 69 8.57 -3.34 -10.90
N ARG A 70 8.22 -4.34 -11.72
CA ARG A 70 7.79 -4.19 -13.12
C ARG A 70 6.79 -3.05 -13.32
N LYS A 71 5.61 -3.28 -12.76
CA LYS A 71 4.45 -2.40 -12.84
C LYS A 71 4.82 -1.02 -12.36
N LEU A 72 5.50 -0.96 -11.22
CA LEU A 72 5.91 0.24 -10.54
C LEU A 72 6.73 1.13 -11.48
N ALA A 73 7.83 0.59 -12.02
CA ALA A 73 8.74 1.35 -12.86
C ALA A 73 8.06 1.77 -14.16
N ALA A 74 7.20 0.93 -14.73
CA ALA A 74 6.44 1.25 -15.92
C ALA A 74 5.49 2.44 -15.67
N ASP A 75 4.76 2.41 -14.55
CA ASP A 75 3.81 3.45 -14.15
C ASP A 75 4.56 4.75 -13.92
N LEU A 76 5.65 4.68 -13.15
CA LEU A 76 6.28 5.79 -12.46
C LEU A 76 7.51 6.34 -13.18
N GLU A 77 7.67 5.97 -14.45
CA GLU A 77 8.78 6.25 -15.32
C GLU A 77 9.16 7.73 -15.25
N GLY A 78 10.40 7.98 -14.85
CA GLY A 78 11.00 9.31 -14.80
C GLY A 78 10.72 10.05 -13.48
N LYS A 79 9.96 9.45 -12.57
CA LYS A 79 9.51 10.09 -11.32
C LYS A 79 9.93 9.25 -10.11
N ALA A 80 10.60 8.11 -10.32
CA ALA A 80 11.20 7.29 -9.29
C ALA A 80 12.44 6.59 -9.84
N ASP A 81 13.13 5.86 -8.98
CA ASP A 81 14.39 5.16 -9.25
C ASP A 81 14.26 3.77 -8.62
N GLU A 82 15.11 2.85 -9.05
CA GLU A 82 15.17 1.47 -8.55
C GLU A 82 15.34 1.45 -7.03
N GLU A 83 16.37 2.11 -6.50
CA GLU A 83 16.59 2.11 -5.05
C GLU A 83 15.50 2.91 -4.34
N THR A 84 14.95 3.94 -4.98
CA THR A 84 13.91 4.74 -4.40
C THR A 84 12.66 3.91 -4.21
N ILE A 85 12.29 3.02 -5.15
CA ILE A 85 11.16 2.12 -5.00
C ILE A 85 11.45 1.14 -3.87
N ARG A 86 12.63 0.53 -3.86
CA ARG A 86 12.93 -0.49 -2.86
C ARG A 86 12.92 0.12 -1.46
N ALA A 87 13.41 1.34 -1.33
CA ALA A 87 13.38 2.11 -0.11
C ALA A 87 11.93 2.44 0.24
N LYS A 88 11.16 3.05 -0.67
CA LYS A 88 9.83 3.59 -0.38
C LYS A 88 8.97 2.54 0.30
N MET A 89 8.88 1.34 -0.28
CA MET A 89 8.00 0.32 0.29
C MET A 89 8.42 -0.11 1.69
N VAL A 90 9.72 -0.06 1.99
CA VAL A 90 10.27 -0.34 3.32
C VAL A 90 10.10 0.87 4.25
N GLU A 91 10.06 2.12 3.77
CA GLU A 91 9.90 3.31 4.62
C GLU A 91 8.65 3.17 5.49
N LEU A 92 7.50 2.86 4.87
CA LEU A 92 6.22 2.83 5.57
C LEU A 92 6.08 1.58 6.48
N ARG A 93 7.10 0.75 6.63
CA ARG A 93 7.06 -0.53 7.36
C ARG A 93 6.39 -0.40 8.73
N ALA A 94 6.67 0.68 9.48
CA ALA A 94 5.98 0.97 10.74
C ALA A 94 4.81 1.96 10.58
N THR A 95 4.85 2.85 9.59
CA THR A 95 3.75 3.81 9.32
C THR A 95 2.45 3.08 9.03
N ALA A 96 2.52 1.92 8.37
CA ALA A 96 1.36 1.14 7.96
C ALA A 96 0.41 0.86 9.14
N ARG A 97 0.95 0.47 10.30
CA ARG A 97 0.12 0.15 11.46
C ARG A 97 -0.62 1.37 12.00
N GLU A 98 -0.08 2.58 11.81
CA GLU A 98 -0.69 3.79 12.31
C GLU A 98 -1.80 4.21 11.36
N GLN A 99 -1.60 4.05 10.05
CA GLN A 99 -2.55 4.47 9.03
C GLN A 99 -3.93 3.86 9.22
N ILE A 100 -4.06 2.56 9.51
CA ILE A 100 -5.38 1.95 9.75
C ILE A 100 -6.11 2.72 10.86
N ILE A 101 -5.40 2.94 11.98
CA ILE A 101 -5.89 3.66 13.15
C ILE A 101 -6.04 5.18 12.85
N SER A 102 -5.59 5.64 11.69
CA SER A 102 -5.66 7.01 11.21
C SER A 102 -6.53 7.10 9.94
N GLU A 103 -7.41 6.14 9.69
CA GLU A 103 -8.36 6.07 8.59
C GLU A 103 -9.79 6.02 9.17
N ILE A 104 -9.94 6.32 10.47
CA ILE A 104 -11.22 6.37 11.14
C ILE A 104 -11.90 7.68 10.77
N MET A 1 -9.82 -2.24 -1.18
CA MET A 1 -11.05 -3.07 -1.09
C MET A 1 -10.88 -4.01 0.09
N THR A 2 -11.96 -4.45 0.74
CA THR A 2 -11.85 -5.04 2.07
C THR A 2 -12.69 -6.33 2.20
N THR A 3 -13.04 -6.94 1.05
CA THR A 3 -14.01 -8.04 0.94
C THR A 3 -15.40 -7.57 1.37
N PHE A 4 -16.36 -8.49 1.45
CA PHE A 4 -17.65 -8.30 2.08
C PHE A 4 -17.44 -7.95 3.56
N ASP A 5 -18.40 -7.24 4.16
CA ASP A 5 -18.68 -7.35 5.58
C ASP A 5 -19.63 -8.52 5.79
N ASP A 6 -19.63 -9.08 7.00
CA ASP A 6 -20.46 -10.21 7.39
C ASP A 6 -20.77 -10.02 8.88
N ARG A 7 -19.71 -9.98 9.69
CA ARG A 7 -19.67 -9.45 11.06
C ARG A 7 -20.20 -8.02 11.13
N GLU A 8 -20.50 -7.55 12.34
CA GLU A 8 -20.91 -6.18 12.59
C GLU A 8 -19.73 -5.22 12.36
N ARG A 9 -18.83 -5.08 13.33
CA ARG A 9 -17.96 -3.90 13.45
C ARG A 9 -16.62 -4.31 14.04
N ALA A 10 -16.62 -4.65 15.33
CA ALA A 10 -15.47 -5.00 16.15
C ALA A 10 -14.30 -4.03 15.92
N HIS A 11 -14.46 -2.83 16.47
CA HIS A 11 -13.52 -1.72 16.44
C HIS A 11 -13.40 -1.16 17.86
N GLU A 12 -12.87 0.05 18.04
CA GLU A 12 -12.63 0.70 19.33
C GLU A 12 -11.88 -0.24 20.31
N ALA A 13 -10.56 -0.31 20.15
CA ALA A 13 -9.64 -1.16 20.90
C ALA A 13 -9.93 -2.66 20.71
N LYS A 14 -10.27 -3.08 19.49
CA LYS A 14 -10.62 -4.45 19.14
C LYS A 14 -9.53 -5.13 18.32
N PHE A 15 -8.50 -4.41 17.86
CA PHE A 15 -7.36 -4.94 17.11
C PHE A 15 -6.67 -6.14 17.81
N ALA A 16 -6.70 -6.15 19.14
CA ALA A 16 -6.11 -7.21 19.96
C ALA A 16 -6.82 -8.56 19.82
N HIS A 17 -7.96 -8.59 19.13
CA HIS A 17 -8.83 -9.74 18.95
C HIS A 17 -8.87 -10.05 17.46
N ASP A 18 -9.29 -11.28 17.12
CA ASP A 18 -9.44 -11.76 15.74
C ASP A 18 -8.10 -11.64 15.02
N ALA A 19 -8.10 -11.59 13.69
CA ALA A 19 -7.00 -11.06 12.89
C ALA A 19 -7.57 -10.18 11.78
N GLU A 20 -8.75 -10.50 11.23
CA GLU A 20 -9.44 -9.73 10.19
C GLU A 20 -9.46 -8.23 10.51
N LEU A 21 -9.68 -7.87 11.77
CA LEU A 21 -9.81 -6.48 12.19
C LEU A 21 -8.51 -5.72 12.01
N ASN A 22 -7.38 -6.39 12.31
CA ASN A 22 -6.03 -5.89 12.09
C ASN A 22 -5.64 -6.00 10.61
N PHE A 23 -6.25 -6.95 9.88
CA PHE A 23 -5.85 -7.34 8.53
C PHE A 23 -5.83 -6.12 7.59
N LYS A 24 -6.80 -5.22 7.72
CA LYS A 24 -6.83 -3.99 6.92
C LYS A 24 -5.53 -3.20 7.08
N ALA A 25 -5.04 -3.03 8.31
CA ALA A 25 -3.81 -2.31 8.64
C ALA A 25 -2.59 -3.04 8.08
N GLU A 26 -2.39 -4.30 8.46
CA GLU A 26 -1.21 -5.05 8.04
C GLU A 26 -1.22 -5.38 6.53
N ALA A 27 -2.27 -5.02 5.80
CA ALA A 27 -2.39 -5.08 4.35
C ALA A 27 -2.56 -3.69 3.69
N ARG A 28 -2.37 -2.57 4.40
CA ARG A 28 -2.41 -1.22 3.80
C ARG A 28 -1.17 -0.92 2.95
N ARG A 29 -0.12 -1.72 3.12
CA ARG A 29 1.26 -1.47 2.71
C ARG A 29 1.36 -0.95 1.27
N ASN A 30 1.14 -1.76 0.25
CA ASN A 30 1.29 -1.31 -1.15
C ASN A 30 0.14 -0.41 -1.61
N ARG A 31 -0.93 -0.18 -0.83
CA ARG A 31 -2.09 0.63 -1.26
C ARG A 31 -1.75 2.12 -1.31
N LEU A 32 -0.92 2.57 -0.37
CA LEU A 32 -0.58 3.98 -0.24
C LEU A 32 0.53 4.42 -1.22
N LEU A 33 1.21 3.48 -1.89
CA LEU A 33 2.40 3.69 -2.72
C LEU A 33 2.15 4.50 -3.98
N GLY A 34 0.91 4.56 -4.47
CA GLY A 34 0.62 5.31 -5.69
C GLY A 34 0.74 6.81 -5.45
N GLU A 35 0.42 7.27 -4.24
CA GLU A 35 0.34 8.68 -3.90
C GLU A 35 1.70 9.38 -4.02
N TRP A 36 2.77 8.63 -3.72
CA TRP A 36 4.15 9.01 -3.99
C TRP A 36 4.29 9.24 -5.49
N ALA A 37 4.38 8.15 -6.24
CA ALA A 37 4.75 8.10 -7.64
C ALA A 37 3.84 8.95 -8.52
N ALA A 38 2.57 9.16 -8.17
CA ALA A 38 1.65 10.02 -8.92
C ALA A 38 2.30 11.36 -9.29
N GLY A 39 2.83 12.11 -8.30
CA GLY A 39 3.45 13.41 -8.56
C GLY A 39 4.61 13.28 -9.56
N LEU A 40 5.40 12.21 -9.43
CA LEU A 40 6.52 11.89 -10.28
C LEU A 40 6.03 11.62 -11.71
N LEU A 41 4.92 10.89 -11.86
CA LEU A 41 4.19 10.62 -13.10
C LEU A 41 3.47 11.86 -13.66
N GLY A 42 3.57 12.98 -12.97
CA GLY A 42 2.95 14.24 -13.33
C GLY A 42 1.44 14.23 -13.13
N LYS A 43 0.93 13.39 -12.22
CA LYS A 43 -0.46 13.33 -11.81
C LYS A 43 -0.57 13.91 -10.40
N THR A 44 -1.70 14.53 -10.07
CA THR A 44 -1.98 14.96 -8.70
C THR A 44 -3.46 14.79 -8.38
N GLY A 45 -3.77 14.88 -7.10
CA GLY A 45 -5.12 14.99 -6.58
C GLY A 45 -5.90 13.70 -6.83
N ASP A 46 -6.91 13.82 -7.67
CA ASP A 46 -7.87 12.74 -7.89
C ASP A 46 -7.27 11.60 -8.68
N ASP A 47 -6.49 11.92 -9.72
CA ASP A 47 -5.83 10.90 -10.54
C ASP A 47 -4.77 10.17 -9.72
N ALA A 48 -4.09 10.90 -8.82
CA ALA A 48 -3.15 10.31 -7.88
C ALA A 48 -3.86 9.29 -6.98
N ARG A 49 -5.05 9.63 -6.48
CA ARG A 49 -5.85 8.78 -5.63
C ARG A 49 -6.27 7.55 -6.43
N ALA A 50 -6.79 7.73 -7.64
CA ALA A 50 -7.31 6.63 -8.45
C ALA A 50 -6.19 5.67 -8.81
N TYR A 51 -5.04 6.17 -9.28
CA TYR A 51 -3.84 5.38 -9.52
C TYR A 51 -3.50 4.56 -8.28
N ALA A 52 -3.41 5.22 -7.11
CA ALA A 52 -3.12 4.56 -5.85
C ALA A 52 -4.10 3.44 -5.51
N LEU A 53 -5.34 3.48 -6.00
CA LEU A 53 -6.35 2.49 -5.65
C LEU A 53 -6.12 1.17 -6.38
N THR A 54 -5.33 1.13 -7.45
CA THR A 54 -5.19 -0.06 -8.29
C THR A 54 -3.72 -0.55 -8.37
N VAL A 55 -2.75 0.20 -7.84
CA VAL A 55 -1.31 -0.07 -7.93
C VAL A 55 -0.78 -1.25 -7.06
N VAL A 56 -1.62 -1.99 -6.34
CA VAL A 56 -1.18 -2.95 -5.33
C VAL A 56 -0.68 -4.23 -6.01
N THR A 57 0.63 -4.44 -5.94
CA THR A 57 1.30 -5.61 -6.48
C THR A 57 1.16 -6.80 -5.53
N SER A 58 2.05 -6.93 -4.54
CA SER A 58 2.11 -8.04 -3.60
C SER A 58 2.93 -7.56 -2.39
N ASP A 59 4.26 -7.68 -2.41
CA ASP A 59 5.16 -7.14 -1.39
C ASP A 59 6.63 -7.24 -1.83
N PHE A 60 7.51 -6.49 -1.18
CA PHE A 60 8.95 -6.53 -1.39
C PHE A 60 9.62 -7.66 -0.59
N ASP A 61 10.96 -7.72 -0.66
CA ASP A 61 11.85 -8.81 -0.24
C ASP A 61 11.77 -9.96 -1.24
N GLU A 62 12.47 -11.06 -0.97
CA GLU A 62 12.34 -12.36 -1.61
C GLU A 62 12.73 -12.31 -3.11
N PRO A 63 14.04 -12.33 -3.43
CA PRO A 63 14.52 -12.18 -4.79
C PRO A 63 14.15 -13.40 -5.62
N GLY A 64 13.04 -13.33 -6.37
CA GLY A 64 12.62 -14.39 -7.25
C GLY A 64 11.31 -14.06 -7.94
N ASP A 65 10.31 -13.64 -7.15
CA ASP A 65 8.92 -13.46 -7.56
C ASP A 65 8.83 -12.59 -8.81
N GLU A 66 9.52 -11.44 -8.78
CA GLU A 66 9.40 -10.38 -9.75
C GLU A 66 7.94 -9.88 -9.77
N ASP A 67 7.60 -9.15 -10.82
CA ASP A 67 6.37 -8.41 -11.08
C ASP A 67 6.21 -7.21 -10.15
N VAL A 68 6.39 -7.35 -8.83
CA VAL A 68 6.32 -6.29 -7.84
C VAL A 68 7.16 -5.06 -8.27
N PHE A 69 8.48 -5.24 -8.42
CA PHE A 69 9.39 -4.20 -8.88
C PHE A 69 9.16 -3.90 -10.35
N ARG A 70 8.98 -4.94 -11.18
CA ARG A 70 8.90 -4.83 -12.64
C ARG A 70 7.87 -3.78 -13.04
N LYS A 71 6.67 -3.88 -12.48
CA LYS A 71 5.56 -3.01 -12.83
C LYS A 71 5.83 -1.58 -12.39
N LEU A 72 6.45 -1.36 -11.22
CA LEU A 72 6.83 -0.03 -10.81
C LEU A 72 7.88 0.53 -11.76
N ALA A 73 8.98 -0.17 -12.01
CA ALA A 73 10.06 0.34 -12.87
C ALA A 73 9.59 0.58 -14.32
N ALA A 74 8.50 -0.07 -14.74
CA ALA A 74 7.79 0.25 -15.96
C ALA A 74 7.08 1.60 -15.83
N ASP A 75 6.11 1.71 -14.91
CA ASP A 75 5.26 2.92 -14.76
C ASP A 75 6.06 4.16 -14.30
N LEU A 76 7.22 3.93 -13.70
CA LEU A 76 8.08 4.90 -13.03
C LEU A 76 9.41 5.07 -13.80
N GLU A 77 9.44 4.68 -15.07
CA GLU A 77 10.51 4.91 -16.02
C GLU A 77 10.86 6.40 -16.03
N GLY A 78 12.04 6.77 -15.52
CA GLY A 78 12.54 8.15 -15.47
C GLY A 78 12.25 8.87 -14.16
N LYS A 79 11.59 8.20 -13.21
CA LYS A 79 11.24 8.69 -11.89
C LYS A 79 11.66 7.72 -10.78
N ALA A 80 12.39 6.65 -11.10
CA ALA A 80 12.89 5.69 -10.11
C ALA A 80 14.36 5.35 -10.36
N ASP A 81 14.89 4.54 -9.46
CA ASP A 81 16.06 3.72 -9.69
C ASP A 81 15.80 2.37 -9.08
N GLU A 82 16.71 1.48 -9.44
CA GLU A 82 16.77 0.08 -9.05
C GLU A 82 17.05 -0.05 -7.54
N GLU A 83 17.57 0.98 -6.88
CA GLU A 83 17.82 0.97 -5.44
C GLU A 83 16.87 1.91 -4.69
N THR A 84 16.08 2.72 -5.40
CA THR A 84 15.13 3.64 -4.80
C THR A 84 13.81 2.94 -4.49
N ILE A 85 13.29 2.07 -5.37
CA ILE A 85 12.02 1.38 -5.11
C ILE A 85 12.13 0.55 -3.83
N ARG A 86 13.24 -0.19 -3.65
CA ARG A 86 13.42 -0.98 -2.44
C ARG A 86 13.40 -0.11 -1.18
N ALA A 87 13.71 1.18 -1.28
CA ALA A 87 13.74 2.07 -0.16
C ALA A 87 12.42 2.82 0.01
N LYS A 88 11.46 2.69 -0.90
CA LYS A 88 10.12 3.27 -0.73
C LYS A 88 9.19 2.26 -0.10
N MET A 89 8.90 1.15 -0.79
CA MET A 89 7.73 0.35 -0.42
C MET A 89 7.88 -0.26 0.98
N VAL A 90 9.11 -0.53 1.41
CA VAL A 90 9.46 -1.05 2.73
C VAL A 90 9.07 -0.05 3.83
N GLU A 91 9.42 1.24 3.68
CA GLU A 91 9.28 2.22 4.77
C GLU A 91 7.83 2.35 5.22
N LEU A 92 6.93 2.44 4.24
CA LEU A 92 5.53 2.81 4.42
C LEU A 92 4.76 1.69 5.08
N ARG A 93 5.42 0.57 5.38
CA ARG A 93 4.94 -0.46 6.28
C ARG A 93 4.49 0.16 7.60
N ALA A 94 5.21 1.15 8.13
CA ALA A 94 4.80 1.84 9.36
C ALA A 94 3.49 2.61 9.13
N THR A 95 3.47 3.47 8.11
CA THR A 95 2.34 4.29 7.71
C THR A 95 1.07 3.44 7.48
N ALA A 96 1.24 2.19 7.03
CA ALA A 96 0.16 1.27 6.75
C ALA A 96 -0.73 1.02 7.96
N ARG A 97 -0.16 0.61 9.10
CA ARG A 97 -0.97 0.37 10.30
C ARG A 97 -1.50 1.68 10.86
N GLU A 98 -0.69 2.74 10.81
CA GLU A 98 -1.03 4.01 11.40
C GLU A 98 -2.31 4.58 10.82
N GLN A 99 -2.47 4.57 9.49
CA GLN A 99 -3.63 5.21 8.88
C GLN A 99 -4.95 4.61 9.35
N ILE A 100 -4.99 3.32 9.68
CA ILE A 100 -6.22 2.71 10.17
C ILE A 100 -6.48 3.15 11.62
N ILE A 101 -5.43 3.28 12.42
CA ILE A 101 -5.50 3.74 13.80
C ILE A 101 -5.72 5.27 13.81
N SER A 102 -5.54 5.93 12.67
CA SER A 102 -5.82 7.35 12.47
C SER A 102 -7.30 7.51 12.11
N GLU A 103 -7.82 6.62 11.27
CA GLU A 103 -9.13 6.73 10.64
C GLU A 103 -9.88 5.43 10.89
N ILE A 104 -10.20 5.14 12.17
CA ILE A 104 -10.98 3.98 12.55
C ILE A 104 -12.31 4.06 11.80
N MET A 1 -12.57 -10.34 -1.92
CA MET A 1 -12.79 -11.24 -0.78
C MET A 1 -13.55 -10.46 0.27
N THR A 2 -14.88 -10.58 0.23
CA THR A 2 -15.83 -9.66 0.86
C THR A 2 -16.40 -10.23 2.17
N THR A 3 -16.44 -11.56 2.32
CA THR A 3 -16.88 -12.26 3.53
C THR A 3 -18.18 -11.68 4.13
N PHE A 4 -19.17 -11.40 3.27
CA PHE A 4 -20.38 -10.62 3.56
C PHE A 4 -20.05 -9.32 4.30
N ASP A 5 -19.42 -8.36 3.60
CA ASP A 5 -19.02 -7.08 4.17
C ASP A 5 -20.24 -6.33 4.67
N ASP A 6 -20.09 -5.66 5.79
CA ASP A 6 -21.21 -5.01 6.44
C ASP A 6 -20.74 -3.83 7.25
N ARG A 7 -20.30 -4.03 8.50
CA ARG A 7 -19.92 -2.98 9.44
C ARG A 7 -18.44 -3.19 9.76
N GLU A 8 -17.64 -3.11 8.70
CA GLU A 8 -16.20 -3.38 8.75
C GLU A 8 -15.45 -2.34 9.59
N ARG A 9 -15.98 -1.11 9.63
CA ARG A 9 -15.45 0.02 10.38
C ARG A 9 -15.52 -0.17 11.91
N ALA A 10 -15.35 0.93 12.63
CA ALA A 10 -15.30 1.02 14.09
C ALA A 10 -14.20 0.13 14.66
N HIS A 11 -13.01 0.21 14.07
CA HIS A 11 -11.80 -0.37 14.68
C HIS A 11 -11.38 0.29 16.00
N GLU A 12 -12.12 1.28 16.50
CA GLU A 12 -11.90 2.03 17.73
C GLU A 12 -11.69 1.07 18.91
N ALA A 13 -10.42 0.83 19.27
CA ALA A 13 -9.99 -0.18 20.24
C ALA A 13 -10.49 -1.61 19.99
N LYS A 14 -11.07 -1.90 18.83
CA LYS A 14 -11.55 -3.22 18.43
C LYS A 14 -10.45 -4.10 17.83
N PHE A 15 -9.22 -3.61 17.63
CA PHE A 15 -8.14 -4.44 17.04
C PHE A 15 -7.92 -5.75 17.82
N ALA A 16 -8.16 -5.73 19.13
CA ALA A 16 -8.00 -6.89 20.00
C ALA A 16 -9.16 -7.91 19.89
N HIS A 17 -10.11 -7.72 18.97
CA HIS A 17 -11.30 -8.55 18.80
C HIS A 17 -11.63 -8.68 17.31
N ASP A 18 -12.66 -9.46 16.98
CA ASP A 18 -13.32 -9.51 15.67
C ASP A 18 -12.37 -9.95 14.55
N ALA A 19 -12.83 -9.86 13.31
CA ALA A 19 -12.03 -10.08 12.11
C ALA A 19 -11.99 -8.81 11.27
N GLU A 20 -13.10 -8.05 11.24
CA GLU A 20 -13.34 -6.89 10.40
C GLU A 20 -12.15 -5.91 10.38
N LEU A 21 -11.62 -5.56 11.55
CA LEU A 21 -10.55 -4.61 11.70
C LEU A 21 -9.20 -5.23 11.30
N ASN A 22 -8.97 -6.46 11.77
CA ASN A 22 -7.77 -7.24 11.48
C ASN A 22 -7.60 -7.40 9.98
N PHE A 23 -8.67 -7.73 9.26
CA PHE A 23 -8.67 -7.97 7.82
C PHE A 23 -8.03 -6.78 7.09
N LYS A 24 -8.45 -5.56 7.42
CA LYS A 24 -7.82 -4.34 6.94
C LYS A 24 -6.36 -4.28 7.40
N ALA A 25 -6.15 -4.33 8.72
CA ALA A 25 -4.88 -3.98 9.34
C ALA A 25 -3.77 -5.01 9.10
N GLU A 26 -4.11 -6.20 8.68
CA GLU A 26 -3.23 -7.23 8.14
C GLU A 26 -2.58 -6.71 6.87
N ALA A 27 -3.39 -6.20 5.95
CA ALA A 27 -3.14 -6.33 4.53
C ALA A 27 -2.44 -5.14 3.89
N ARG A 28 -1.82 -4.26 4.69
CA ARG A 28 -1.59 -2.86 4.32
C ARG A 28 -0.14 -2.46 4.04
N ARG A 29 0.87 -3.31 4.25
CA ARG A 29 2.28 -2.91 4.18
C ARG A 29 2.76 -2.41 2.82
N ASN A 30 2.01 -2.68 1.75
CA ASN A 30 2.23 -2.19 0.40
C ASN A 30 1.07 -1.31 -0.10
N ARG A 31 -0.12 -1.29 0.55
CA ARG A 31 -1.28 -0.53 0.03
C ARG A 31 -1.05 0.98 -0.02
N LEU A 32 0.05 1.47 0.54
CA LEU A 32 0.46 2.86 0.59
C LEU A 32 1.57 3.23 -0.39
N LEU A 33 2.12 2.28 -1.12
CA LEU A 33 3.23 2.49 -2.03
C LEU A 33 2.83 3.35 -3.23
N GLY A 34 1.59 3.19 -3.69
CA GLY A 34 0.94 4.10 -4.62
C GLY A 34 0.90 5.51 -4.06
N GLU A 35 0.59 5.69 -2.76
CA GLU A 35 0.44 7.01 -2.15
C GLU A 35 1.76 7.78 -2.12
N TRP A 36 2.89 7.11 -2.31
CA TRP A 36 4.16 7.74 -2.62
C TRP A 36 4.20 8.07 -4.12
N ALA A 37 4.16 7.05 -4.98
CA ALA A 37 4.29 7.15 -6.43
C ALA A 37 3.33 8.16 -7.08
N ALA A 38 2.16 8.38 -6.49
CA ALA A 38 1.11 9.25 -6.99
C ALA A 38 1.64 10.65 -7.29
N GLY A 39 2.17 11.36 -6.30
CA GLY A 39 2.66 12.73 -6.47
C GLY A 39 3.86 12.82 -7.42
N LEU A 40 4.51 11.70 -7.73
CA LEU A 40 5.59 11.60 -8.72
C LEU A 40 4.98 11.62 -10.12
N LEU A 41 3.90 10.86 -10.33
CA LEU A 41 2.98 10.92 -11.48
C LEU A 41 2.11 12.21 -11.44
N GLY A 42 2.30 13.07 -10.46
CA GLY A 42 1.55 14.30 -10.24
C GLY A 42 0.11 14.08 -9.74
N LYS A 43 -0.31 12.83 -9.53
CA LYS A 43 -1.58 12.45 -8.95
C LYS A 43 -1.58 12.93 -7.51
N THR A 44 -2.59 13.67 -7.10
CA THR A 44 -2.68 14.19 -5.75
C THR A 44 -4.13 14.10 -5.27
N GLY A 45 -4.35 13.88 -3.97
CA GLY A 45 -5.68 13.96 -3.40
C GLY A 45 -6.44 12.66 -3.62
N ASP A 46 -7.66 12.76 -4.13
CA ASP A 46 -8.50 11.60 -4.41
C ASP A 46 -7.93 10.82 -5.60
N ASP A 47 -7.22 11.51 -6.51
CA ASP A 47 -6.55 10.92 -7.67
C ASP A 47 -5.48 9.94 -7.24
N ALA A 48 -4.73 10.34 -6.21
CA ALA A 48 -3.76 9.50 -5.55
C ALA A 48 -4.52 8.37 -4.86
N ARG A 49 -5.46 8.68 -3.97
CA ARG A 49 -6.17 7.66 -3.19
C ARG A 49 -6.71 6.54 -4.08
N ALA A 50 -7.44 6.88 -5.14
CA ALA A 50 -8.04 5.94 -6.07
C ALA A 50 -6.98 5.10 -6.80
N TYR A 51 -5.85 5.72 -7.17
CA TYR A 51 -4.70 5.02 -7.77
C TYR A 51 -4.13 4.00 -6.78
N ALA A 52 -3.96 4.36 -5.50
CA ALA A 52 -3.36 3.46 -4.52
C ALA A 52 -4.18 2.19 -4.29
N LEU A 53 -5.50 2.22 -4.47
CA LEU A 53 -6.33 1.05 -4.27
C LEU A 53 -5.86 -0.07 -5.22
N THR A 54 -5.70 0.25 -6.51
CA THR A 54 -5.25 -0.66 -7.56
C THR A 54 -3.72 -0.92 -7.49
N VAL A 55 -3.02 -0.42 -6.46
CA VAL A 55 -1.59 -0.58 -6.24
C VAL A 55 -1.39 -1.31 -4.90
N VAL A 56 -1.26 -2.63 -4.95
CA VAL A 56 -0.57 -3.41 -3.93
C VAL A 56 0.20 -4.51 -4.67
N THR A 57 1.24 -5.06 -4.05
CA THR A 57 2.10 -6.12 -4.58
C THR A 57 3.02 -6.56 -3.43
N SER A 58 4.01 -7.40 -3.70
CA SER A 58 4.94 -7.94 -2.71
C SER A 58 6.38 -7.85 -3.22
N ASP A 59 6.76 -6.68 -3.75
CA ASP A 59 8.08 -6.46 -4.34
C ASP A 59 9.21 -6.69 -3.35
N PHE A 60 10.35 -7.14 -3.89
CA PHE A 60 11.58 -7.58 -3.26
C PHE A 60 11.34 -8.67 -2.21
N ASP A 61 12.39 -9.43 -1.92
CA ASP A 61 12.39 -10.56 -1.01
C ASP A 61 11.58 -11.76 -1.51
N GLU A 62 10.60 -11.56 -2.39
CA GLU A 62 10.00 -12.60 -3.20
C GLU A 62 11.03 -13.13 -4.22
N PRO A 63 10.84 -14.37 -4.71
CA PRO A 63 11.86 -15.10 -5.44
C PRO A 63 11.86 -14.74 -6.94
N GLY A 64 12.15 -13.48 -7.25
CA GLY A 64 12.25 -12.93 -8.60
C GLY A 64 13.54 -12.12 -8.73
N ASP A 65 13.69 -11.40 -9.84
CA ASP A 65 14.83 -10.52 -10.09
C ASP A 65 14.29 -9.11 -10.27
N GLU A 66 13.67 -8.80 -11.42
CA GLU A 66 13.08 -7.49 -11.71
C GLU A 66 11.54 -7.52 -11.68
N ASP A 67 10.97 -8.67 -11.31
CA ASP A 67 9.65 -9.12 -11.75
C ASP A 67 8.48 -8.34 -11.11
N VAL A 68 8.69 -7.58 -10.04
CA VAL A 68 7.70 -6.62 -9.54
C VAL A 68 8.14 -5.20 -9.86
N PHE A 69 9.43 -4.88 -9.72
CA PHE A 69 9.99 -3.58 -10.07
C PHE A 69 9.58 -3.15 -11.49
N ARG A 70 9.50 -4.08 -12.44
CA ARG A 70 9.04 -3.86 -13.82
C ARG A 70 7.68 -3.17 -13.90
N LYS A 71 6.80 -3.33 -12.92
CA LYS A 71 5.46 -2.78 -12.92
C LYS A 71 5.52 -1.35 -12.38
N LEU A 72 6.30 -1.12 -11.31
CA LEU A 72 6.43 0.18 -10.68
C LEU A 72 7.27 1.12 -11.53
N ALA A 73 8.47 0.68 -11.92
CA ALA A 73 9.45 1.45 -12.66
C ALA A 73 8.95 1.80 -14.06
N ALA A 74 7.98 1.06 -14.59
CA ALA A 74 7.28 1.43 -15.80
C ALA A 74 6.48 2.72 -15.60
N ASP A 75 5.81 2.85 -14.45
CA ASP A 75 5.03 4.03 -14.09
C ASP A 75 6.01 5.17 -13.79
N LEU A 76 6.96 4.89 -12.89
CA LEU A 76 8.00 5.82 -12.45
C LEU A 76 9.19 5.84 -13.40
N GLU A 77 8.95 5.65 -14.70
CA GLU A 77 9.95 5.74 -15.73
C GLU A 77 10.38 7.20 -15.80
N GLY A 78 11.67 7.44 -15.59
CA GLY A 78 12.26 8.77 -15.49
C GLY A 78 12.19 9.37 -14.08
N LYS A 79 11.61 8.65 -13.10
CA LYS A 79 11.14 9.24 -11.85
C LYS A 79 11.52 8.41 -10.62
N ALA A 80 12.11 7.23 -10.77
CA ALA A 80 12.52 6.40 -9.64
C ALA A 80 13.50 5.33 -10.10
N ASP A 81 14.67 5.32 -9.48
CA ASP A 81 15.71 4.33 -9.69
C ASP A 81 15.32 3.04 -8.96
N GLU A 82 15.94 1.92 -9.34
CA GLU A 82 15.95 0.66 -8.62
C GLU A 82 16.33 0.94 -7.16
N GLU A 83 17.44 1.64 -7.00
CA GLU A 83 18.09 1.88 -5.71
C GLU A 83 17.25 2.77 -4.79
N THR A 84 16.16 3.34 -5.30
CA THR A 84 15.22 4.21 -4.60
C THR A 84 13.87 3.52 -4.42
N ILE A 85 13.34 2.84 -5.45
CA ILE A 85 12.13 2.02 -5.34
C ILE A 85 12.31 1.04 -4.19
N ARG A 86 13.39 0.25 -4.26
CA ARG A 86 13.67 -0.82 -3.32
C ARG A 86 13.74 -0.30 -1.88
N ALA A 87 14.15 0.97 -1.70
CA ALA A 87 14.38 1.58 -0.42
C ALA A 87 13.06 2.12 0.13
N LYS A 88 12.31 2.88 -0.68
CA LYS A 88 11.10 3.56 -0.23
C LYS A 88 10.06 2.56 0.27
N MET A 89 9.97 1.39 -0.35
CA MET A 89 9.10 0.31 0.11
C MET A 89 9.42 -0.02 1.56
N VAL A 90 10.69 -0.27 1.87
CA VAL A 90 11.18 -0.65 3.19
C VAL A 90 10.92 0.46 4.22
N GLU A 91 10.90 1.73 3.81
CA GLU A 91 10.53 2.86 4.67
C GLU A 91 9.04 2.81 4.99
N LEU A 92 8.19 2.71 3.97
CA LEU A 92 6.74 2.74 4.09
C LEU A 92 6.24 1.48 4.81
N ARG A 93 7.02 0.40 4.76
CA ARG A 93 6.78 -0.84 5.47
C ARG A 93 6.68 -0.58 6.98
N ALA A 94 7.44 0.40 7.49
CA ALA A 94 7.39 0.77 8.90
C ALA A 94 6.05 1.42 9.24
N THR A 95 5.59 2.38 8.44
CA THR A 95 4.36 3.15 8.61
C THR A 95 3.15 2.21 8.71
N ALA A 96 2.65 1.76 7.56
CA ALA A 96 1.72 0.67 7.25
C ALA A 96 0.52 0.61 8.18
N ARG A 97 0.76 0.12 9.39
CA ARG A 97 -0.29 -0.07 10.39
C ARG A 97 -0.83 1.29 10.83
N GLU A 98 0.06 2.28 10.99
CA GLU A 98 -0.34 3.59 11.46
C GLU A 98 -1.34 4.21 10.51
N GLN A 99 -1.22 3.98 9.20
CA GLN A 99 -2.14 4.59 8.25
C GLN A 99 -3.58 4.20 8.55
N ILE A 100 -3.88 2.95 8.88
CA ILE A 100 -5.23 2.52 9.25
C ILE A 100 -5.73 3.37 10.43
N ILE A 101 -4.87 3.54 11.43
CA ILE A 101 -5.19 4.27 12.66
C ILE A 101 -5.21 5.79 12.37
N SER A 102 -4.63 6.21 11.26
CA SER A 102 -4.68 7.55 10.73
C SER A 102 -5.92 7.75 9.84
N GLU A 103 -6.76 6.73 9.64
CA GLU A 103 -7.80 6.66 8.63
C GLU A 103 -9.08 6.18 9.32
N ILE A 104 -9.34 6.74 10.50
CA ILE A 104 -10.60 6.58 11.20
C ILE A 104 -11.58 7.50 10.48
N MET A 1 -20.37 -20.06 18.30
CA MET A 1 -21.83 -19.94 18.19
C MET A 1 -22.20 -18.58 18.74
N THR A 2 -22.49 -17.61 17.87
CA THR A 2 -22.72 -16.23 18.28
C THR A 2 -23.70 -15.60 17.28
N THR A 3 -24.99 -15.49 17.62
CA THR A 3 -26.04 -15.03 16.71
C THR A 3 -27.00 -14.13 17.50
N PHE A 4 -27.16 -12.88 17.08
CA PHE A 4 -28.17 -11.94 17.57
C PHE A 4 -28.37 -10.85 16.52
N ASP A 5 -29.35 -9.96 16.74
CA ASP A 5 -29.81 -8.86 15.89
C ASP A 5 -28.75 -7.76 15.69
N ASP A 6 -29.15 -6.61 15.13
CA ASP A 6 -28.28 -5.47 14.82
C ASP A 6 -27.54 -4.98 16.06
N ARG A 7 -26.21 -5.11 16.04
CA ARG A 7 -25.30 -4.74 17.12
C ARG A 7 -24.30 -3.73 16.58
N GLU A 8 -23.59 -3.07 17.50
CA GLU A 8 -22.80 -1.89 17.23
C GLU A 8 -21.63 -2.11 16.27
N ARG A 9 -21.04 -0.99 15.87
CA ARG A 9 -20.18 -0.89 14.70
C ARG A 9 -19.01 -1.87 14.73
N ALA A 10 -18.47 -2.16 13.55
CA ALA A 10 -17.57 -3.26 13.32
C ALA A 10 -16.27 -2.76 12.70
N HIS A 11 -15.57 -1.92 13.45
CA HIS A 11 -14.33 -1.26 13.04
C HIS A 11 -13.39 -0.98 14.22
N GLU A 12 -12.22 -0.42 13.92
CA GLU A 12 -11.10 -0.07 14.82
C GLU A 12 -10.77 -1.14 15.86
N ALA A 13 -11.46 -1.16 17.01
CA ALA A 13 -11.27 -2.19 18.03
C ALA A 13 -11.57 -3.60 17.53
N LYS A 14 -12.36 -3.68 16.47
CA LYS A 14 -12.64 -4.88 15.74
C LYS A 14 -11.43 -5.47 15.02
N PHE A 15 -10.34 -4.73 14.77
CA PHE A 15 -9.18 -5.27 14.04
C PHE A 15 -8.64 -6.55 14.68
N ALA A 16 -8.61 -6.62 16.01
CA ALA A 16 -8.17 -7.78 16.77
C ALA A 16 -9.09 -8.99 16.62
N HIS A 17 -10.26 -8.81 16.02
CA HIS A 17 -11.25 -9.82 15.72
C HIS A 17 -11.19 -10.11 14.21
N ASP A 18 -11.79 -11.23 13.80
CA ASP A 18 -11.77 -11.72 12.43
C ASP A 18 -10.30 -11.76 11.95
N ALA A 19 -10.09 -11.67 10.63
CA ALA A 19 -8.91 -11.06 10.02
C ALA A 19 -9.37 -10.15 8.87
N GLU A 20 -10.59 -10.34 8.34
CA GLU A 20 -11.23 -9.55 7.27
C GLU A 20 -11.03 -8.04 7.48
N LEU A 21 -11.21 -7.61 8.73
CA LEU A 21 -11.15 -6.22 9.16
C LEU A 21 -9.75 -5.66 9.05
N ASN A 22 -8.76 -6.44 9.48
CA ASN A 22 -7.36 -6.03 9.48
C ASN A 22 -6.70 -6.27 8.13
N PHE A 23 -7.28 -7.15 7.29
CA PHE A 23 -6.65 -7.65 6.07
C PHE A 23 -6.18 -6.47 5.23
N LYS A 24 -7.10 -5.53 4.93
CA LYS A 24 -6.81 -4.30 4.20
C LYS A 24 -5.55 -3.58 4.70
N ALA A 25 -5.46 -3.31 6.00
CA ALA A 25 -4.32 -2.62 6.61
C ALA A 25 -3.02 -3.32 6.24
N GLU A 26 -2.91 -4.60 6.54
CA GLU A 26 -1.71 -5.41 6.33
C GLU A 26 -1.54 -5.85 4.86
N ALA A 27 -2.29 -5.24 3.95
CA ALA A 27 -2.36 -5.61 2.55
C ALA A 27 -2.35 -4.40 1.62
N ARG A 28 -2.22 -3.18 2.13
CA ARG A 28 -2.34 -1.94 1.33
C ARG A 28 -1.05 -1.12 1.27
N ARG A 29 0.10 -1.59 1.78
CA ARG A 29 1.33 -0.79 1.66
C ARG A 29 1.66 -0.57 0.18
N ASN A 30 1.36 -1.51 -0.72
CA ASN A 30 1.66 -1.33 -2.13
C ASN A 30 0.76 -0.28 -2.80
N ARG A 31 -0.33 0.19 -2.17
CA ARG A 31 -1.29 1.12 -2.78
C ARG A 31 -0.76 2.54 -2.66
N LEU A 32 -0.36 2.90 -1.45
CA LEU A 32 0.17 4.23 -1.15
C LEU A 32 1.55 4.46 -1.79
N LEU A 33 2.24 3.42 -2.27
CA LEU A 33 3.48 3.55 -3.05
C LEU A 33 3.26 4.39 -4.31
N GLY A 34 2.07 4.34 -4.91
CA GLY A 34 1.79 5.11 -6.12
C GLY A 34 1.63 6.60 -5.83
N GLU A 35 1.63 7.02 -4.57
CA GLU A 35 1.68 8.41 -4.15
C GLU A 35 3.11 8.96 -4.14
N TRP A 36 4.13 8.09 -4.06
CA TRP A 36 5.54 8.47 -4.05
C TRP A 36 5.94 8.89 -5.47
N ALA A 37 6.26 7.92 -6.34
CA ALA A 37 6.84 8.14 -7.67
C ALA A 37 5.98 9.01 -8.59
N ALA A 38 4.70 9.19 -8.27
CA ALA A 38 3.82 10.12 -8.97
C ALA A 38 4.47 11.51 -9.05
N GLY A 39 4.86 12.10 -7.92
CA GLY A 39 5.40 13.45 -7.89
C GLY A 39 6.70 13.55 -8.69
N LEU A 40 7.57 12.55 -8.54
CA LEU A 40 8.83 12.40 -9.25
C LEU A 40 8.62 12.41 -10.78
N LEU A 41 7.51 11.88 -11.27
CA LEU A 41 7.09 11.85 -12.69
C LEU A 41 6.14 13.03 -13.03
N GLY A 42 5.88 13.95 -12.10
CA GLY A 42 5.08 15.14 -12.31
C GLY A 42 3.57 14.84 -12.34
N LYS A 43 3.10 14.00 -11.42
CA LYS A 43 1.71 13.63 -11.22
C LYS A 43 1.37 13.85 -9.75
N THR A 44 0.25 14.50 -9.44
CA THR A 44 -0.35 14.52 -8.12
C THR A 44 -1.87 14.28 -8.29
N GLY A 45 -2.59 14.27 -7.18
CA GLY A 45 -4.04 14.22 -7.12
C GLY A 45 -4.63 13.16 -8.02
N ASP A 46 -5.52 13.56 -8.94
CA ASP A 46 -6.24 12.61 -9.78
C ASP A 46 -5.31 11.82 -10.70
N ASP A 47 -4.20 12.43 -11.14
CA ASP A 47 -3.26 11.80 -12.06
C ASP A 47 -2.39 10.77 -11.33
N ALA A 48 -1.97 11.13 -10.12
CA ALA A 48 -1.35 10.18 -9.19
C ALA A 48 -2.33 9.07 -8.83
N ARG A 49 -3.63 9.37 -8.76
CA ARG A 49 -4.67 8.37 -8.56
C ARG A 49 -4.57 7.34 -9.67
N ALA A 50 -4.66 7.82 -10.93
CA ALA A 50 -4.59 7.00 -12.13
C ALA A 50 -3.31 6.17 -12.17
N TYR A 51 -2.17 6.78 -11.81
CA TYR A 51 -0.89 6.12 -11.70
C TYR A 51 -0.91 5.01 -10.65
N ALA A 52 -1.55 5.22 -9.50
CA ALA A 52 -1.60 4.23 -8.43
C ALA A 52 -2.58 3.06 -8.72
N LEU A 53 -3.28 3.04 -9.86
CA LEU A 53 -4.18 1.92 -10.21
C LEU A 53 -3.42 0.71 -10.77
N THR A 54 -2.09 0.73 -10.77
CA THR A 54 -1.24 -0.31 -11.38
C THR A 54 -0.07 -0.72 -10.45
N VAL A 55 0.35 0.12 -9.50
CA VAL A 55 1.53 -0.09 -8.68
C VAL A 55 1.50 -1.32 -7.76
N VAL A 56 0.33 -1.95 -7.57
CA VAL A 56 0.12 -2.98 -6.57
C VAL A 56 0.47 -4.32 -7.21
N THR A 57 1.50 -4.96 -6.66
CA THR A 57 2.06 -6.23 -7.11
C THR A 57 2.41 -7.01 -5.83
N SER A 58 3.18 -6.43 -4.91
CA SER A 58 3.54 -7.01 -3.62
C SER A 58 4.39 -8.27 -3.82
N ASP A 59 5.43 -8.12 -4.64
CA ASP A 59 6.40 -9.12 -5.05
C ASP A 59 7.75 -8.44 -4.84
N PHE A 60 8.63 -8.95 -3.97
CA PHE A 60 9.99 -8.44 -3.71
C PHE A 60 10.70 -9.35 -2.70
N ASP A 61 10.50 -10.66 -2.78
CA ASP A 61 10.83 -11.57 -1.67
C ASP A 61 11.88 -12.61 -2.11
N GLU A 62 12.21 -12.67 -3.40
CA GLU A 62 13.05 -13.69 -4.02
C GLU A 62 13.99 -13.08 -5.08
N PRO A 63 15.06 -13.79 -5.47
CA PRO A 63 16.10 -13.27 -6.38
C PRO A 63 15.64 -13.16 -7.83
N GLY A 64 14.47 -13.70 -8.17
CA GLY A 64 13.89 -13.65 -9.50
C GLY A 64 12.73 -12.66 -9.57
N ASP A 65 12.60 -11.76 -8.59
CA ASP A 65 11.54 -10.76 -8.54
C ASP A 65 11.96 -9.44 -9.16
N GLU A 66 13.16 -9.35 -9.75
CA GLU A 66 13.75 -8.10 -10.25
C GLU A 66 12.80 -7.37 -11.20
N ASP A 67 12.10 -8.11 -12.06
CA ASP A 67 11.21 -7.49 -13.04
C ASP A 67 10.14 -6.64 -12.36
N VAL A 68 9.78 -6.92 -11.12
CA VAL A 68 8.77 -6.18 -10.37
C VAL A 68 9.22 -4.73 -10.18
N PHE A 69 10.52 -4.51 -9.96
CA PHE A 69 11.10 -3.21 -9.73
C PHE A 69 11.52 -2.58 -11.06
N ARG A 70 11.68 -3.38 -12.12
CA ARG A 70 12.33 -2.96 -13.36
C ARG A 70 11.63 -1.82 -14.08
N LYS A 71 10.30 -1.81 -14.04
CA LYS A 71 9.47 -0.85 -14.77
C LYS A 71 9.69 0.50 -14.10
N LEU A 72 9.50 0.52 -12.78
CA LEU A 72 9.79 1.64 -11.90
C LEU A 72 11.18 2.17 -12.22
N ALA A 73 12.20 1.33 -12.04
CA ALA A 73 13.59 1.74 -12.12
C ALA A 73 13.90 2.39 -13.47
N ALA A 74 13.39 1.85 -14.57
CA ALA A 74 13.63 2.38 -15.90
C ALA A 74 12.81 3.64 -16.21
N ASP A 75 11.57 3.75 -15.73
CA ASP A 75 10.73 4.93 -15.98
C ASP A 75 11.25 6.11 -15.14
N LEU A 76 11.55 5.80 -13.88
CA LEU A 76 12.03 6.68 -12.84
C LEU A 76 13.57 6.80 -12.91
N GLU A 77 14.18 6.36 -14.01
CA GLU A 77 15.62 6.37 -14.22
C GLU A 77 16.12 7.80 -14.04
N GLY A 78 17.07 7.95 -13.12
CA GLY A 78 17.63 9.22 -12.71
C GLY A 78 17.03 9.76 -11.42
N LYS A 79 15.93 9.19 -10.92
CA LYS A 79 15.14 9.70 -9.79
C LYS A 79 14.91 8.64 -8.71
N ALA A 80 15.51 7.46 -8.81
CA ALA A 80 15.52 6.45 -7.76
C ALA A 80 16.84 5.67 -7.79
N ASP A 81 17.02 4.80 -6.81
CA ASP A 81 18.22 3.97 -6.64
C ASP A 81 17.77 2.55 -6.43
N GLU A 82 18.65 1.61 -6.73
CA GLU A 82 18.43 0.18 -6.67
C GLU A 82 18.21 -0.31 -5.24
N GLU A 83 18.64 0.45 -4.25
CA GLU A 83 18.34 0.21 -2.85
C GLU A 83 17.12 1.02 -2.37
N THR A 84 16.79 2.13 -3.04
CA THR A 84 15.76 3.06 -2.60
C THR A 84 14.37 2.52 -2.94
N ILE A 85 14.16 1.92 -4.13
CA ILE A 85 12.84 1.44 -4.55
C ILE A 85 12.33 0.44 -3.50
N ARG A 86 13.09 -0.63 -3.22
CA ARG A 86 12.67 -1.61 -2.23
C ARG A 86 12.47 -0.99 -0.86
N ALA A 87 13.37 -0.10 -0.44
CA ALA A 87 13.30 0.56 0.86
C ALA A 87 11.96 1.28 1.03
N LYS A 88 11.53 2.02 -0.01
CA LYS A 88 10.28 2.78 0.00
C LYS A 88 9.06 1.89 0.28
N MET A 89 9.11 0.60 -0.04
CA MET A 89 8.01 -0.32 0.24
C MET A 89 7.93 -0.62 1.72
N VAL A 90 9.08 -0.83 2.37
CA VAL A 90 9.18 -1.10 3.80
C VAL A 90 8.88 0.17 4.61
N GLU A 91 9.21 1.34 4.06
CA GLU A 91 9.11 2.65 4.71
C GLU A 91 7.73 2.85 5.37
N LEU A 92 6.65 2.75 4.59
CA LEU A 92 5.28 2.91 5.03
C LEU A 92 4.71 1.71 5.82
N ARG A 93 5.56 0.90 6.47
CA ARG A 93 5.19 -0.30 7.21
C ARG A 93 4.06 -0.08 8.21
N ALA A 94 4.13 0.96 9.04
CA ALA A 94 3.09 1.31 10.00
C ALA A 94 2.00 2.12 9.32
N THR A 95 2.37 3.02 8.40
CA THR A 95 1.47 3.90 7.66
C THR A 95 0.33 3.09 7.01
N ALA A 96 0.64 1.89 6.49
CA ALA A 96 -0.34 1.00 5.88
C ALA A 96 -1.50 0.62 6.82
N ARG A 97 -1.24 0.37 8.12
CA ARG A 97 -2.30 0.09 9.09
C ARG A 97 -2.89 1.36 9.68
N GLU A 98 -2.12 2.43 9.73
CA GLU A 98 -2.54 3.72 10.25
C GLU A 98 -3.62 4.35 9.38
N GLN A 99 -3.41 4.41 8.06
CA GLN A 99 -4.27 5.18 7.17
C GLN A 99 -5.73 4.72 7.23
N ILE A 100 -5.97 3.44 7.52
CA ILE A 100 -7.31 2.85 7.61
C ILE A 100 -8.10 3.40 8.81
N ILE A 101 -7.40 3.73 9.91
CA ILE A 101 -8.01 4.32 11.10
C ILE A 101 -7.99 5.85 10.93
N SER A 102 -7.11 6.37 10.09
CA SER A 102 -7.12 7.79 9.73
C SER A 102 -8.33 8.11 8.85
N GLU A 103 -8.71 7.20 7.96
CA GLU A 103 -9.62 7.39 6.84
C GLU A 103 -10.54 6.18 6.86
N ILE A 104 -11.48 6.22 7.81
CA ILE A 104 -12.47 5.20 8.13
C ILE A 104 -13.58 5.27 7.07
N MET A 1 -6.40 -9.58 -5.55
CA MET A 1 -6.83 -10.55 -6.58
C MET A 1 -8.27 -10.98 -6.30
N THR A 2 -8.50 -11.77 -5.25
CA THR A 2 -9.79 -11.81 -4.56
C THR A 2 -9.92 -10.53 -3.67
N THR A 3 -11.09 -10.37 -3.05
CA THR A 3 -11.39 -9.45 -1.95
C THR A 3 -11.97 -10.29 -0.80
N PHE A 4 -13.02 -11.08 -1.08
CA PHE A 4 -13.78 -11.93 -0.15
C PHE A 4 -14.60 -11.04 0.78
N ASP A 5 -15.69 -10.56 0.18
CA ASP A 5 -16.58 -9.44 0.56
C ASP A 5 -15.76 -8.21 0.98
N ASP A 6 -16.40 -7.17 1.52
CA ASP A 6 -15.79 -6.00 2.13
C ASP A 6 -16.89 -5.33 2.97
N ARG A 7 -16.74 -5.32 4.29
CA ARG A 7 -17.80 -4.93 5.24
C ARG A 7 -17.47 -3.55 5.85
N GLU A 8 -18.27 -3.08 6.81
CA GLU A 8 -17.93 -1.93 7.65
C GLU A 8 -16.59 -2.09 8.39
N ARG A 9 -16.15 -1.05 9.10
CA ARG A 9 -14.83 -1.03 9.76
C ARG A 9 -14.91 -1.56 11.18
N ALA A 10 -15.59 -0.83 12.08
CA ALA A 10 -15.84 -1.17 13.48
C ALA A 10 -14.59 -1.71 14.16
N HIS A 11 -13.65 -0.79 14.38
CA HIS A 11 -12.27 -1.05 14.80
C HIS A 11 -11.86 -0.09 15.93
N GLU A 12 -12.79 0.68 16.48
CA GLU A 12 -12.47 1.69 17.47
C GLU A 12 -12.00 0.97 18.74
N ALA A 13 -10.70 1.05 19.03
CA ALA A 13 -10.05 0.42 20.19
C ALA A 13 -10.17 -1.12 20.21
N LYS A 14 -10.56 -1.72 19.08
CA LYS A 14 -10.66 -3.17 18.87
C LYS A 14 -9.33 -3.83 18.45
N PHE A 15 -8.25 -3.06 18.24
CA PHE A 15 -7.06 -3.58 17.57
C PHE A 15 -6.36 -4.62 18.44
N ALA A 16 -6.44 -4.43 19.76
CA ALA A 16 -6.02 -5.38 20.78
C ALA A 16 -7.05 -6.50 21.04
N HIS A 17 -8.05 -6.71 20.17
CA HIS A 17 -9.22 -7.50 20.48
C HIS A 17 -9.53 -8.61 19.46
N ASP A 18 -9.03 -8.51 18.22
CA ASP A 18 -9.20 -9.55 17.19
C ASP A 18 -8.05 -9.51 16.19
N ALA A 19 -7.93 -10.54 15.35
CA ALA A 19 -6.98 -10.54 14.23
C ALA A 19 -7.40 -9.56 13.14
N GLU A 20 -8.68 -9.55 12.76
CA GLU A 20 -9.22 -8.88 11.57
C GLU A 20 -8.67 -7.45 11.41
N LEU A 21 -8.80 -6.60 12.43
CA LEU A 21 -8.42 -5.23 12.36
C LEU A 21 -6.91 -5.09 12.15
N ASN A 22 -6.12 -5.93 12.82
CA ASN A 22 -4.67 -6.01 12.66
C ASN A 22 -4.31 -6.40 11.22
N PHE A 23 -5.03 -7.37 10.65
CA PHE A 23 -4.90 -7.76 9.25
C PHE A 23 -5.12 -6.54 8.35
N LYS A 24 -6.08 -5.65 8.67
CA LYS A 24 -6.26 -4.39 7.96
C LYS A 24 -4.98 -3.55 7.93
N ALA A 25 -4.23 -3.47 9.04
CA ALA A 25 -2.94 -2.78 9.07
C ALA A 25 -1.91 -3.47 8.19
N GLU A 26 -1.76 -4.79 8.30
CA GLU A 26 -0.82 -5.53 7.45
C GLU A 26 -1.16 -5.32 5.97
N ALA A 27 -2.44 -5.12 5.67
CA ALA A 27 -3.02 -4.90 4.36
C ALA A 27 -3.24 -3.40 4.11
N ARG A 28 -2.49 -2.53 4.78
CA ARG A 28 -2.36 -1.11 4.43
C ARG A 28 -0.95 -0.77 3.99
N ARG A 29 0.02 -1.70 4.09
CA ARG A 29 1.41 -1.42 3.75
C ARG A 29 1.56 -1.00 2.28
N ASN A 30 0.70 -1.49 1.40
CA ASN A 30 0.71 -1.15 -0.02
C ASN A 30 -0.26 -0.01 -0.35
N ARG A 31 -1.19 0.38 0.54
CA ARG A 31 -2.13 1.49 0.31
C ARG A 31 -1.37 2.77 0.01
N LEU A 32 -0.55 3.19 0.97
CA LEU A 32 0.05 4.53 0.99
C LEU A 32 1.08 4.66 -0.14
N LEU A 33 1.65 3.52 -0.58
CA LEU A 33 2.55 3.46 -1.73
C LEU A 33 1.96 4.11 -2.99
N GLY A 34 0.63 4.05 -3.18
CA GLY A 34 0.02 4.63 -4.36
C GLY A 34 -0.04 6.15 -4.24
N GLU A 35 -0.26 6.64 -3.02
CA GLU A 35 -0.36 8.06 -2.68
C GLU A 35 0.98 8.76 -2.82
N TRP A 36 2.08 7.99 -2.73
CA TRP A 36 3.42 8.42 -3.11
C TRP A 36 3.46 8.60 -4.63
N ALA A 37 3.55 7.51 -5.40
CA ALA A 37 3.83 7.52 -6.83
C ALA A 37 2.84 8.36 -7.63
N ALA A 38 1.60 8.53 -7.15
CA ALA A 38 0.64 9.46 -7.73
C ALA A 38 1.28 10.82 -8.02
N GLY A 39 1.91 11.44 -7.03
CA GLY A 39 2.49 12.76 -7.15
C GLY A 39 3.57 12.80 -8.23
N LEU A 40 4.44 11.78 -8.26
CA LEU A 40 5.51 11.57 -9.23
C LEU A 40 4.94 11.49 -10.64
N LEU A 41 3.94 10.64 -10.86
CA LEU A 41 3.20 10.51 -12.11
C LEU A 41 2.62 11.85 -12.54
N GLY A 42 2.06 12.61 -11.60
CA GLY A 42 1.38 13.88 -11.85
C GLY A 42 -0.10 13.79 -11.58
N LYS A 43 -0.51 12.86 -10.72
CA LYS A 43 -1.85 12.70 -10.19
C LYS A 43 -1.90 13.38 -8.83
N THR A 44 -2.97 14.10 -8.53
CA THR A 44 -3.12 14.84 -7.28
C THR A 44 -4.55 14.69 -6.79
N GLY A 45 -4.83 15.08 -5.54
CA GLY A 45 -6.15 15.14 -4.96
C GLY A 45 -6.86 13.80 -5.09
N ASP A 46 -8.10 13.81 -5.58
CA ASP A 46 -8.85 12.57 -5.73
C ASP A 46 -8.33 11.69 -6.87
N ASP A 47 -7.61 12.24 -7.85
CA ASP A 47 -7.00 11.44 -8.93
C ASP A 47 -5.92 10.51 -8.36
N ALA A 48 -5.07 11.09 -7.50
CA ALA A 48 -4.05 10.39 -6.73
C ALA A 48 -4.70 9.34 -5.83
N ARG A 49 -5.78 9.73 -5.14
CA ARG A 49 -6.54 8.83 -4.28
C ARG A 49 -7.06 7.64 -5.07
N ALA A 50 -7.71 7.91 -6.20
CA ALA A 50 -8.31 6.94 -7.11
C ALA A 50 -7.26 6.03 -7.76
N TYR A 51 -6.03 6.51 -7.96
CA TYR A 51 -4.90 5.71 -8.39
C TYR A 51 -4.43 4.82 -7.25
N ALA A 52 -4.38 5.35 -6.02
CA ALA A 52 -3.99 4.61 -4.82
C ALA A 52 -5.01 3.53 -4.41
N LEU A 53 -6.03 3.25 -5.22
CA LEU A 53 -6.97 2.15 -5.02
C LEU A 53 -6.48 0.85 -5.67
N THR A 54 -5.48 0.91 -6.56
CA THR A 54 -5.11 -0.23 -7.40
C THR A 54 -3.60 -0.56 -7.26
N VAL A 55 -2.88 0.15 -6.38
CA VAL A 55 -1.52 -0.19 -5.98
C VAL A 55 -1.43 -1.55 -5.27
N VAL A 56 -2.49 -2.01 -4.63
CA VAL A 56 -2.58 -3.19 -3.81
C VAL A 56 -2.53 -4.46 -4.66
N THR A 57 -1.50 -5.24 -4.42
CA THR A 57 -1.23 -6.54 -5.00
C THR A 57 -0.56 -7.39 -3.90
N SER A 58 0.75 -7.27 -3.78
CA SER A 58 1.69 -7.83 -2.82
C SER A 58 2.94 -6.96 -2.93
N ASP A 59 3.98 -7.30 -2.18
CA ASP A 59 5.34 -6.77 -2.30
C ASP A 59 6.20 -7.80 -3.05
N PHE A 60 7.49 -7.52 -3.25
CA PHE A 60 8.46 -8.41 -3.89
C PHE A 60 9.75 -8.40 -3.07
N ASP A 61 10.42 -9.54 -3.00
CA ASP A 61 11.59 -9.73 -2.15
C ASP A 61 12.50 -10.87 -2.63
N GLU A 62 12.08 -11.73 -3.58
CA GLU A 62 12.87 -12.84 -4.12
C GLU A 62 12.35 -13.25 -5.52
N PRO A 63 13.10 -14.05 -6.33
CA PRO A 63 12.94 -14.06 -7.78
C PRO A 63 11.84 -15.01 -8.27
N GLY A 64 10.59 -14.61 -8.02
CA GLY A 64 9.42 -15.20 -8.65
C GLY A 64 8.21 -14.27 -8.61
N ASP A 65 7.90 -13.72 -7.42
CA ASP A 65 6.72 -12.88 -7.17
C ASP A 65 6.95 -11.44 -7.61
N GLU A 66 7.97 -11.19 -8.45
CA GLU A 66 8.21 -9.96 -9.16
C GLU A 66 7.02 -9.68 -10.10
N ASP A 67 5.94 -9.12 -9.55
CA ASP A 67 4.72 -8.75 -10.27
C ASP A 67 4.16 -7.38 -9.84
N VAL A 68 4.73 -6.76 -8.81
CA VAL A 68 4.36 -5.41 -8.35
C VAL A 68 5.26 -4.37 -9.02
N PHE A 69 6.57 -4.45 -8.79
CA PHE A 69 7.60 -3.61 -9.42
C PHE A 69 7.48 -3.68 -10.94
N ARG A 70 7.03 -4.82 -11.48
CA ARG A 70 7.00 -5.16 -12.89
C ARG A 70 6.37 -4.06 -13.76
N LYS A 71 5.39 -3.35 -13.23
CA LYS A 71 4.79 -2.22 -13.92
C LYS A 71 5.19 -0.91 -13.28
N LEU A 72 5.40 -0.88 -11.95
CA LEU A 72 5.78 0.31 -11.23
C LEU A 72 7.01 0.96 -11.88
N ALA A 73 8.05 0.18 -12.18
CA ALA A 73 9.28 0.69 -12.77
C ALA A 73 9.02 1.44 -14.08
N ALA A 74 8.08 0.97 -14.90
CA ALA A 74 7.72 1.58 -16.17
C ALA A 74 6.79 2.78 -15.99
N ASP A 75 5.79 2.67 -15.11
CA ASP A 75 4.84 3.74 -14.79
C ASP A 75 5.61 4.96 -14.25
N LEU A 76 6.63 4.65 -13.45
CA LEU A 76 7.49 5.56 -12.72
C LEU A 76 8.84 5.72 -13.41
N GLU A 77 8.93 5.42 -14.71
CA GLU A 77 10.14 5.47 -15.53
C GLU A 77 10.81 6.83 -15.39
N GLY A 78 12.00 6.85 -14.81
CA GLY A 78 12.84 8.03 -14.68
C GLY A 78 12.60 8.79 -13.37
N LYS A 79 11.63 8.35 -12.56
CA LYS A 79 11.15 9.02 -11.33
C LYS A 79 11.36 8.16 -10.09
N ALA A 80 11.99 7.01 -10.25
CA ALA A 80 12.42 6.09 -9.21
C ALA A 80 13.76 5.53 -9.65
N ASP A 81 14.39 4.77 -8.75
CA ASP A 81 15.47 3.87 -9.07
C ASP A 81 15.01 2.48 -8.66
N GLU A 82 15.64 1.44 -9.19
CA GLU A 82 15.37 0.06 -8.80
C GLU A 82 15.54 -0.11 -7.30
N GLU A 83 16.70 0.31 -6.77
CA GLU A 83 17.04 0.11 -5.38
C GLU A 83 16.13 0.96 -4.48
N THR A 84 15.50 1.99 -5.03
CA THR A 84 14.59 2.88 -4.34
C THR A 84 13.16 2.33 -4.34
N ILE A 85 12.63 1.74 -5.42
CA ILE A 85 11.33 1.06 -5.38
C ILE A 85 11.39 -0.01 -4.30
N ARG A 86 12.37 -0.93 -4.38
CA ARG A 86 12.49 -2.01 -3.40
C ARG A 86 12.78 -1.49 -1.98
N ALA A 87 13.05 -0.19 -1.84
CA ALA A 87 13.27 0.48 -0.57
C ALA A 87 12.24 1.61 -0.44
N LYS A 88 10.99 1.33 -0.81
CA LYS A 88 9.85 2.18 -0.48
C LYS A 88 8.83 1.44 0.37
N MET A 89 8.53 0.18 0.06
CA MET A 89 7.51 -0.61 0.76
C MET A 89 7.86 -0.80 2.24
N VAL A 90 9.11 -1.15 2.56
CA VAL A 90 9.62 -1.36 3.92
C VAL A 90 9.65 -0.05 4.73
N GLU A 91 9.88 1.12 4.10
CA GLU A 91 10.15 2.38 4.79
C GLU A 91 8.96 2.77 5.66
N LEU A 92 7.81 2.94 5.03
CA LEU A 92 6.56 3.34 5.67
C LEU A 92 5.85 2.16 6.32
N ARG A 93 6.52 1.01 6.54
CA ARG A 93 6.00 -0.13 7.31
C ARG A 93 5.43 0.33 8.64
N ALA A 94 6.14 1.21 9.35
CA ALA A 94 5.65 1.81 10.59
C ALA A 94 4.38 2.60 10.32
N THR A 95 4.43 3.61 9.44
CA THR A 95 3.33 4.51 9.15
C THR A 95 2.05 3.72 8.81
N ALA A 96 2.14 2.77 7.87
CA ALA A 96 0.99 2.00 7.41
C ALA A 96 0.35 1.14 8.50
N ARG A 97 1.09 0.78 9.55
CA ARG A 97 0.50 0.24 10.75
C ARG A 97 -0.11 1.43 11.49
N GLU A 98 0.72 2.32 12.02
CA GLU A 98 0.41 3.38 12.97
C GLU A 98 -0.84 4.16 12.62
N GLN A 99 -0.98 4.62 11.36
CA GLN A 99 -2.10 5.46 10.98
C GLN A 99 -3.44 4.85 11.37
N ILE A 100 -3.62 3.53 11.32
CA ILE A 100 -4.89 2.89 11.64
C ILE A 100 -5.33 3.23 13.08
N ILE A 101 -4.45 2.98 14.07
CA ILE A 101 -4.72 3.27 15.47
C ILE A 101 -4.90 4.79 15.66
N SER A 102 -4.44 5.62 14.72
CA SER A 102 -4.52 7.07 14.72
C SER A 102 -5.62 7.62 13.78
N GLU A 103 -6.44 6.76 13.18
CA GLU A 103 -7.49 7.10 12.20
C GLU A 103 -8.87 6.65 12.71
N ILE A 104 -8.97 6.25 13.98
CA ILE A 104 -10.13 5.65 14.65
C ILE A 104 -11.41 6.39 14.27
N MET A 1 -15.63 -13.66 10.12
CA MET A 1 -15.12 -14.21 8.85
C MET A 1 -16.17 -14.20 7.72
N THR A 2 -17.30 -13.49 7.85
CA THR A 2 -18.34 -13.38 6.82
C THR A 2 -18.90 -11.95 6.84
N THR A 3 -19.71 -11.54 5.88
CA THR A 3 -20.17 -10.17 5.73
C THR A 3 -21.36 -9.82 6.64
N PHE A 4 -21.67 -10.63 7.66
CA PHE A 4 -22.88 -10.44 8.47
C PHE A 4 -22.84 -9.15 9.28
N ASP A 5 -21.85 -8.95 10.17
CA ASP A 5 -21.85 -7.79 11.07
C ASP A 5 -21.50 -6.54 10.26
N ASP A 6 -20.35 -6.58 9.58
CA ASP A 6 -19.77 -5.62 8.65
C ASP A 6 -19.77 -4.18 9.20
N ARG A 7 -18.76 -3.84 10.00
CA ARG A 7 -18.72 -2.64 10.85
C ARG A 7 -17.35 -2.00 10.75
N GLU A 8 -17.32 -0.71 10.43
CA GLU A 8 -16.09 0.08 10.31
C GLU A 8 -15.85 0.98 11.54
N ARG A 9 -16.89 1.27 12.34
CA ARG A 9 -16.76 2.07 13.56
C ARG A 9 -16.43 1.17 14.75
N ALA A 10 -16.30 1.78 15.93
CA ALA A 10 -16.06 1.14 17.21
C ALA A 10 -14.81 0.27 17.23
N HIS A 11 -13.75 0.68 16.53
CA HIS A 11 -12.47 -0.01 16.50
C HIS A 11 -11.74 -0.10 17.86
N GLU A 12 -12.32 0.47 18.89
CA GLU A 12 -11.79 0.66 20.23
C GLU A 12 -11.46 -0.73 20.83
N ALA A 13 -10.16 -1.04 20.95
CA ALA A 13 -9.55 -2.35 21.26
C ALA A 13 -9.96 -3.51 20.32
N LYS A 14 -10.92 -3.31 19.42
CA LYS A 14 -11.49 -4.32 18.53
C LYS A 14 -10.47 -4.91 17.57
N PHE A 15 -9.38 -4.21 17.25
CA PHE A 15 -8.39 -4.64 16.27
C PHE A 15 -7.82 -6.05 16.51
N ALA A 16 -7.78 -6.48 17.78
CA ALA A 16 -7.26 -7.78 18.16
C ALA A 16 -8.35 -8.85 18.36
N HIS A 17 -9.63 -8.52 18.12
CA HIS A 17 -10.79 -9.34 18.43
C HIS A 17 -11.62 -9.54 17.15
N ASP A 18 -12.13 -8.44 16.60
CA ASP A 18 -12.84 -8.40 15.33
C ASP A 18 -11.80 -8.27 14.24
N ALA A 19 -11.66 -9.32 13.44
CA ALA A 19 -10.63 -9.36 12.43
C ALA A 19 -10.91 -8.37 11.32
N GLU A 20 -12.17 -8.14 10.93
CA GLU A 20 -12.54 -7.32 9.78
C GLU A 20 -11.93 -5.91 9.85
N LEU A 21 -11.93 -5.32 11.05
CA LEU A 21 -11.36 -3.98 11.28
C LEU A 21 -9.85 -3.95 11.04
N ASN A 22 -9.18 -5.08 11.31
CA ASN A 22 -7.75 -5.29 11.09
C ASN A 22 -7.50 -5.73 9.64
N PHE A 23 -8.41 -6.49 9.02
CA PHE A 23 -8.23 -7.16 7.74
C PHE A 23 -7.81 -6.13 6.69
N LYS A 24 -8.54 -5.02 6.58
CA LYS A 24 -8.20 -3.91 5.70
C LYS A 24 -6.76 -3.44 5.91
N ALA A 25 -6.33 -3.26 7.15
CA ALA A 25 -5.00 -2.81 7.51
C ALA A 25 -3.95 -3.88 7.17
N GLU A 26 -4.28 -5.16 7.35
CA GLU A 26 -3.45 -6.31 7.00
C GLU A 26 -3.37 -6.49 5.48
N ALA A 27 -4.28 -5.88 4.71
CA ALA A 27 -4.51 -6.07 3.28
C ALA A 27 -4.41 -4.77 2.46
N ARG A 28 -3.67 -3.75 2.90
CA ARG A 28 -3.49 -2.51 2.13
C ARG A 28 -2.06 -1.95 2.11
N ARG A 29 -1.05 -2.71 2.56
CA ARG A 29 0.36 -2.33 2.52
C ARG A 29 0.93 -2.07 1.12
N ASN A 30 0.30 -2.54 0.05
CA ASN A 30 0.71 -2.19 -1.31
C ASN A 30 -0.12 -1.02 -1.83
N ARG A 31 -1.33 -0.76 -1.32
CA ARG A 31 -2.21 0.31 -1.79
C ARG A 31 -1.49 1.64 -1.81
N LEU A 32 -0.95 2.01 -0.66
CA LEU A 32 -0.32 3.31 -0.46
C LEU A 32 0.91 3.53 -1.34
N LEU A 33 1.54 2.46 -1.84
CA LEU A 33 2.75 2.47 -2.64
C LEU A 33 2.50 3.19 -3.97
N GLY A 34 1.32 2.98 -4.55
CA GLY A 34 0.93 3.63 -5.79
C GLY A 34 0.82 5.14 -5.62
N GLU A 35 0.39 5.62 -4.45
CA GLU A 35 0.18 7.04 -4.18
C GLU A 35 1.51 7.79 -4.24
N TRP A 36 2.59 7.19 -3.73
CA TRP A 36 3.93 7.76 -3.77
C TRP A 36 4.32 7.98 -5.22
N ALA A 37 4.37 6.90 -6.00
CA ALA A 37 4.73 6.96 -7.42
C ALA A 37 3.88 7.99 -8.16
N ALA A 38 2.56 8.01 -7.95
CA ALA A 38 1.64 8.94 -8.58
C ALA A 38 2.15 10.38 -8.55
N GLY A 39 2.43 10.92 -7.35
CA GLY A 39 2.85 12.30 -7.20
C GLY A 39 4.17 12.59 -7.91
N LEU A 40 5.05 11.59 -7.99
CA LEU A 40 6.33 11.69 -8.66
C LEU A 40 6.14 11.73 -10.18
N LEU A 41 5.33 10.82 -10.73
CA LEU A 41 4.84 10.86 -12.11
C LEU A 41 4.20 12.21 -12.45
N GLY A 42 3.59 12.84 -11.45
CA GLY A 42 2.88 14.12 -11.57
C GLY A 42 1.37 13.93 -11.63
N LYS A 43 0.89 12.71 -11.39
CA LYS A 43 -0.52 12.43 -11.16
C LYS A 43 -0.85 12.95 -9.78
N THR A 44 -1.89 13.77 -9.66
CA THR A 44 -2.33 14.30 -8.38
C THR A 44 -3.86 14.40 -8.40
N GLY A 45 -4.46 14.67 -7.25
CA GLY A 45 -5.90 14.74 -7.11
C GLY A 45 -6.47 13.34 -7.16
N ASP A 46 -7.51 13.14 -7.97
CA ASP A 46 -8.12 11.82 -8.15
C ASP A 46 -7.25 10.95 -9.04
N ASP A 47 -6.52 11.51 -10.01
CA ASP A 47 -5.73 10.69 -10.95
C ASP A 47 -4.74 9.81 -10.23
N ALA A 48 -4.12 10.39 -9.20
CA ALA A 48 -3.21 9.69 -8.30
C ALA A 48 -3.92 8.58 -7.55
N ARG A 49 -5.10 8.88 -7.02
CA ARG A 49 -5.95 7.94 -6.31
C ARG A 49 -6.26 6.75 -7.20
N ALA A 50 -6.80 7.01 -8.39
CA ALA A 50 -7.20 6.05 -9.39
C ALA A 50 -6.02 5.22 -9.87
N TYR A 51 -4.86 5.83 -10.13
CA TYR A 51 -3.64 5.12 -10.48
C TYR A 51 -3.22 4.20 -9.34
N ALA A 52 -3.27 4.66 -8.08
CA ALA A 52 -2.81 3.86 -6.96
C ALA A 52 -3.56 2.53 -6.82
N LEU A 53 -4.79 2.44 -7.32
CA LEU A 53 -5.69 1.28 -7.16
C LEU A 53 -5.17 0.00 -7.81
N THR A 54 -4.27 0.09 -8.80
CA THR A 54 -3.81 -1.06 -9.57
C THR A 54 -2.45 -1.57 -9.07
N VAL A 55 -1.81 -0.87 -8.14
CA VAL A 55 -0.40 -1.05 -7.82
C VAL A 55 -0.25 -2.05 -6.68
N VAL A 56 -0.27 -3.35 -6.99
CA VAL A 56 -0.20 -4.46 -6.09
C VAL A 56 0.81 -5.49 -6.60
N THR A 57 2.08 -5.31 -6.21
CA THR A 57 3.22 -6.03 -6.74
C THR A 57 4.29 -5.98 -5.65
N SER A 58 4.96 -7.09 -5.31
CA SER A 58 5.88 -7.13 -4.17
C SER A 58 6.80 -8.34 -4.34
N ASP A 59 7.77 -8.22 -5.22
CA ASP A 59 8.52 -9.34 -5.79
C ASP A 59 9.96 -8.84 -5.99
N PHE A 60 10.80 -9.03 -4.97
CA PHE A 60 12.14 -8.46 -4.85
C PHE A 60 13.04 -9.31 -3.93
N ASP A 61 12.53 -10.38 -3.30
CA ASP A 61 13.21 -10.97 -2.15
C ASP A 61 14.58 -11.54 -2.52
N GLU A 62 14.64 -12.24 -3.65
CA GLU A 62 15.81 -12.93 -4.17
C GLU A 62 16.01 -12.60 -5.66
N PRO A 63 17.20 -12.84 -6.24
CA PRO A 63 17.52 -12.43 -7.60
C PRO A 63 16.94 -13.40 -8.65
N GLY A 64 15.62 -13.47 -8.71
CA GLY A 64 14.85 -14.18 -9.72
C GLY A 64 13.72 -13.27 -10.16
N ASP A 65 12.74 -13.07 -9.28
CA ASP A 65 11.39 -12.59 -9.59
C ASP A 65 11.42 -11.21 -10.25
N GLU A 66 12.05 -10.23 -9.60
CA GLU A 66 12.41 -8.88 -10.08
C GLU A 66 11.24 -8.05 -10.67
N ASP A 67 10.00 -8.51 -10.49
CA ASP A 67 8.88 -8.10 -11.34
C ASP A 67 8.39 -6.68 -11.05
N VAL A 68 8.64 -6.17 -9.83
CA VAL A 68 8.29 -4.82 -9.42
C VAL A 68 9.21 -3.84 -10.14
N PHE A 69 10.52 -3.93 -9.89
CA PHE A 69 11.48 -2.89 -10.27
C PHE A 69 11.47 -2.66 -11.78
N ARG A 70 11.24 -3.72 -12.57
CA ARG A 70 11.04 -3.60 -14.01
C ARG A 70 10.05 -2.52 -14.34
N LYS A 71 8.84 -2.61 -13.82
CA LYS A 71 7.81 -1.64 -14.14
C LYS A 71 8.09 -0.34 -13.41
N LEU A 72 8.46 -0.44 -12.14
CA LEU A 72 8.60 0.70 -11.25
C LEU A 72 9.60 1.68 -11.80
N ALA A 73 10.85 1.24 -12.01
CA ALA A 73 11.92 2.12 -12.45
C ALA A 73 11.59 2.81 -13.77
N ALA A 74 10.87 2.16 -14.69
CA ALA A 74 10.44 2.76 -15.94
C ALA A 74 9.28 3.76 -15.74
N ASP A 75 8.37 3.51 -14.78
CA ASP A 75 7.32 4.45 -14.40
C ASP A 75 7.96 5.67 -13.73
N LEU A 76 9.13 5.51 -13.09
CA LEU A 76 9.76 6.43 -12.16
C LEU A 76 11.14 6.87 -12.64
N GLU A 77 11.37 6.79 -13.96
CA GLU A 77 12.54 7.25 -14.70
C GLU A 77 12.85 8.68 -14.28
N GLY A 78 13.99 8.88 -13.63
CA GLY A 78 14.49 10.20 -13.27
C GLY A 78 13.81 10.82 -12.04
N LYS A 79 12.93 10.08 -11.34
CA LYS A 79 12.13 10.58 -10.22
C LYS A 79 12.21 9.70 -8.97
N ALA A 80 13.04 8.65 -8.98
CA ALA A 80 13.47 7.93 -7.79
C ALA A 80 14.95 7.59 -7.95
N ASP A 81 15.42 6.62 -7.15
CA ASP A 81 16.81 6.19 -7.08
C ASP A 81 16.82 4.68 -7.05
N GLU A 82 17.85 4.08 -7.63
CA GLU A 82 17.98 2.64 -7.77
C GLU A 82 18.23 1.93 -6.44
N GLU A 83 18.60 2.66 -5.39
CA GLU A 83 18.71 2.15 -4.01
C GLU A 83 17.55 2.62 -3.12
N THR A 84 16.63 3.45 -3.63
CA THR A 84 15.54 4.04 -2.83
C THR A 84 14.21 3.33 -3.03
N ILE A 85 13.89 2.85 -4.24
CA ILE A 85 12.63 2.18 -4.53
C ILE A 85 12.44 1.01 -3.56
N ARG A 86 13.43 0.11 -3.48
CA ARG A 86 13.41 -1.07 -2.60
C ARG A 86 13.04 -0.63 -1.19
N ALA A 87 13.76 0.37 -0.69
CA ALA A 87 13.68 0.83 0.68
C ALA A 87 12.39 1.62 0.96
N LYS A 88 11.59 1.96 -0.06
CA LYS A 88 10.34 2.68 0.15
C LYS A 88 9.25 1.66 0.47
N MET A 89 8.93 0.79 -0.49
CA MET A 89 7.77 -0.08 -0.37
C MET A 89 7.86 -1.04 0.82
N VAL A 90 9.06 -1.50 1.16
CA VAL A 90 9.31 -2.36 2.30
C VAL A 90 8.99 -1.61 3.60
N GLU A 91 9.50 -0.38 3.77
CA GLU A 91 9.35 0.37 5.03
C GLU A 91 7.88 0.63 5.33
N LEU A 92 7.10 0.90 4.28
CA LEU A 92 5.68 1.18 4.34
C LEU A 92 4.87 -0.02 4.82
N ARG A 93 5.45 -1.20 5.02
CA ARG A 93 4.73 -2.40 5.43
C ARG A 93 3.91 -2.16 6.70
N ALA A 94 4.56 -1.63 7.74
CA ALA A 94 3.94 -1.43 9.04
C ALA A 94 3.03 -0.19 9.09
N THR A 95 3.03 0.66 8.06
CA THR A 95 2.22 1.86 8.04
C THR A 95 0.73 1.48 8.02
N ALA A 96 0.33 0.43 7.31
CA ALA A 96 -1.08 0.17 7.11
C ALA A 96 -1.83 -0.15 8.40
N ARG A 97 -1.16 -0.69 9.42
CA ARG A 97 -1.71 -0.91 10.74
C ARG A 97 -2.03 0.44 11.37
N GLU A 98 -1.04 1.33 11.42
CA GLU A 98 -1.14 2.64 12.03
C GLU A 98 -2.19 3.50 11.30
N GLN A 99 -2.02 3.68 10.00
CA GLN A 99 -2.72 4.70 9.21
C GLN A 99 -4.25 4.51 9.17
N ILE A 100 -4.73 3.30 9.49
CA ILE A 100 -6.15 2.95 9.56
C ILE A 100 -6.70 3.26 10.95
N ILE A 101 -5.93 3.03 12.01
CA ILE A 101 -6.31 3.45 13.35
C ILE A 101 -6.19 4.97 13.44
N SER A 102 -5.29 5.57 12.65
CA SER A 102 -5.11 7.01 12.60
C SER A 102 -6.28 7.65 11.86
N GLU A 103 -6.73 7.07 10.74
CA GLU A 103 -7.76 7.59 9.85
C GLU A 103 -8.70 6.44 9.57
N ILE A 104 -9.62 6.24 10.50
CA ILE A 104 -10.72 5.30 10.42
C ILE A 104 -11.64 5.80 9.32
N MET A 1 -24.59 -1.64 2.53
CA MET A 1 -23.63 -1.92 1.45
C MET A 1 -23.04 -0.60 0.96
N THR A 2 -23.76 0.22 0.20
CA THR A 2 -23.29 1.50 -0.31
C THR A 2 -22.77 2.38 0.83
N THR A 3 -21.46 2.59 0.91
CA THR A 3 -20.83 3.64 1.69
C THR A 3 -19.46 3.95 1.08
N PHE A 4 -19.00 5.18 1.25
CA PHE A 4 -17.62 5.60 1.08
C PHE A 4 -17.45 6.79 2.01
N ASP A 5 -16.82 6.56 3.14
CA ASP A 5 -16.77 7.46 4.29
C ASP A 5 -15.36 7.46 4.89
N ASP A 6 -14.37 7.05 4.08
CA ASP A 6 -12.92 7.06 4.31
C ASP A 6 -12.51 5.94 5.26
N ARG A 7 -13.11 5.97 6.45
CA ARG A 7 -13.13 4.86 7.40
C ARG A 7 -14.02 3.76 6.84
N GLU A 8 -13.89 2.57 7.41
CA GLU A 8 -14.23 1.33 6.74
C GLU A 8 -14.42 0.22 7.77
N ARG A 9 -13.39 -0.02 8.58
CA ARG A 9 -13.11 -1.28 9.23
C ARG A 9 -12.87 -1.13 10.70
N ALA A 10 -13.21 -2.20 11.39
CA ALA A 10 -13.53 -2.15 12.80
C ALA A 10 -13.13 -3.45 13.47
N HIS A 11 -11.85 -3.59 13.79
CA HIS A 11 -11.37 -4.64 14.67
C HIS A 11 -12.04 -4.64 16.03
N GLU A 12 -12.45 -3.51 16.60
CA GLU A 12 -13.07 -3.44 17.94
C GLU A 12 -12.31 -4.31 18.97
N ALA A 13 -11.02 -3.99 19.12
CA ALA A 13 -10.00 -4.72 19.90
C ALA A 13 -9.81 -6.22 19.55
N LYS A 14 -10.35 -6.72 18.44
CA LYS A 14 -10.15 -8.09 17.93
C LYS A 14 -8.75 -8.34 17.38
N PHE A 15 -7.86 -7.35 17.24
CA PHE A 15 -6.49 -7.62 16.78
C PHE A 15 -5.77 -8.60 17.71
N ALA A 16 -6.08 -8.55 19.01
CA ALA A 16 -5.55 -9.45 20.02
C ALA A 16 -6.15 -10.86 19.97
N HIS A 17 -6.81 -11.22 18.86
CA HIS A 17 -7.70 -12.36 18.75
C HIS A 17 -7.73 -12.85 17.30
N ASP A 18 -8.48 -13.93 17.05
CA ASP A 18 -8.90 -14.48 15.76
C ASP A 18 -7.72 -14.66 14.81
N ALA A 19 -7.99 -14.80 13.51
CA ALA A 19 -7.03 -14.75 12.43
C ALA A 19 -7.64 -14.11 11.18
N GLU A 20 -8.84 -13.51 11.26
CA GLU A 20 -9.37 -12.69 10.18
C GLU A 20 -8.60 -11.37 10.10
N LEU A 21 -8.49 -10.64 11.20
CA LEU A 21 -7.97 -9.28 11.24
C LEU A 21 -6.49 -9.20 10.93
N ASN A 22 -5.70 -10.09 11.56
CA ASN A 22 -4.25 -10.12 11.47
C ASN A 22 -3.80 -10.28 10.03
N PHE A 23 -4.49 -11.15 9.28
CA PHE A 23 -4.28 -11.43 7.86
C PHE A 23 -4.18 -10.16 7.03
N LYS A 24 -5.16 -9.23 7.16
CA LYS A 24 -5.09 -7.91 6.53
C LYS A 24 -3.82 -7.22 6.96
N ALA A 25 -3.66 -7.07 8.28
CA ALA A 25 -2.55 -6.37 8.92
C ALA A 25 -1.19 -7.05 8.72
N GLU A 26 -1.10 -8.13 7.97
CA GLU A 26 0.14 -8.76 7.55
C GLU A 26 0.50 -8.32 6.13
N ALA A 27 -0.48 -7.99 5.28
CA ALA A 27 -0.33 -7.97 3.82
C ALA A 27 -0.79 -6.66 3.17
N ARG A 28 -0.60 -5.53 3.87
CA ARG A 28 -1.11 -4.22 3.48
C ARG A 28 -0.06 -3.11 3.34
N ARG A 29 1.20 -3.34 3.70
CA ARG A 29 2.29 -2.37 3.55
C ARG A 29 2.43 -1.83 2.12
N ASN A 30 1.95 -2.56 1.12
CA ASN A 30 1.99 -2.13 -0.27
C ASN A 30 0.69 -1.45 -0.73
N ARG A 31 -0.42 -1.61 -0.01
CA ARG A 31 -1.72 -1.01 -0.36
C ARG A 31 -1.60 0.50 -0.49
N LEU A 32 -1.12 1.13 0.57
CA LEU A 32 -1.01 2.57 0.67
C LEU A 32 0.09 3.18 -0.23
N LEU A 33 1.03 2.38 -0.73
CA LEU A 33 1.95 2.83 -1.79
C LEU A 33 1.17 3.19 -3.05
N GLY A 34 -0.01 2.61 -3.26
CA GLY A 34 -0.87 2.99 -4.34
C GLY A 34 -1.28 4.45 -4.26
N GLU A 35 -1.52 4.99 -3.06
CA GLU A 35 -1.91 6.39 -2.87
C GLU A 35 -0.77 7.34 -3.28
N TRP A 36 0.48 6.88 -3.19
CA TRP A 36 1.64 7.59 -3.71
C TRP A 36 1.63 7.52 -5.24
N ALA A 37 1.71 6.32 -5.83
CA ALA A 37 1.80 6.12 -7.27
C ALA A 37 0.66 6.77 -8.05
N ALA A 38 -0.59 6.57 -7.64
CA ALA A 38 -1.74 7.23 -8.26
C ALA A 38 -1.51 8.73 -8.44
N GLY A 39 -1.08 9.41 -7.37
CA GLY A 39 -0.80 10.85 -7.33
C GLY A 39 0.38 11.29 -8.20
N LEU A 40 1.13 10.35 -8.80
CA LEU A 40 2.19 10.58 -9.77
C LEU A 40 1.68 10.25 -11.18
N LEU A 41 1.00 9.12 -11.33
CA LEU A 41 0.48 8.55 -12.56
C LEU A 41 -0.55 9.42 -13.28
N GLY A 42 -1.04 10.45 -12.62
CA GLY A 42 -2.03 11.35 -13.17
C GLY A 42 -3.43 10.85 -12.87
N LYS A 43 -3.63 10.23 -11.71
CA LYS A 43 -4.90 9.82 -11.17
C LYS A 43 -5.11 10.60 -9.88
N THR A 44 -6.34 10.99 -9.59
CA THR A 44 -6.77 11.49 -8.30
C THR A 44 -8.17 10.96 -8.05
N GLY A 45 -8.69 11.16 -6.84
CA GLY A 45 -10.05 10.80 -6.50
C GLY A 45 -10.29 9.31 -6.65
N ASP A 46 -11.48 8.93 -7.12
CA ASP A 46 -11.86 7.53 -7.25
C ASP A 46 -10.95 6.77 -8.21
N ASP A 47 -10.43 7.46 -9.24
CA ASP A 47 -9.50 6.90 -10.22
C ASP A 47 -8.22 6.39 -9.54
N ALA A 48 -7.67 7.24 -8.67
CA ALA A 48 -6.55 6.89 -7.81
C ALA A 48 -6.91 5.73 -6.89
N ARG A 49 -8.09 5.80 -6.26
CA ARG A 49 -8.57 4.81 -5.30
C ARG A 49 -8.63 3.42 -5.92
N ALA A 50 -9.26 3.30 -7.09
CA ALA A 50 -9.44 2.10 -7.88
C ALA A 50 -8.09 1.50 -8.29
N TYR A 51 -7.20 2.32 -8.83
CA TYR A 51 -5.85 1.88 -9.19
C TYR A 51 -5.07 1.43 -7.95
N ALA A 52 -5.23 2.11 -6.81
CA ALA A 52 -4.57 1.71 -5.57
C ALA A 52 -5.08 0.37 -5.03
N LEU A 53 -6.22 -0.17 -5.52
CA LEU A 53 -6.67 -1.51 -5.16
C LEU A 53 -5.76 -2.58 -5.78
N THR A 54 -5.19 -2.30 -6.96
CA THR A 54 -4.45 -3.32 -7.72
C THR A 54 -2.96 -3.31 -7.34
N VAL A 55 -2.47 -2.22 -6.76
CA VAL A 55 -1.17 -2.11 -6.12
C VAL A 55 -1.18 -2.94 -4.83
N VAL A 56 -0.83 -4.22 -4.98
CA VAL A 56 -0.16 -5.01 -3.95
C VAL A 56 0.97 -5.77 -4.65
N THR A 57 2.13 -5.85 -3.99
CA THR A 57 3.33 -6.57 -4.36
C THR A 57 4.10 -6.87 -3.07
N SER A 58 5.12 -7.73 -3.15
CA SER A 58 6.10 -8.00 -2.10
C SER A 58 7.27 -8.72 -2.77
N ASP A 59 8.38 -8.04 -3.09
CA ASP A 59 9.67 -8.72 -3.36
C ASP A 59 10.90 -7.82 -3.14
N PHE A 60 10.92 -7.08 -2.02
CA PHE A 60 12.03 -6.18 -1.65
C PHE A 60 12.45 -6.38 -0.18
N ASP A 61 11.66 -7.10 0.64
CA ASP A 61 12.05 -7.44 2.01
C ASP A 61 13.25 -8.37 2.03
N GLU A 62 13.54 -9.04 0.92
CA GLU A 62 14.41 -10.21 0.81
C GLU A 62 15.13 -10.16 -0.54
N PRO A 63 16.30 -10.80 -0.68
CA PRO A 63 17.26 -10.51 -1.75
C PRO A 63 16.78 -11.05 -3.10
N GLY A 64 16.23 -10.17 -3.95
CA GLY A 64 15.60 -10.52 -5.22
C GLY A 64 16.41 -10.08 -6.43
N ASP A 65 16.03 -10.55 -7.63
CA ASP A 65 16.59 -10.15 -8.91
C ASP A 65 15.85 -8.87 -9.30
N GLU A 66 14.66 -8.96 -9.89
CA GLU A 66 13.91 -7.80 -10.32
C GLU A 66 12.45 -8.17 -10.53
N ASP A 67 11.69 -8.24 -9.44
CA ASP A 67 10.33 -8.75 -9.45
C ASP A 67 9.33 -7.63 -9.20
N VAL A 68 9.39 -6.96 -8.05
CA VAL A 68 8.52 -5.82 -7.73
C VAL A 68 9.04 -4.55 -8.41
N PHE A 69 10.31 -4.19 -8.22
CA PHE A 69 10.87 -2.95 -8.74
C PHE A 69 10.68 -2.88 -10.26
N ARG A 70 10.77 -4.02 -10.95
CA ARG A 70 10.49 -4.14 -12.37
C ARG A 70 9.17 -3.47 -12.75
N LYS A 71 8.07 -3.93 -12.15
CA LYS A 71 6.75 -3.43 -12.50
C LYS A 71 6.56 -2.01 -11.98
N LEU A 72 7.07 -1.68 -10.78
CA LEU A 72 6.87 -0.37 -10.20
C LEU A 72 7.62 0.69 -11.00
N ALA A 73 8.90 0.46 -11.35
CA ALA A 73 9.72 1.37 -12.12
C ALA A 73 9.22 1.47 -13.58
N ALA A 74 8.39 0.53 -14.04
CA ALA A 74 7.68 0.65 -15.31
C ALA A 74 6.48 1.60 -15.17
N ASP A 75 5.66 1.44 -14.13
CA ASP A 75 4.50 2.30 -13.83
C ASP A 75 4.94 3.74 -13.54
N LEU A 76 6.20 3.94 -13.11
CA LEU A 76 6.83 5.23 -12.82
C LEU A 76 8.01 5.49 -13.75
N GLU A 77 7.97 4.97 -14.97
CA GLU A 77 8.94 5.36 -15.99
C GLU A 77 8.87 6.88 -16.11
N GLY A 78 10.00 7.53 -15.81
CA GLY A 78 10.19 8.97 -15.85
C GLY A 78 10.00 9.67 -14.51
N LYS A 79 9.46 8.98 -13.49
CA LYS A 79 8.94 9.62 -12.26
C LYS A 79 9.53 9.06 -10.97
N ALA A 80 10.45 8.10 -11.05
CA ALA A 80 11.19 7.62 -9.89
C ALA A 80 12.57 7.11 -10.31
N ASP A 81 13.38 6.75 -9.32
CA ASP A 81 14.70 6.13 -9.43
C ASP A 81 14.76 5.09 -8.31
N GLU A 82 15.77 4.22 -8.32
CA GLU A 82 15.87 3.07 -7.42
C GLU A 82 15.85 3.49 -5.95
N GLU A 83 16.63 4.52 -5.60
CA GLU A 83 16.78 4.93 -4.22
C GLU A 83 15.54 5.71 -3.74
N THR A 84 14.70 6.19 -4.66
CA THR A 84 13.37 6.67 -4.34
C THR A 84 12.52 5.45 -3.96
N ILE A 85 12.41 4.47 -4.86
CA ILE A 85 11.49 3.33 -4.74
C ILE A 85 11.81 2.53 -3.47
N ARG A 86 13.05 2.09 -3.33
CA ARG A 86 13.46 1.24 -2.22
C ARG A 86 13.19 1.90 -0.87
N ALA A 87 13.20 3.23 -0.82
CA ALA A 87 12.97 4.00 0.39
C ALA A 87 11.48 4.13 0.66
N LYS A 88 10.68 4.47 -0.36
CA LYS A 88 9.31 4.93 -0.17
C LYS A 88 8.50 3.88 0.58
N MET A 89 8.72 2.61 0.26
CA MET A 89 8.01 1.52 0.91
C MET A 89 8.30 1.50 2.41
N VAL A 90 9.56 1.67 2.82
CA VAL A 90 10.02 1.61 4.21
C VAL A 90 9.42 2.74 5.04
N GLU A 91 9.22 3.92 4.45
CA GLU A 91 8.62 5.08 5.12
C GLU A 91 7.25 4.66 5.66
N LEU A 92 6.42 4.13 4.75
CA LEU A 92 5.02 3.79 4.94
C LEU A 92 4.84 2.54 5.82
N ARG A 93 5.93 1.91 6.26
CA ARG A 93 5.88 0.66 7.02
C ARG A 93 5.05 0.83 8.28
N ALA A 94 5.37 1.86 9.07
CA ALA A 94 4.65 2.21 10.30
C ALA A 94 3.21 2.58 9.97
N THR A 95 3.06 3.47 8.98
CA THR A 95 1.85 4.12 8.49
C THR A 95 0.81 3.07 8.16
N ALA A 96 1.16 2.04 7.39
CA ALA A 96 0.25 0.98 6.98
C ALA A 96 -0.46 0.34 8.19
N ARG A 97 0.22 0.23 9.33
CA ARG A 97 -0.33 -0.39 10.53
C ARG A 97 -1.25 0.60 11.22
N GLU A 98 -0.83 1.85 11.38
CA GLU A 98 -1.58 2.92 11.98
C GLU A 98 -2.88 3.18 11.22
N GLN A 99 -2.85 3.12 9.88
CA GLN A 99 -3.97 3.40 9.01
C GLN A 99 -5.19 2.54 9.32
N ILE A 100 -5.04 1.24 9.58
CA ILE A 100 -6.18 0.36 9.87
C ILE A 100 -6.94 0.91 11.10
N ILE A 101 -6.18 1.29 12.13
CA ILE A 101 -6.71 1.82 13.39
C ILE A 101 -7.21 3.27 13.18
N SER A 102 -6.93 3.86 12.03
CA SER A 102 -7.36 5.20 11.63
C SER A 102 -8.43 5.09 10.51
N GLU A 103 -9.01 3.91 10.34
CA GLU A 103 -10.07 3.59 9.39
C GLU A 103 -11.27 3.04 10.17
N ILE A 104 -11.33 3.27 11.49
CA ILE A 104 -12.45 2.92 12.35
C ILE A 104 -13.45 4.06 12.23
#